data_5H9H
# 
_entry.id   5H9H 
# 
_audit_conform.dict_name       mmcif_pdbx.dic 
_audit_conform.dict_version    5.380 
_audit_conform.dict_location   http://mmcif.pdb.org/dictionaries/ascii/mmcif_pdbx.dic 
# 
loop_
_database_2.database_id 
_database_2.database_code 
_database_2.pdbx_database_accession 
_database_2.pdbx_DOI 
PDB   5H9H         pdb_00005h9h 10.2210/pdb5h9h/pdb 
WWPDB D_1000216703 ?            ?                   
# 
_pdbx_database_related.db_name        PDB 
_pdbx_database_related.details        . 
_pdbx_database_related.db_id          5H9G 
_pdbx_database_related.content_type   unspecified 
# 
_pdbx_database_status.status_code                     REL 
_pdbx_database_status.status_code_sf                  REL 
_pdbx_database_status.status_code_mr                  ? 
_pdbx_database_status.entry_id                        5H9H 
_pdbx_database_status.recvd_initial_deposition_date   2015-12-28 
_pdbx_database_status.SG_entry                        N 
_pdbx_database_status.deposit_site                    RCSB 
_pdbx_database_status.process_site                    PDBJ 
_pdbx_database_status.status_code_cs                  ? 
_pdbx_database_status.methods_development_category    ? 
_pdbx_database_status.pdb_format_compatible           Y 
_pdbx_database_status.status_code_nmr_data            ? 
# 
loop_
_audit_author.name 
_audit_author.pdbx_ordinal 
'Zhang, L.' 1 
'Zhang, L.' 2 
'Shen, X.'  3 
'Jiang, H.' 4 
# 
_citation.abstract                  ? 
_citation.abstract_id_CAS           ? 
_citation.book_id_ISBN              ? 
_citation.book_publisher            ? 
_citation.book_publisher_city       ? 
_citation.book_title                ? 
_citation.coordinate_linkage        ? 
_citation.country                   ? 
_citation.database_id_Medline       ? 
_citation.details                   ? 
_citation.id                        primary 
_citation.journal_abbrev            'To Be Published' 
_citation.journal_id_ASTM           ? 
_citation.journal_id_CSD            0353 
_citation.journal_id_ISSN           ? 
_citation.journal_full              ? 
_citation.journal_issue             ? 
_citation.journal_volume            ? 
_citation.language                  ? 
_citation.page_first                ? 
_citation.page_last                 ? 
_citation.title                     'holo acyl carrier protein (holo-ACP) from Helicobacter pylori' 
_citation.year                      ? 
_citation.database_id_CSD           ? 
_citation.pdbx_database_id_DOI      ? 
_citation.pdbx_database_id_PubMed   ? 
_citation.unpublished_flag          ? 
# 
loop_
_citation_author.citation_id 
_citation_author.name 
_citation_author.ordinal 
_citation_author.identifier_ORCID 
primary 'Zhang, L.' 1 ? 
primary 'Zhang, L.' 2 ? 
primary 'Shen, X.'  3 ? 
primary 'Jiang, H.' 4 ? 
# 
_cell.entry_id           5H9H 
_cell.length_a           50.344 
_cell.length_b           50.344 
_cell.length_c           73.300 
_cell.angle_alpha        90.00 
_cell.angle_beta         90.00 
_cell.angle_gamma        120.00 
_cell.Z_PDB              9 
_cell.pdbx_unique_axis   ? 
# 
_symmetry.entry_id                         5H9H 
_symmetry.space_group_name_H-M             'P 31' 
_symmetry.pdbx_full_space_group_name_H-M   ? 
_symmetry.cell_setting                     ? 
_symmetry.Int_Tables_number                144 
# 
loop_
_entity.id 
_entity.type 
_entity.src_method 
_entity.pdbx_description 
_entity.formula_weight 
_entity.pdbx_number_of_molecules 
_entity.pdbx_ec 
_entity.pdbx_mutation 
_entity.pdbx_fragment 
_entity.details 
1 polymer man 'Acyl carrier protein' 9442.630 3  ? ? ? ? 
2 water   nat water                  18.015   20 ? ? ? ? 
# 
_entity_name_com.entity_id   1 
_entity_name_com.name        ACP 
# 
_entity_poly.entity_id                      1 
_entity_poly.type                           'polypeptide(L)' 
_entity_poly.nstd_linkage                   no 
_entity_poly.nstd_monomer                   yes 
_entity_poly.pdbx_seq_one_letter_code       
;AMGYLMALFEDIQAVIAEQLNVDAAQVTPEAEFVKDLGAD(4HH)LDVVELIMALEEKFGIEIPDEQAEKIVNVGDVVKY
IEDNKLA
;
_entity_poly.pdbx_seq_one_letter_code_can   
;AMGYLMALFEDIQAVIAEQLNVDAAQVTPEAEFVKDLGADXLDVVELIMALEEKFGIEIPDEQAEKIVNVGDVVKYIEDN
KLA
;
_entity_poly.pdbx_strand_id                 A,B,C 
_entity_poly.pdbx_target_identifier         ? 
# 
loop_
_entity_poly_seq.entity_id 
_entity_poly_seq.num 
_entity_poly_seq.mon_id 
_entity_poly_seq.hetero 
1 1  ALA n 
1 2  MET n 
1 3  GLY n 
1 4  TYR n 
1 5  LEU n 
1 6  MET n 
1 7  ALA n 
1 8  LEU n 
1 9  PHE n 
1 10 GLU n 
1 11 ASP n 
1 12 ILE n 
1 13 GLN n 
1 14 ALA n 
1 15 VAL n 
1 16 ILE n 
1 17 ALA n 
1 18 GLU n 
1 19 GLN n 
1 20 LEU n 
1 21 ASN n 
1 22 VAL n 
1 23 ASP n 
1 24 ALA n 
1 25 ALA n 
1 26 GLN n 
1 27 VAL n 
1 28 THR n 
1 29 PRO n 
1 30 GLU n 
1 31 ALA n 
1 32 GLU n 
1 33 PHE n 
1 34 VAL n 
1 35 LYS n 
1 36 ASP n 
1 37 LEU n 
1 38 GLY n 
1 39 ALA n 
1 40 ASP n 
1 41 4HH n 
1 42 LEU n 
1 43 ASP n 
1 44 VAL n 
1 45 VAL n 
1 46 GLU n 
1 47 LEU n 
1 48 ILE n 
1 49 MET n 
1 50 ALA n 
1 51 LEU n 
1 52 GLU n 
1 53 GLU n 
1 54 LYS n 
1 55 PHE n 
1 56 GLY n 
1 57 ILE n 
1 58 GLU n 
1 59 ILE n 
1 60 PRO n 
1 61 ASP n 
1 62 GLU n 
1 63 GLN n 
1 64 ALA n 
1 65 GLU n 
1 66 LYS n 
1 67 ILE n 
1 68 VAL n 
1 69 ASN n 
1 70 VAL n 
1 71 GLY n 
1 72 ASP n 
1 73 VAL n 
1 74 VAL n 
1 75 LYS n 
1 76 TYR n 
1 77 ILE n 
1 78 GLU n 
1 79 ASP n 
1 80 ASN n 
1 81 LYS n 
1 82 LEU n 
1 83 ALA n 
# 
_entity_src_gen.entity_id                          1 
_entity_src_gen.pdbx_src_id                        1 
_entity_src_gen.pdbx_alt_source_flag               sample 
_entity_src_gen.pdbx_seq_type                      'Biological sequence' 
_entity_src_gen.pdbx_beg_seq_num                   1 
_entity_src_gen.pdbx_end_seq_num                   83 
_entity_src_gen.gene_src_common_name               ? 
_entity_src_gen.gene_src_genus                     ? 
_entity_src_gen.pdbx_gene_src_gene                 acpP 
_entity_src_gen.gene_src_species                   ? 
_entity_src_gen.gene_src_strain                    P12 
_entity_src_gen.gene_src_tissue                    ? 
_entity_src_gen.gene_src_tissue_fraction           ? 
_entity_src_gen.gene_src_details                   ? 
_entity_src_gen.pdbx_gene_src_fragment             ? 
_entity_src_gen.pdbx_gene_src_scientific_name      'Helicobacter pylori P12' 
_entity_src_gen.pdbx_gene_src_ncbi_taxonomy_id     570508 
_entity_src_gen.pdbx_gene_src_variant              ? 
_entity_src_gen.pdbx_gene_src_cell_line            ? 
_entity_src_gen.pdbx_gene_src_atcc                 ? 
_entity_src_gen.pdbx_gene_src_organ                ? 
_entity_src_gen.pdbx_gene_src_organelle            ? 
_entity_src_gen.pdbx_gene_src_cell                 ? 
_entity_src_gen.pdbx_gene_src_cellular_location    ? 
_entity_src_gen.host_org_common_name               ? 
_entity_src_gen.pdbx_host_org_scientific_name      'Escherichia coli' 
_entity_src_gen.pdbx_host_org_ncbi_taxonomy_id     562 
_entity_src_gen.host_org_genus                     ? 
_entity_src_gen.pdbx_host_org_gene                 ? 
_entity_src_gen.pdbx_host_org_organ                ? 
_entity_src_gen.host_org_species                   ? 
_entity_src_gen.pdbx_host_org_tissue               ? 
_entity_src_gen.pdbx_host_org_tissue_fraction      ? 
_entity_src_gen.pdbx_host_org_strain               ? 
_entity_src_gen.pdbx_host_org_variant              ? 
_entity_src_gen.pdbx_host_org_cell_line            ? 
_entity_src_gen.pdbx_host_org_atcc                 ? 
_entity_src_gen.pdbx_host_org_culture_collection   ? 
_entity_src_gen.pdbx_host_org_cell                 ? 
_entity_src_gen.pdbx_host_org_organelle            ? 
_entity_src_gen.pdbx_host_org_cellular_location    ? 
_entity_src_gen.pdbx_host_org_vector_type          ? 
_entity_src_gen.pdbx_host_org_vector               ? 
_entity_src_gen.host_org_details                   ? 
_entity_src_gen.expression_system_id               ? 
_entity_src_gen.plasmid_name                       ? 
_entity_src_gen.plasmid_details                    ? 
_entity_src_gen.pdbx_description                   ? 
# 
_struct_ref.db_code                    ACP_HELP2 
_struct_ref.db_name                    UNP 
_struct_ref.details                    ? 
_struct_ref.entity_id                  1 
_struct_ref.id                         1 
_struct_ref.seq_align                  ? 
_struct_ref.seq_dif                    ? 
_struct_ref.pdbx_db_accession          B6JLE2 
_struct_ref.pdbx_db_isoform            ? 
_struct_ref.pdbx_seq_one_letter_code   MALFEDIQAVIAEQLNVDAAQVTPEAEFVKDLGADSLDVVELIMALEEKFGIEIPDEQAEKIVNVGDVVKYIEDNKLA 
_struct_ref.pdbx_align_begin           1 
_struct_ref.pdbx_align_end             ? 
# 
loop_
_struct_ref_seq.align_id 
_struct_ref_seq.ref_id 
_struct_ref_seq.pdbx_PDB_id_code 
_struct_ref_seq.pdbx_strand_id 
_struct_ref_seq.seq_align_beg 
_struct_ref_seq.pdbx_seq_align_beg_ins_code 
_struct_ref_seq.seq_align_end 
_struct_ref_seq.pdbx_seq_align_end_ins_code 
_struct_ref_seq.pdbx_db_accession 
_struct_ref_seq.db_align_beg 
_struct_ref_seq.pdbx_db_align_beg_ins_code 
_struct_ref_seq.db_align_end 
_struct_ref_seq.pdbx_db_align_end_ins_code 
_struct_ref_seq.pdbx_auth_seq_align_beg 
_struct_ref_seq.pdbx_auth_seq_align_end 
1 1 5H9H A 6 ? 83 ? B6JLE2 1 ? 78 ? 1 78 
2 1 5H9H B 6 ? 83 ? B6JLE2 1 ? 78 ? 1 78 
3 1 5H9H C 6 ? 83 ? B6JLE2 1 ? 78 ? 1 78 
# 
loop_
_struct_ref_seq_dif.align_id 
_struct_ref_seq_dif.pdbx_pdb_id_code 
_struct_ref_seq_dif.mon_id 
_struct_ref_seq_dif.pdbx_pdb_strand_id 
_struct_ref_seq_dif.seq_num 
_struct_ref_seq_dif.pdbx_pdb_ins_code 
_struct_ref_seq_dif.pdbx_seq_db_name 
_struct_ref_seq_dif.pdbx_seq_db_accession_code 
_struct_ref_seq_dif.db_mon_id 
_struct_ref_seq_dif.pdbx_seq_db_seq_num 
_struct_ref_seq_dif.details 
_struct_ref_seq_dif.pdbx_auth_seq_num 
_struct_ref_seq_dif.pdbx_ordinal 
1 5H9H ALA A 1 ? UNP B6JLE2 ? ? 'expression tag' -4 1  
1 5H9H MET A 2 ? UNP B6JLE2 ? ? 'expression tag' -3 2  
1 5H9H GLY A 3 ? UNP B6JLE2 ? ? 'expression tag' -2 3  
1 5H9H TYR A 4 ? UNP B6JLE2 ? ? 'expression tag' -1 4  
1 5H9H LEU A 5 ? UNP B6JLE2 ? ? 'expression tag' 0  5  
2 5H9H ALA B 1 ? UNP B6JLE2 ? ? 'expression tag' -4 6  
2 5H9H MET B 2 ? UNP B6JLE2 ? ? 'expression tag' -3 7  
2 5H9H GLY B 3 ? UNP B6JLE2 ? ? 'expression tag' -2 8  
2 5H9H TYR B 4 ? UNP B6JLE2 ? ? 'expression tag' -1 9  
2 5H9H LEU B 5 ? UNP B6JLE2 ? ? 'expression tag' 0  10 
3 5H9H ALA C 1 ? UNP B6JLE2 ? ? 'expression tag' -4 11 
3 5H9H MET C 2 ? UNP B6JLE2 ? ? 'expression tag' -3 12 
3 5H9H GLY C 3 ? UNP B6JLE2 ? ? 'expression tag' -2 13 
3 5H9H TYR C 4 ? UNP B6JLE2 ? ? 'expression tag' -1 14 
3 5H9H LEU C 5 ? UNP B6JLE2 ? ? 'expression tag' 0  15 
# 
loop_
_chem_comp.id 
_chem_comp.type 
_chem_comp.mon_nstd_flag 
_chem_comp.name 
_chem_comp.pdbx_synonyms 
_chem_comp.formula 
_chem_comp.formula_weight 
4HH 'L-peptide linking' n "4'-phosphopanthetheine-serine" 
'O-[(S)-hydroxy{[(3R)-3-hydroxy-2,2-dimethyl-4-oxo-4-({3-oxo-3-[(2-sulfanylethyl)amino]propyl}amino)butyl]oxy}phosphoryl]-L-serine' 
'C14 H28 N3 O9 P S' 445.426 
ALA 'L-peptide linking' y ALANINE                         ? 'C3 H7 N O2'        89.093  
ASN 'L-peptide linking' y ASPARAGINE                      ? 'C4 H8 N2 O3'       132.118 
ASP 'L-peptide linking' y 'ASPARTIC ACID'                 ? 'C4 H7 N O4'        133.103 
GLN 'L-peptide linking' y GLUTAMINE                       ? 'C5 H10 N2 O3'      146.144 
GLU 'L-peptide linking' y 'GLUTAMIC ACID'                 ? 'C5 H9 N O4'        147.129 
GLY 'peptide linking'   y GLYCINE                         ? 'C2 H5 N O2'        75.067  
HOH non-polymer         . WATER                           ? 'H2 O'              18.015  
ILE 'L-peptide linking' y ISOLEUCINE                      ? 'C6 H13 N O2'       131.173 
LEU 'L-peptide linking' y LEUCINE                         ? 'C6 H13 N O2'       131.173 
LYS 'L-peptide linking' y LYSINE                          ? 'C6 H15 N2 O2 1'    147.195 
MET 'L-peptide linking' y METHIONINE                      ? 'C5 H11 N O2 S'     149.211 
PHE 'L-peptide linking' y PHENYLALANINE                   ? 'C9 H11 N O2'       165.189 
PRO 'L-peptide linking' y PROLINE                         ? 'C5 H9 N O2'        115.130 
THR 'L-peptide linking' y THREONINE                       ? 'C4 H9 N O3'        119.119 
TYR 'L-peptide linking' y TYROSINE                        ? 'C9 H11 N O3'       181.189 
VAL 'L-peptide linking' y VALINE                          ? 'C5 H11 N O2'       117.146 
# 
_exptl.absorpt_coefficient_mu     ? 
_exptl.absorpt_correction_T_max   ? 
_exptl.absorpt_correction_T_min   ? 
_exptl.absorpt_correction_type    ? 
_exptl.absorpt_process_details    ? 
_exptl.entry_id                   5H9H 
_exptl.crystals_number            ? 
_exptl.details                    ? 
_exptl.method                     'X-RAY DIFFRACTION' 
_exptl.method_details             ? 
# 
_exptl_crystal.colour                      ? 
_exptl_crystal.density_diffrn              ? 
_exptl_crystal.density_Matthews            1.89 
_exptl_crystal.density_method              ? 
_exptl_crystal.density_percent_sol         35.03 
_exptl_crystal.description                 ? 
_exptl_crystal.F_000                       ? 
_exptl_crystal.id                          1 
_exptl_crystal.preparation                 ? 
_exptl_crystal.size_max                    ? 
_exptl_crystal.size_mid                    ? 
_exptl_crystal.size_min                    ? 
_exptl_crystal.size_rad                    ? 
_exptl_crystal.colour_lustre               ? 
_exptl_crystal.colour_modifier             ? 
_exptl_crystal.colour_primary              ? 
_exptl_crystal.density_meas                ? 
_exptl_crystal.density_meas_esd            ? 
_exptl_crystal.density_meas_gt             ? 
_exptl_crystal.density_meas_lt             ? 
_exptl_crystal.density_meas_temp           ? 
_exptl_crystal.density_meas_temp_esd       ? 
_exptl_crystal.density_meas_temp_gt        ? 
_exptl_crystal.density_meas_temp_lt        ? 
_exptl_crystal.pdbx_crystal_image_url      ? 
_exptl_crystal.pdbx_crystal_image_format   ? 
_exptl_crystal.pdbx_mosaicity              ? 
_exptl_crystal.pdbx_mosaicity_esd          ? 
# 
_exptl_crystal_grow.apparatus       ? 
_exptl_crystal_grow.atmosphere      ? 
_exptl_crystal_grow.crystal_id      1 
_exptl_crystal_grow.details         ? 
_exptl_crystal_grow.method          EVAPORATION 
_exptl_crystal_grow.method_ref      ? 
_exptl_crystal_grow.pH              4.0 
_exptl_crystal_grow.pressure        ? 
_exptl_crystal_grow.pressure_esd    ? 
_exptl_crystal_grow.seeding         ? 
_exptl_crystal_grow.seeding_ref     ? 
_exptl_crystal_grow.temp            277 
_exptl_crystal_grow.temp_details    ? 
_exptl_crystal_grow.temp_esd        ? 
_exptl_crystal_grow.time            ? 
_exptl_crystal_grow.pdbx_details    '0.5 M Ammonium Sulfate, 0.1 M tri-Sodium Citrate dihydrate, 1 M Lithium Sulfate monohydrate' 
_exptl_crystal_grow.pdbx_pH_range   ? 
# 
_diffrn.ambient_environment    ? 
_diffrn.ambient_temp           100 
_diffrn.ambient_temp_details   ? 
_diffrn.ambient_temp_esd       ? 
_diffrn.crystal_id             1 
_diffrn.crystal_support        ? 
_diffrn.crystal_treatment      ? 
_diffrn.details                ? 
_diffrn.id                     1 
_diffrn.ambient_pressure       ? 
_diffrn.ambient_pressure_esd   ? 
_diffrn.ambient_pressure_gt    ? 
_diffrn.ambient_pressure_lt    ? 
_diffrn.ambient_temp_gt        ? 
_diffrn.ambient_temp_lt        ? 
# 
_diffrn_detector.details                      ? 
_diffrn_detector.detector                     'IMAGE PLATE' 
_diffrn_detector.diffrn_id                    1 
_diffrn_detector.type                         'RIGAKU RAXIS IV++' 
_diffrn_detector.area_resol_mean              ? 
_diffrn_detector.dtime                        ? 
_diffrn_detector.pdbx_frames_total            ? 
_diffrn_detector.pdbx_collection_time_total   ? 
_diffrn_detector.pdbx_collection_date         2007-12-01 
# 
_diffrn_radiation.collimation                      ? 
_diffrn_radiation.diffrn_id                        1 
_diffrn_radiation.filter_edge                      ? 
_diffrn_radiation.inhomogeneity                    ? 
_diffrn_radiation.monochromator                    ? 
_diffrn_radiation.polarisn_norm                    ? 
_diffrn_radiation.polarisn_ratio                   ? 
_diffrn_radiation.probe                            ? 
_diffrn_radiation.type                             ? 
_diffrn_radiation.xray_symbol                      ? 
_diffrn_radiation.wavelength_id                    1 
_diffrn_radiation.pdbx_monochromatic_or_laue_m_l   M 
_diffrn_radiation.pdbx_wavelength_list             ? 
_diffrn_radiation.pdbx_wavelength                  ? 
_diffrn_radiation.pdbx_diffrn_protocol             'SINGLE WAVELENGTH' 
_diffrn_radiation.pdbx_analyzer                    ? 
_diffrn_radiation.pdbx_scattering_type             x-ray 
# 
_diffrn_radiation_wavelength.id           1 
_diffrn_radiation_wavelength.wavelength   1.5418 
_diffrn_radiation_wavelength.wt           1.0 
# 
_diffrn_source.current                     ? 
_diffrn_source.details                     ? 
_diffrn_source.diffrn_id                   1 
_diffrn_source.power                       ? 
_diffrn_source.size                        ? 
_diffrn_source.source                      'ROTATING ANODE' 
_diffrn_source.target                      ? 
_diffrn_source.type                        'RIGAKU FR-X' 
_diffrn_source.voltage                     ? 
_diffrn_source.take-off_angle              ? 
_diffrn_source.pdbx_wavelength_list        1.5418 
_diffrn_source.pdbx_wavelength             ? 
_diffrn_source.pdbx_synchrotron_beamline   ? 
_diffrn_source.pdbx_synchrotron_site       ? 
# 
_reflns.B_iso_Wilson_estimate            ? 
_reflns.entry_id                         5H9H 
_reflns.data_reduction_details           ? 
_reflns.data_reduction_method            ? 
_reflns.d_resolution_high                2.5 
_reflns.d_resolution_low                 50 
_reflns.details                          ? 
_reflns.limit_h_max                      ? 
_reflns.limit_h_min                      ? 
_reflns.limit_k_max                      ? 
_reflns.limit_k_min                      ? 
_reflns.limit_l_max                      ? 
_reflns.limit_l_min                      ? 
_reflns.number_all                       6736 
_reflns.number_obs                       6736 
_reflns.observed_criterion               ? 
_reflns.observed_criterion_F_max         ? 
_reflns.observed_criterion_F_min         ? 
_reflns.observed_criterion_I_max         ? 
_reflns.observed_criterion_I_min         ? 
_reflns.observed_criterion_sigma_F       ? 
_reflns.observed_criterion_sigma_I       ? 
_reflns.percent_possible_obs             98.5 
_reflns.R_free_details                   ? 
_reflns.Rmerge_F_all                     ? 
_reflns.Rmerge_F_obs                     ? 
_reflns.Friedel_coverage                 ? 
_reflns.number_gt                        ? 
_reflns.threshold_expression             ? 
_reflns.pdbx_redundancy                  3.0 
_reflns.pdbx_Rmerge_I_obs                ? 
_reflns.pdbx_Rmerge_I_all                ? 
_reflns.pdbx_Rsym_value                  ? 
_reflns.pdbx_netI_over_av_sigmaI         ? 
_reflns.pdbx_netI_over_sigmaI            2.3 
_reflns.pdbx_res_netI_over_av_sigmaI_2   ? 
_reflns.pdbx_res_netI_over_sigmaI_2      ? 
_reflns.pdbx_chi_squared                 ? 
_reflns.pdbx_scaling_rejects             ? 
_reflns.pdbx_d_res_high_opt              ? 
_reflns.pdbx_d_res_low_opt               ? 
_reflns.pdbx_d_res_opt_method            ? 
_reflns.phase_calculation_details        ? 
_reflns.pdbx_Rrim_I_all                  ? 
_reflns.pdbx_Rpim_I_all                  ? 
_reflns.pdbx_d_opt                       ? 
_reflns.pdbx_number_measured_all         ? 
_reflns.pdbx_diffrn_id                   1 
_reflns.pdbx_ordinal                     1 
_reflns.pdbx_CC_half                     ? 
_reflns.pdbx_R_split                     ? 
# 
_reflns_shell.Rmerge_F_all                ? 
_reflns_shell.Rmerge_F_gt                 ? 
_reflns_shell.Rmerge_F_obs                ? 
_reflns_shell.Rmerge_I_all                ? 
_reflns_shell.Rmerge_I_gt                 ? 
_reflns_shell.Rmerge_I_obs                0.27 
_reflns_shell.d_res_high                  2.50 
_reflns_shell.d_res_low                   2.59 
_reflns_shell.meanI_over_sigI_all         ? 
_reflns_shell.meanI_over_sigI_gt          ? 
_reflns_shell.meanI_over_sigI_obs         2.3 
_reflns_shell.meanI_over_uI_all           ? 
_reflns_shell.meanI_over_uI_gt            ? 
_reflns_shell.number_measured_all         ? 
_reflns_shell.number_measured_gt          ? 
_reflns_shell.number_measured_obs         ? 
_reflns_shell.number_possible             ? 
_reflns_shell.number_unique_all           ? 
_reflns_shell.number_unique_gt            ? 
_reflns_shell.number_unique_obs           ? 
_reflns_shell.pdbx_CC_half                ? 
_reflns_shell.pdbx_R_split                ? 
_reflns_shell.pdbx_Rpim_I_all             ? 
_reflns_shell.pdbx_Rrim_I_all             ? 
_reflns_shell.pdbx_Rsym_value             0.16 
_reflns_shell.pdbx_chi_squared            ? 
_reflns_shell.pdbx_diffrn_id              1 
_reflns_shell.pdbx_netI_over_sigmaI_all   ? 
_reflns_shell.pdbx_netI_over_sigmaI_obs   ? 
_reflns_shell.pdbx_ordinal                1 
_reflns_shell.pdbx_redundancy             2.0 
_reflns_shell.pdbx_rejects                ? 
_reflns_shell.percent_possible_all        97.8 
_reflns_shell.percent_possible_gt         ? 
_reflns_shell.percent_possible_obs        ? 
# 
_refine.pdbx_refine_id                           'X-RAY DIFFRACTION' 
_refine.entry_id                                 5H9H 
_refine.pdbx_diffrn_id                           1 
_refine.pdbx_TLS_residual_ADP_flag               ? 
_refine.ls_number_reflns_obs                     6736 
_refine.ls_number_reflns_all                     ? 
_refine.pdbx_ls_sigma_I                          ? 
_refine.pdbx_ls_sigma_F                          ? 
_refine.pdbx_data_cutoff_high_absF               ? 
_refine.pdbx_data_cutoff_low_absF                ? 
_refine.pdbx_data_cutoff_high_rms_absF           ? 
_refine.ls_d_res_low                             43.60 
_refine.ls_d_res_high                            2.50 
_refine.ls_percent_reflns_obs                    97.8 
_refine.ls_R_factor_obs                          0.218 
_refine.ls_R_factor_all                          ? 
_refine.ls_R_factor_R_work                       0.216 
_refine.ls_R_factor_R_free                       0.252 
_refine.ls_R_factor_R_free_error                 ? 
_refine.ls_R_factor_R_free_error_details         ? 
_refine.ls_percent_reflns_R_free                 4.600 
_refine.ls_number_reflns_R_free                  326 
_refine.ls_number_parameters                     ? 
_refine.ls_number_restraints                     ? 
_refine.occupancy_min                            ? 
_refine.occupancy_max                            ? 
_refine.correlation_coeff_Fo_to_Fc               0.935 
_refine.correlation_coeff_Fo_to_Fc_free          0.905 
_refine.B_iso_mean                               35.36 
_refine.aniso_B[1][1]                            1.40000 
_refine.aniso_B[2][2]                            1.40000 
_refine.aniso_B[3][3]                            -2.10000 
_refine.aniso_B[1][2]                            0.70000 
_refine.aniso_B[1][3]                            0.00000 
_refine.aniso_B[2][3]                            0.00000 
_refine.solvent_model_details                    MASK 
_refine.solvent_model_param_ksol                 ? 
_refine.solvent_model_param_bsol                 ? 
_refine.pdbx_solvent_vdw_probe_radii             1.20 
_refine.pdbx_solvent_ion_probe_radii             0.80 
_refine.pdbx_solvent_shrinkage_radii             0.80 
_refine.pdbx_ls_cross_valid_method               THROUGHOUT 
_refine.details                                  ? 
_refine.pdbx_starting_model                      1T8K 
_refine.pdbx_method_to_determine_struct          'MOLECULAR REPLACEMENT' 
_refine.pdbx_isotropic_thermal_model             ? 
_refine.pdbx_stereochemistry_target_values       'MAXIMUM LIKELIHOOD' 
_refine.pdbx_stereochem_target_val_spec_case     ? 
_refine.pdbx_R_Free_selection_details            RANDOM 
_refine.pdbx_overall_ESU_R                       ? 
_refine.pdbx_overall_ESU_R_Free                  0.333 
_refine.overall_SU_ML                            0.311 
_refine.pdbx_overall_phase_error                 ? 
_refine.overall_SU_B                             14.328 
_refine.overall_SU_R_Cruickshank_DPI             ? 
_refine.pdbx_overall_SU_R_free_Cruickshank_DPI   ? 
_refine.pdbx_overall_SU_R_Blow_DPI               ? 
_refine.pdbx_overall_SU_R_free_Blow_DPI          ? 
# 
_refine_hist.pdbx_refine_id                   'X-RAY DIFFRACTION' 
_refine_hist.cycle_id                         LAST 
_refine_hist.pdbx_number_atoms_protein        1782 
_refine_hist.pdbx_number_atoms_nucleic_acid   0 
_refine_hist.pdbx_number_atoms_ligand         0 
_refine_hist.number_atoms_solvent             20 
_refine_hist.number_atoms_total               1802 
_refine_hist.d_res_high                       2.50 
_refine_hist.d_res_low                        43.60 
# 
loop_
_refine_ls_restr.type 
_refine_ls_restr.dev_ideal 
_refine_ls_restr.dev_ideal_target 
_refine_ls_restr.weight 
_refine_ls_restr.number 
_refine_ls_restr.pdbx_refine_id 
_refine_ls_restr.pdbx_restraint_function 
r_bond_refined_d             0.013  0.022  ? 1797 'X-RAY DIFFRACTION' ? 
r_bond_other_d               ?      ?      ? ?    'X-RAY DIFFRACTION' ? 
r_angle_refined_deg          1.484  2.023  ? 2444 'X-RAY DIFFRACTION' ? 
r_angle_other_deg            ?      ?      ? ?    'X-RAY DIFFRACTION' ? 
r_dihedral_angle_1_deg       5.979  5.000  ? 220  'X-RAY DIFFRACTION' ? 
r_dihedral_angle_2_deg       47.693 28.667 ? 90   'X-RAY DIFFRACTION' ? 
r_dihedral_angle_3_deg       19.380 15.000 ? 307  'X-RAY DIFFRACTION' ? 
r_dihedral_angle_4_deg       ?      ?      ? ?    'X-RAY DIFFRACTION' ? 
r_chiral_restr               0.104  0.200  ? 292  'X-RAY DIFFRACTION' ? 
r_gen_planes_refined         0.004  0.020  ? 1333 'X-RAY DIFFRACTION' ? 
r_gen_planes_other           ?      ?      ? ?    'X-RAY DIFFRACTION' ? 
r_nbd_refined                0.233  0.200  ? 862  'X-RAY DIFFRACTION' ? 
r_nbd_other                  ?      ?      ? ?    'X-RAY DIFFRACTION' ? 
r_nbtor_refined              0.303  0.200  ? 1287 'X-RAY DIFFRACTION' ? 
r_nbtor_other                ?      ?      ? ?    'X-RAY DIFFRACTION' ? 
r_xyhbond_nbd_refined        0.130  0.200  ? 53   'X-RAY DIFFRACTION' ? 
r_xyhbond_nbd_other          ?      ?      ? ?    'X-RAY DIFFRACTION' ? 
r_metal_ion_refined          ?      ?      ? ?    'X-RAY DIFFRACTION' ? 
r_metal_ion_other            ?      ?      ? ?    'X-RAY DIFFRACTION' ? 
r_symmetry_vdw_refined       0.271  0.200  ? 91   'X-RAY DIFFRACTION' ? 
r_symmetry_vdw_other         ?      ?      ? ?    'X-RAY DIFFRACTION' ? 
r_symmetry_hbond_refined     0.254  0.200  ? 4    'X-RAY DIFFRACTION' ? 
r_symmetry_hbond_other       ?      ?      ? ?    'X-RAY DIFFRACTION' ? 
r_symmetry_metal_ion_refined ?      ?      ? ?    'X-RAY DIFFRACTION' ? 
r_symmetry_metal_ion_other   ?      ?      ? ?    'X-RAY DIFFRACTION' ? 
r_mcbond_it                  0.545  1.500  ? 1145 'X-RAY DIFFRACTION' ? 
r_mcbond_other               ?      ?      ? ?    'X-RAY DIFFRACTION' ? 
r_mcangle_it                 0.964  2.000  ? 1793 'X-RAY DIFFRACTION' ? 
r_mcangle_other              ?      ?      ? ?    'X-RAY DIFFRACTION' ? 
r_scbond_it                  1.510  3.000  ? 708  'X-RAY DIFFRACTION' ? 
r_scbond_other               ?      ?      ? ?    'X-RAY DIFFRACTION' ? 
r_scangle_it                 2.701  4.500  ? 651  'X-RAY DIFFRACTION' ? 
r_scangle_other              ?      ?      ? ?    'X-RAY DIFFRACTION' ? 
r_long_range_B_refined       ?      ?      ? ?    'X-RAY DIFFRACTION' ? 
r_long_range_B_other         ?      ?      ? ?    'X-RAY DIFFRACTION' ? 
r_rigid_bond_restr           ?      ?      ? ?    'X-RAY DIFFRACTION' ? 
r_sphericity_free            ?      ?      ? ?    'X-RAY DIFFRACTION' ? 
r_sphericity_bonded          ?      ?      ? ?    'X-RAY DIFFRACTION' ? 
# 
_refine_ls_shell.pdbx_refine_id                   'X-RAY DIFFRACTION' 
_refine_ls_shell.pdbx_total_number_of_bins_used   20 
_refine_ls_shell.d_res_high                       2.50 
_refine_ls_shell.d_res_low                        2.56 
_refine_ls_shell.number_reflns_R_work             491 
_refine_ls_shell.R_factor_R_work                  0.2330 
_refine_ls_shell.percent_reflns_obs               98.12 
_refine_ls_shell.R_factor_R_free                  0.3010 
_refine_ls_shell.R_factor_R_free_error            ? 
_refine_ls_shell.percent_reflns_R_free            ? 
_refine_ls_shell.number_reflns_R_free             31 
_refine_ls_shell.number_reflns_all                ? 
_refine_ls_shell.R_factor_all                     ? 
_refine_ls_shell.R_factor_obs                     ? 
_refine_ls_shell.number_reflns_obs                ? 
# 
_struct.entry_id                     5H9H 
_struct.title                        'holo acyl carrier protein (holo-ACP) from Helicobacter pylori' 
_struct.pdbx_model_details           ? 
_struct.pdbx_formula_weight          ? 
_struct.pdbx_formula_weight_method   ? 
_struct.pdbx_model_type_details      ? 
_struct.pdbx_CASP_flag               ? 
# 
_struct_keywords.entry_id        5H9H 
_struct_keywords.text            'acyl carrier protein, fatty acid biosynthesis, Helicobacter pylori, LIPID TRANSPORT' 
_struct_keywords.pdbx_keywords   'LIPID TRANSPORT' 
# 
loop_
_struct_asym.id 
_struct_asym.pdbx_blank_PDB_chainid_flag 
_struct_asym.pdbx_modified 
_struct_asym.entity_id 
_struct_asym.details 
A N N 1 ? 
B N N 1 ? 
C N N 1 ? 
D N N 2 ? 
E N N 2 ? 
F N N 2 ? 
# 
loop_
_struct_conf.conf_type_id 
_struct_conf.id 
_struct_conf.pdbx_PDB_helix_id 
_struct_conf.beg_label_comp_id 
_struct_conf.beg_label_asym_id 
_struct_conf.beg_label_seq_id 
_struct_conf.pdbx_beg_PDB_ins_code 
_struct_conf.end_label_comp_id 
_struct_conf.end_label_asym_id 
_struct_conf.end_label_seq_id 
_struct_conf.pdbx_end_PDB_ins_code 
_struct_conf.beg_auth_comp_id 
_struct_conf.beg_auth_asym_id 
_struct_conf.beg_auth_seq_id 
_struct_conf.end_auth_comp_id 
_struct_conf.end_auth_asym_id 
_struct_conf.end_auth_seq_id 
_struct_conf.pdbx_PDB_helix_class 
_struct_conf.details 
_struct_conf.pdbx_PDB_helix_length 
HELX_P HELX_P1  AA1 ALA A 7  ? LEU A 20 ? ALA A 2  LEU A 15 1 ? 14 
HELX_P HELX_P2  AA2 ASP A 23 ? VAL A 27 ? ASP A 18 VAL A 22 5 ? 5  
HELX_P HELX_P3  AA3 ASP A 40 ? GLY A 56 ? ASP A 35 GLY A 51 1 ? 17 
HELX_P HELX_P4  AA4 PRO A 60 ? ILE A 67 ? PRO A 55 ILE A 62 1 ? 8  
HELX_P HELX_P5  AA5 ASN A 69 ? ASN A 80 ? ASN A 64 ASN A 75 1 ? 12 
HELX_P HELX_P6  AA6 LEU B 8  ? ASN B 21 ? LEU B 3  ASN B 16 1 ? 14 
HELX_P HELX_P7  AA7 ASP B 23 ? VAL B 27 ? ASP B 18 VAL B 22 5 ? 5  
HELX_P HELX_P8  AA8 ASP B 40 ? GLY B 56 ? ASP B 35 GLY B 51 1 ? 17 
HELX_P HELX_P9  AA9 PRO B 60 ? GLU B 65 ? PRO B 55 GLU B 60 1 ? 6  
HELX_P HELX_P10 AB1 ASN B 69 ? ASP B 79 ? ASN B 64 ASP B 74 1 ? 11 
HELX_P HELX_P11 AB2 LEU C 8  ? ASN C 21 ? LEU C 3  ASN C 16 1 ? 14 
HELX_P HELX_P12 AB3 GLU C 32 ? GLY C 38 ? GLU C 27 GLY C 33 1 ? 7  
HELX_P HELX_P13 AB4 ASP C 40 ? GLY C 56 ? ASP C 35 GLY C 51 1 ? 17 
HELX_P HELX_P14 AB5 PRO C 60 ? LYS C 66 ? PRO C 55 LYS C 61 1 ? 7  
HELX_P HELX_P15 AB6 ASN C 69 ? ASP C 79 ? ASN C 64 ASP C 74 1 ? 11 
# 
_struct_conf_type.id          HELX_P 
_struct_conf_type.criteria    ? 
_struct_conf_type.reference   ? 
# 
loop_
_struct_conn.id 
_struct_conn.conn_type_id 
_struct_conn.pdbx_leaving_atom_flag 
_struct_conn.pdbx_PDB_id 
_struct_conn.ptnr1_label_asym_id 
_struct_conn.ptnr1_label_comp_id 
_struct_conn.ptnr1_label_seq_id 
_struct_conn.ptnr1_label_atom_id 
_struct_conn.pdbx_ptnr1_label_alt_id 
_struct_conn.pdbx_ptnr1_PDB_ins_code 
_struct_conn.pdbx_ptnr1_standard_comp_id 
_struct_conn.ptnr1_symmetry 
_struct_conn.ptnr2_label_asym_id 
_struct_conn.ptnr2_label_comp_id 
_struct_conn.ptnr2_label_seq_id 
_struct_conn.ptnr2_label_atom_id 
_struct_conn.pdbx_ptnr2_label_alt_id 
_struct_conn.pdbx_ptnr2_PDB_ins_code 
_struct_conn.ptnr1_auth_asym_id 
_struct_conn.ptnr1_auth_comp_id 
_struct_conn.ptnr1_auth_seq_id 
_struct_conn.ptnr2_auth_asym_id 
_struct_conn.ptnr2_auth_comp_id 
_struct_conn.ptnr2_auth_seq_id 
_struct_conn.ptnr2_symmetry 
_struct_conn.pdbx_ptnr3_label_atom_id 
_struct_conn.pdbx_ptnr3_label_seq_id 
_struct_conn.pdbx_ptnr3_label_comp_id 
_struct_conn.pdbx_ptnr3_label_asym_id 
_struct_conn.pdbx_ptnr3_label_alt_id 
_struct_conn.pdbx_ptnr3_PDB_ins_code 
_struct_conn.details 
_struct_conn.pdbx_dist_value 
_struct_conn.pdbx_value_order 
_struct_conn.pdbx_role 
covale1 covale both ? A ASP 40 C ? ? ? 1_555 A 4HH 41 N ? ? A ASP 35 A 4HH 36 1_555 ? ? ? ? ? ? ? 1.324 ? ? 
covale2 covale both ? A 4HH 41 C ? ? ? 1_555 A LEU 42 N ? ? A 4HH 36 A LEU 37 1_555 ? ? ? ? ? ? ? 1.327 ? ? 
covale3 covale both ? B ASP 40 C ? ? ? 1_555 B 4HH 41 N ? ? B ASP 35 B 4HH 36 1_555 ? ? ? ? ? ? ? 1.323 ? ? 
covale4 covale both ? B 4HH 41 C ? ? ? 1_555 B LEU 42 N ? ? B 4HH 36 B LEU 37 1_555 ? ? ? ? ? ? ? 1.339 ? ? 
covale5 covale both ? C ASP 40 C ? ? ? 1_555 C 4HH 41 N ? ? C ASP 35 C 4HH 36 1_555 ? ? ? ? ? ? ? 1.331 ? ? 
covale6 covale both ? C 4HH 41 C ? ? ? 1_555 C LEU 42 N ? ? C 4HH 36 C LEU 37 1_555 ? ? ? ? ? ? ? 1.331 ? ? 
# 
_struct_conn_type.id          covale 
_struct_conn_type.criteria    ? 
_struct_conn_type.reference   ? 
# 
_atom_sites.entry_id                    5H9H 
_atom_sites.fract_transf_matrix[1][1]   0.00833601 
_atom_sites.fract_transf_matrix[1][2]   0.00309187 
_atom_sites.fract_transf_matrix[1][3]   0.02114250 
_atom_sites.fract_transf_matrix[2][1]   -0.01142335 
_atom_sites.fract_transf_matrix[2][2]   -0.00815958 
_atom_sites.fract_transf_matrix[2][3]   0.01813804 
_atom_sites.fract_transf_matrix[3][1]   0.00684562 
_atom_sites.fract_transf_matrix[3][2]   -0.01176053 
_atom_sites.fract_transf_matrix[3][3]   -0.00097922 
_atom_sites.fract_transf_vector[1]      0.339127 
_atom_sites.fract_transf_vector[2]      -0.647196 
_atom_sites.fract_transf_vector[3]      0.017843 
# 
loop_
_atom_type.symbol 
C 
N 
O 
P 
S 
# 
loop_
_atom_site.group_PDB 
_atom_site.id 
_atom_site.type_symbol 
_atom_site.label_atom_id 
_atom_site.label_alt_id 
_atom_site.label_comp_id 
_atom_site.label_asym_id 
_atom_site.label_entity_id 
_atom_site.label_seq_id 
_atom_site.pdbx_PDB_ins_code 
_atom_site.Cartn_x 
_atom_site.Cartn_y 
_atom_site.Cartn_z 
_atom_site.occupancy 
_atom_site.B_iso_or_equiv 
_atom_site.pdbx_formal_charge 
_atom_site.auth_seq_id 
_atom_site.auth_comp_id 
_atom_site.auth_asym_id 
_atom_site.auth_atom_id 
_atom_site.pdbx_PDB_model_num 
ATOM   1    N N   . ALA A 1 7  ? -4.597  -11.583 -20.878 1.00 37.78 ? 2   ALA A N   1 
ATOM   2    C CA  . ALA A 1 7  ? -3.682  -11.371 -19.708 1.00 37.61 ? 2   ALA A CA  1 
ATOM   3    C C   . ALA A 1 7  ? -3.713  -9.906  -19.254 1.00 37.20 ? 2   ALA A C   1 
ATOM   4    O O   . ALA A 1 7  ? -3.920  -8.991  -20.057 1.00 36.57 ? 2   ALA A O   1 
ATOM   5    C CB  . ALA A 1 7  ? -2.239  -11.820 -20.032 1.00 37.65 ? 2   ALA A CB  1 
ATOM   6    N N   . LEU A 1 8  ? -3.511  -9.691  -17.962 1.00 36.60 ? 3   LEU A N   1 
ATOM   7    C CA  . LEU A 1 8  ? -3.607  -8.355  -17.427 1.00 36.47 ? 3   LEU A CA  1 
ATOM   8    C C   . LEU A 1 8  ? -2.435  -7.515  -17.912 1.00 36.56 ? 3   LEU A C   1 
ATOM   9    O O   . LEU A 1 8  ? -2.555  -6.290  -18.032 1.00 36.97 ? 3   LEU A O   1 
ATOM   10   C CB  . LEU A 1 8  ? -3.660  -8.392  -15.901 1.00 36.25 ? 3   LEU A CB  1 
ATOM   11   C CG  . LEU A 1 8  ? -3.836  -7.090  -15.132 1.00 35.45 ? 3   LEU A CG  1 
ATOM   12   C CD1 . LEU A 1 8  ? -5.127  -6.380  -15.533 1.00 34.00 ? 3   LEU A CD1 1 
ATOM   13   C CD2 . LEU A 1 8  ? -3.826  -7.425  -13.661 1.00 34.52 ? 3   LEU A CD2 1 
ATOM   14   N N   . PHE A 1 9  ? -1.302  -8.155  -18.202 1.00 36.14 ? 4   PHE A N   1 
ATOM   15   C CA  . PHE A 1 9  ? -0.174  -7.367  -18.677 1.00 35.71 ? 4   PHE A CA  1 
ATOM   16   C C   . PHE A 1 9  ? -0.416  -6.789  -20.058 1.00 35.81 ? 4   PHE A C   1 
ATOM   17   O O   . PHE A 1 9  ? -0.265  -5.577  -20.228 1.00 35.99 ? 4   PHE A O   1 
ATOM   18   C CB  . PHE A 1 9  ? 1.167   -8.094  -18.658 1.00 35.32 ? 4   PHE A CB  1 
ATOM   19   C CG  . PHE A 1 9  ? 2.300   -7.224  -19.126 1.00 34.40 ? 4   PHE A CG  1 
ATOM   20   C CD1 . PHE A 1 9  ? 2.786   -6.204  -18.315 1.00 34.26 ? 4   PHE A CD1 1 
ATOM   21   C CD2 . PHE A 1 9  ? 2.833   -7.376  -20.392 1.00 33.24 ? 4   PHE A CD2 1 
ATOM   22   C CE1 . PHE A 1 9  ? 3.804   -5.372  -18.743 1.00 33.34 ? 4   PHE A CE1 1 
ATOM   23   C CE2 . PHE A 1 9  ? 3.854   -6.540  -20.827 1.00 33.93 ? 4   PHE A CE2 1 
ATOM   24   C CZ  . PHE A 1 9  ? 4.341   -5.542  -19.999 1.00 33.57 ? 4   PHE A CZ  1 
ATOM   25   N N   . GLU A 1 10 ? -0.770  -7.651  -21.021 1.00 35.58 ? 5   GLU A N   1 
ATOM   26   C CA  . GLU A 1 10 ? -0.978  -7.261  -22.415 1.00 35.62 ? 5   GLU A CA  1 
ATOM   27   C C   . GLU A 1 10 ? -2.030  -6.189  -22.515 1.00 35.07 ? 5   GLU A C   1 
ATOM   28   O O   . GLU A 1 10 ? -1.973  -5.331  -23.391 1.00 35.19 ? 5   GLU A O   1 
ATOM   29   C CB  . GLU A 1 10 ? -1.413  -8.458  -23.259 1.00 36.14 ? 5   GLU A CB  1 
ATOM   30   C CG  . GLU A 1 10 ? -0.333  -9.517  -23.472 1.00 38.56 ? 5   GLU A CG  1 
ATOM   31   C CD  . GLU A 1 10 ? 0.686   -9.121  -24.549 1.00 42.27 ? 5   GLU A CD  1 
ATOM   32   O OE1 . GLU A 1 10 ? 0.547   -9.583  -25.710 1.00 43.73 ? 5   GLU A OE1 1 
ATOM   33   O OE2 . GLU A 1 10 ? 1.620   -8.340  -24.235 1.00 43.08 ? 5   GLU A OE2 1 
ATOM   34   N N   . ASP A 1 11 ? -2.979  -6.257  -21.588 1.00 34.58 ? 6   ASP A N   1 
ATOM   35   C CA  . ASP A 1 11 ? -4.118  -5.357  -21.490 1.00 34.22 ? 6   ASP A CA  1 
ATOM   36   C C   . ASP A 1 11 ? -3.666  -3.955  -21.112 1.00 33.67 ? 6   ASP A C   1 
ATOM   37   O O   . ASP A 1 11 ? -3.921  -2.991  -21.850 1.00 33.52 ? 6   ASP A O   1 
ATOM   38   C CB  . ASP A 1 11 ? -5.067  -5.876  -20.404 1.00 34.68 ? 6   ASP A CB  1 
ATOM   39   C CG  . ASP A 1 11 ? -6.523  -5.829  -20.824 1.00 36.37 ? 6   ASP A CG  1 
ATOM   40   O OD1 . ASP A 1 11 ? -6.871  -6.520  -21.826 1.00 37.90 ? 6   ASP A OD1 1 
ATOM   41   O OD2 . ASP A 1 11 ? -7.314  -5.121  -20.149 1.00 36.16 ? 6   ASP A OD2 1 
ATOM   42   N N   . ILE A 1 12 ? -2.995  -3.857  -19.960 1.00 32.58 ? 7   ILE A N   1 
ATOM   43   C CA  . ILE A 1 12 ? -2.495  -2.577  -19.441 1.00 31.62 ? 7   ILE A CA  1 
ATOM   44   C C   . ILE A 1 12 ? -1.433  -2.015  -20.367 1.00 30.84 ? 7   ILE A C   1 
ATOM   45   O O   . ILE A 1 12 ? -1.333  -0.808  -20.536 1.00 31.03 ? 7   ILE A O   1 
ATOM   46   C CB  . ILE A 1 12 ? -1.925  -2.727  -17.993 1.00 31.92 ? 7   ILE A CB  1 
ATOM   47   C CG1 . ILE A 1 12 ? -3.028  -3.168  -17.011 1.00 31.00 ? 7   ILE A CG1 1 
ATOM   48   C CG2 . ILE A 1 12 ? -1.209  -1.447  -17.521 1.00 30.65 ? 7   ILE A CG2 1 
ATOM   49   C CD1 . ILE A 1 12 ? -2.516  -3.640  -15.697 1.00 28.62 ? 7   ILE A CD1 1 
ATOM   50   N N   . GLN A 1 13 ? -0.648  -2.898  -20.965 1.00 29.85 ? 8   GLN A N   1 
ATOM   51   C CA  . GLN A 1 13 ? 0.480   -2.483  -21.800 1.00 29.59 ? 8   GLN A CA  1 
ATOM   52   C C   . GLN A 1 13 ? -0.089  -1.776  -23.016 1.00 29.36 ? 8   GLN A C   1 
ATOM   53   O O   . GLN A 1 13 ? 0.426   -0.740  -23.444 1.00 29.02 ? 8   GLN A O   1 
ATOM   54   C CB  . GLN A 1 13 ? 1.338   -3.697  -22.202 1.00 29.10 ? 8   GLN A CB  1 
ATOM   55   C CG  . GLN A 1 13 ? 2.332   -3.449  -23.323 1.00 28.67 ? 8   GLN A CG  1 
ATOM   56   C CD  . GLN A 1 13 ? 3.064   -4.714  -23.762 1.00 29.60 ? 8   GLN A CD  1 
ATOM   57   O OE1 . GLN A 1 13 ? 4.292   -4.758  -23.746 1.00 30.52 ? 8   GLN A OE1 1 
ATOM   58   N NE2 . GLN A 1 13 ? 2.315   -5.743  -24.155 1.00 27.63 ? 8   GLN A NE2 1 
ATOM   59   N N   . ALA A 1 14 ? -1.172  -2.357  -23.534 1.00 29.33 ? 9   ALA A N   1 
ATOM   60   C CA  . ALA A 1 14 ? -1.983  -1.800  -24.606 1.00 28.89 ? 9   ALA A CA  1 
ATOM   61   C C   . ALA A 1 14 ? -2.492  -0.383  -24.288 1.00 29.21 ? 9   ALA A C   1 
ATOM   62   O O   . ALA A 1 14 ? -2.366  0.523   -25.122 1.00 29.63 ? 9   ALA A O   1 
ATOM   63   C CB  . ALA A 1 14 ? -3.144  -2.732  -24.886 1.00 28.83 ? 9   ALA A CB  1 
ATOM   64   N N   . VAL A 1 15 ? -3.037  -0.186  -23.084 1.00 28.72 ? 10  VAL A N   1 
ATOM   65   C CA  . VAL A 1 15 ? -3.587  1.110   -22.695 1.00 28.65 ? 10  VAL A CA  1 
ATOM   66   C C   . VAL A 1 15 ? -2.456  2.102   -22.635 1.00 28.63 ? 10  VAL A C   1 
ATOM   67   O O   . VAL A 1 15 ? -2.604  3.234   -23.069 1.00 28.61 ? 10  VAL A O   1 
ATOM   68   C CB  . VAL A 1 15 ? -4.300  1.078   -21.307 1.00 29.12 ? 10  VAL A CB  1 
ATOM   69   C CG1 . VAL A 1 15 ? -4.779  2.492   -20.879 1.00 28.35 ? 10  VAL A CG1 1 
ATOM   70   C CG2 . VAL A 1 15 ? -5.475  0.113   -21.332 1.00 29.00 ? 10  VAL A CG2 1 
ATOM   71   N N   . ILE A 1 16 ? -1.315  1.653   -22.114 1.00 28.63 ? 11  ILE A N   1 
ATOM   72   C CA  . ILE A 1 16 ? -0.116  2.496   -21.978 1.00 27.87 ? 11  ILE A CA  1 
ATOM   73   C C   . ILE A 1 16 ? 0.446   2.909   -23.335 1.00 28.07 ? 11  ILE A C   1 
ATOM   74   O O   . ILE A 1 16 ? 0.706   4.091   -23.574 1.00 28.04 ? 11  ILE A O   1 
ATOM   75   C CB  . ILE A 1 16 ? 0.967   1.807   -21.128 1.00 27.30 ? 11  ILE A CB  1 
ATOM   76   C CG1 . ILE A 1 16 ? 0.439   1.579   -19.702 1.00 27.16 ? 11  ILE A CG1 1 
ATOM   77   C CG2 . ILE A 1 16 ? 2.233   2.642   -21.123 1.00 26.00 ? 11  ILE A CG2 1 
ATOM   78   C CD1 . ILE A 1 16 ? 1.389   0.863   -18.758 1.00 27.97 ? 11  ILE A CD1 1 
ATOM   79   N N   . ALA A 1 17 ? 0.600   1.939   -24.227 1.00 28.35 ? 12  ALA A N   1 
ATOM   80   C CA  . ALA A 1 17 ? 1.178   2.196   -25.533 1.00 29.04 ? 12  ALA A CA  1 
ATOM   81   C C   . ALA A 1 17 ? 0.313   3.145   -26.375 1.00 29.64 ? 12  ALA A C   1 
ATOM   82   O O   . ALA A 1 17 ? 0.847   4.003   -27.089 1.00 29.87 ? 12  ALA A O   1 
ATOM   83   C CB  . ALA A 1 17 ? 1.430   0.891   -26.265 1.00 28.69 ? 12  ALA A CB  1 
ATOM   84   N N   . GLU A 1 18 ? -1.011  3.010   -26.278 1.00 29.93 ? 13  GLU A N   1 
ATOM   85   C CA  . GLU A 1 18 ? -1.898  3.870   -27.047 1.00 30.97 ? 13  GLU A CA  1 
ATOM   86   C C   . GLU A 1 18 ? -2.035  5.292   -26.453 1.00 30.41 ? 13  GLU A C   1 
ATOM   87   O O   . GLU A 1 18 ? -2.141  6.277   -27.190 1.00 30.75 ? 13  GLU A O   1 
ATOM   88   C CB  . GLU A 1 18 ? -3.261  3.198   -27.283 1.00 30.93 ? 13  GLU A CB  1 
ATOM   89   C CG  . GLU A 1 18 ? -4.108  3.027   -26.040 1.00 32.86 ? 13  GLU A CG  1 
ATOM   90   C CD  . GLU A 1 18 ? -5.465  2.389   -26.330 1.00 33.74 ? 13  GLU A CD  1 
ATOM   91   O OE1 . GLU A 1 18 ? -6.276  2.974   -27.103 1.00 37.17 ? 13  GLU A OE1 1 
ATOM   92   O OE2 . GLU A 1 18 ? -5.729  1.300   -25.766 1.00 37.36 ? 13  GLU A OE2 1 
ATOM   93   N N   . GLN A 1 19 ? -2.016  5.386   -25.127 1.00 29.89 ? 14  GLN A N   1 
ATOM   94   C CA  . GLN A 1 19 ? -2.130  6.649   -24.419 1.00 28.89 ? 14  GLN A CA  1 
ATOM   95   C C   . GLN A 1 19 ? -0.889  7.482   -24.619 1.00 28.49 ? 14  GLN A C   1 
ATOM   96   O O   . GLN A 1 19 ? -0.984  8.688   -24.806 1.00 28.16 ? 14  GLN A O   1 
ATOM   97   C CB  . GLN A 1 19 ? -2.323  6.407   -22.915 1.00 29.06 ? 14  GLN A CB  1 
ATOM   98   C CG  . GLN A 1 19 ? -3.720  5.956   -22.479 1.00 29.63 ? 14  GLN A CG  1 
ATOM   99   C CD  . GLN A 1 19 ? -4.586  7.097   -21.972 1.00 30.44 ? 14  GLN A CD  1 
ATOM   100  O OE1 . GLN A 1 19 ? -5.801  7.109   -22.173 1.00 28.46 ? 14  GLN A OE1 1 
ATOM   101  N NE2 . GLN A 1 19 ? -3.961  8.059   -21.300 1.00 30.94 ? 14  GLN A NE2 1 
ATOM   102  N N   . LEU A 1 20 ? 0.279   6.841   -24.563 1.00 28.72 ? 15  LEU A N   1 
ATOM   103  C CA  . LEU A 1 20 ? 1.572   7.563   -24.592 1.00 28.46 ? 15  LEU A CA  1 
ATOM   104  C C   . LEU A 1 20 ? 2.176   7.555   -25.983 1.00 28.52 ? 15  LEU A C   1 
ATOM   105  O O   . LEU A 1 20 ? 3.333   7.950   -26.182 1.00 29.11 ? 15  LEU A O   1 
ATOM   106  C CB  . LEU A 1 20 ? 2.584   6.997   -23.574 1.00 28.05 ? 15  LEU A CB  1 
ATOM   107  C CG  . LEU A 1 20 ? 2.279   6.946   -22.072 1.00 28.12 ? 15  LEU A CG  1 
ATOM   108  C CD1 . LEU A 1 20 ? 3.490   6.378   -21.353 1.00 28.29 ? 15  LEU A CD1 1 
ATOM   109  C CD2 . LEU A 1 20 ? 1.841   8.291   -21.447 1.00 26.94 ? 15  LEU A CD2 1 
ATOM   110  N N   . ASN A 1 21 ? 1.385   7.092   -26.944 1.00 28.82 ? 16  ASN A N   1 
ATOM   111  C CA  . ASN A 1 21 ? 1.804   7.011   -28.338 1.00 28.86 ? 16  ASN A CA  1 
ATOM   112  C C   . ASN A 1 21 ? 3.218   6.453   -28.469 1.00 28.76 ? 16  ASN A C   1 
ATOM   113  O O   . ASN A 1 21 ? 4.077   7.093   -29.064 1.00 28.90 ? 16  ASN A O   1 
ATOM   114  C CB  . ASN A 1 21 ? 1.694   8.386   -29.025 1.00 28.46 ? 16  ASN A CB  1 
ATOM   115  C CG  . ASN A 1 21 ? 0.350   9.047   -28.799 1.00 28.25 ? 16  ASN A CG  1 
ATOM   116  O OD1 . ASN A 1 21 ? 0.277   10.158  -28.275 1.00 28.75 ? 16  ASN A OD1 1 
ATOM   117  N ND2 . ASN A 1 21 ? -0.722  8.363   -29.176 1.00 27.98 ? 16  ASN A ND2 1 
ATOM   118  N N   . VAL A 1 22 ? 3.466   5.286   -27.875 1.00 28.78 ? 17  VAL A N   1 
ATOM   119  C CA  . VAL A 1 22 ? 4.722   4.554   -28.104 1.00 29.05 ? 17  VAL A CA  1 
ATOM   120  C C   . VAL A 1 22 ? 4.425   3.109   -28.483 1.00 29.24 ? 17  VAL A C   1 
ATOM   121  O O   . VAL A 1 22 ? 3.303   2.655   -28.319 1.00 29.56 ? 17  VAL A O   1 
ATOM   122  C CB  . VAL A 1 22 ? 5.720   4.599   -26.906 1.00 29.23 ? 17  VAL A CB  1 
ATOM   123  C CG1 . VAL A 1 22 ? 6.275   6.010   -26.706 1.00 29.35 ? 17  VAL A CG1 1 
ATOM   124  C CG2 . VAL A 1 22 ? 5.092   4.019   -25.616 1.00 28.29 ? 17  VAL A CG2 1 
ATOM   125  N N   . ASP A 1 23 ? 5.436   2.397   -28.992 1.00 29.29 ? 18  ASP A N   1 
ATOM   126  C CA  . ASP A 1 23 ? 5.304   0.993   -29.371 1.00 28.54 ? 18  ASP A CA  1 
ATOM   127  C C   . ASP A 1 23 ? 5.197   0.073   -28.151 1.00 28.12 ? 18  ASP A C   1 
ATOM   128  O O   . ASP A 1 23 ? 5.861   0.307   -27.132 1.00 28.28 ? 18  ASP A O   1 
ATOM   129  C CB  . ASP A 1 23 ? 6.516   0.568   -30.199 1.00 28.90 ? 18  ASP A CB  1 
ATOM   130  C CG  . ASP A 1 23 ? 6.802   1.504   -31.345 1.00 29.59 ? 18  ASP A CG  1 
ATOM   131  O OD1 . ASP A 1 23 ? 5.901   1.782   -32.173 1.00 30.58 ? 18  ASP A OD1 1 
ATOM   132  O OD2 . ASP A 1 23 ? 7.958   1.948   -31.430 1.00 31.78 ? 18  ASP A OD2 1 
ATOM   133  N N   . ALA A 1 24 ? 4.394   -0.979  -28.278 1.00 27.26 ? 19  ALA A N   1 
ATOM   134  C CA  . ALA A 1 24 ? 4.253   -1.993  -27.242 1.00 27.12 ? 19  ALA A CA  1 
ATOM   135  C C   . ALA A 1 24 ? 5.592   -2.517  -26.703 1.00 26.94 ? 19  ALA A C   1 
ATOM   136  O O   . ALA A 1 24 ? 5.754   -2.693  -25.494 1.00 26.81 ? 19  ALA A O   1 
ATOM   137  C CB  . ALA A 1 24 ? 3.423   -3.142  -27.754 1.00 27.13 ? 19  ALA A CB  1 
ATOM   138  N N   . ALA A 1 25 ? 6.553   -2.749  -27.591 1.00 26.63 ? 20  ALA A N   1 
ATOM   139  C CA  . ALA A 1 25 ? 7.832   -3.337  -27.183 1.00 26.51 ? 20  ALA A CA  1 
ATOM   140  C C   . ALA A 1 25 ? 8.581   -2.448  -26.196 1.00 26.48 ? 20  ALA A C   1 
ATOM   141  O O   . ALA A 1 25 ? 9.361   -2.941  -25.385 1.00 26.78 ? 20  ALA A O   1 
ATOM   142  C CB  . ALA A 1 25 ? 8.703   -3.661  -28.402 1.00 26.29 ? 20  ALA A CB  1 
ATOM   143  N N   . GLN A 1 26 ? 8.337   -1.144  -26.265 1.00 26.59 ? 21  GLN A N   1 
ATOM   144  C CA  . GLN A 1 26 ? 8.903   -0.206  -25.318 1.00 26.93 ? 21  GLN A CA  1 
ATOM   145  C C   . GLN A 1 26 ? 8.335   -0.436  -23.926 1.00 26.77 ? 21  GLN A C   1 
ATOM   146  O O   . GLN A 1 26 ? 9.057   -0.299  -22.934 1.00 27.43 ? 21  GLN A O   1 
ATOM   147  C CB  . GLN A 1 26 ? 8.604   1.232   -25.745 1.00 27.44 ? 21  GLN A CB  1 
ATOM   148  C CG  . GLN A 1 26 ? 9.198   1.631   -27.078 1.00 29.72 ? 21  GLN A CG  1 
ATOM   149  C CD  . GLN A 1 26 ? 10.628  1.196   -27.169 1.00 34.13 ? 21  GLN A CD  1 
ATOM   150  O OE1 . GLN A 1 26 ? 11.491  1.715   -26.456 1.00 36.48 ? 21  GLN A OE1 1 
ATOM   151  N NE2 . GLN A 1 26 ? 10.898  0.213   -28.027 1.00 36.28 ? 21  GLN A NE2 1 
ATOM   152  N N   . VAL A 1 27 ? 7.047   -0.786  -23.862 1.00 25.98 ? 22  VAL A N   1 
ATOM   153  C CA  . VAL A 1 27 ? 6.285   -0.831  -22.612 1.00 25.27 ? 22  VAL A CA  1 
ATOM   154  C C   . VAL A 1 27 ? 6.544   -2.136  -21.842 1.00 25.29 ? 22  VAL A C   1 
ATOM   155  O O   . VAL A 1 27 ? 5.780   -3.100  -21.921 1.00 24.83 ? 22  VAL A O   1 
ATOM   156  C CB  . VAL A 1 27 ? 4.767   -0.564  -22.870 1.00 25.49 ? 22  VAL A CB  1 
ATOM   157  C CG1 . VAL A 1 27 ? 3.991   -0.386  -21.557 1.00 24.02 ? 22  VAL A CG1 1 
ATOM   158  C CG2 . VAL A 1 27 ? 4.579   0.671   -23.808 1.00 24.88 ? 22  VAL A CG2 1 
ATOM   159  N N   . THR A 1 28 ? 7.644   -2.120  -21.100 1.00 25.24 ? 23  THR A N   1 
ATOM   160  C CA  . THR A 1 28 ? 8.170   -3.262  -20.375 1.00 26.11 ? 23  THR A CA  1 
ATOM   161  C C   . THR A 1 28 ? 7.959   -3.065  -18.862 1.00 26.43 ? 23  THR A C   1 
ATOM   162  O O   . THR A 1 28 ? 7.932   -1.944  -18.391 1.00 26.33 ? 23  THR A O   1 
ATOM   163  C CB  . THR A 1 28 ? 9.695   -3.401  -20.606 1.00 26.00 ? 23  THR A CB  1 
ATOM   164  O OG1 . THR A 1 28 ? 10.335  -2.190  -20.201 1.00 26.87 ? 23  THR A OG1 1 
ATOM   165  C CG2 . THR A 1 28 ? 10.034  -3.638  -22.068 1.00 25.54 ? 23  THR A CG2 1 
ATOM   166  N N   . PRO A 1 29 ? 7.836   -4.156  -18.082 1.00 26.94 ? 24  PRO A N   1 
ATOM   167  C CA  . PRO A 1 29 ? 7.751   -3.929  -16.627 1.00 27.10 ? 24  PRO A CA  1 
ATOM   168  C C   . PRO A 1 29 ? 8.792   -2.942  -16.036 1.00 27.56 ? 24  PRO A C   1 
ATOM   169  O O   . PRO A 1 29 ? 8.482   -2.245  -15.075 1.00 28.20 ? 24  PRO A O   1 
ATOM   170  C CB  . PRO A 1 29 ? 7.924   -5.338  -16.054 1.00 26.72 ? 24  PRO A CB  1 
ATOM   171  C CG  . PRO A 1 29 ? 7.342   -6.225  -17.102 1.00 26.55 ? 24  PRO A CG  1 
ATOM   172  C CD  . PRO A 1 29 ? 7.716   -5.589  -18.424 1.00 26.46 ? 24  PRO A CD  1 
ATOM   173  N N   . GLU A 1 30 ? 9.989   -2.892  -16.619 1.00 28.36 ? 25  GLU A N   1 
ATOM   174  C CA  . GLU A 1 30 ? 11.126  -2.090  -16.152 1.00 29.01 ? 25  GLU A CA  1 
ATOM   175  C C   . GLU A 1 30 ? 11.016  -0.631  -16.604 1.00 28.60 ? 25  GLU A C   1 
ATOM   176  O O   . GLU A 1 30 ? 11.657  0.256   -16.010 1.00 28.30 ? 25  GLU A O   1 
ATOM   177  C CB  . GLU A 1 30 ? 12.431  -2.734  -16.665 1.00 29.70 ? 25  GLU A CB  1 
ATOM   178  C CG  . GLU A 1 30 ? 13.744  -1.866  -16.749 1.00 34.11 ? 25  GLU A CG  1 
ATOM   179  C CD  . GLU A 1 30 ? 14.219  -1.480  -18.205 1.00 38.93 ? 25  GLU A CD  1 
ATOM   180  O OE1 . GLU A 1 30 ? 13.394  -1.013  -19.040 1.00 40.01 ? 25  GLU A OE1 1 
ATOM   181  O OE2 . GLU A 1 30 ? 15.441  -1.623  -18.503 1.00 39.68 ? 25  GLU A OE2 1 
ATOM   182  N N   . ALA A 1 31 ? 10.198  -0.391  -17.637 1.00 28.07 ? 26  ALA A N   1 
ATOM   183  C CA  . ALA A 1 31 ? 10.105  0.910   -18.319 1.00 27.96 ? 26  ALA A CA  1 
ATOM   184  C C   . ALA A 1 31 ? 9.414   1.990   -17.486 1.00 28.22 ? 26  ALA A C   1 
ATOM   185  O O   . ALA A 1 31 ? 8.310   1.768   -16.962 1.00 28.69 ? 26  ALA A O   1 
ATOM   186  C CB  . ALA A 1 31 ? 9.405   0.760   -19.656 1.00 27.59 ? 26  ALA A CB  1 
ATOM   187  N N   . GLU A 1 32 ? 10.063  3.153   -17.380 1.00 28.02 ? 27  GLU A N   1 
ATOM   188  C CA  . GLU A 1 32 ? 9.545   4.296   -16.611 1.00 28.28 ? 27  GLU A CA  1 
ATOM   189  C C   . GLU A 1 32 ? 8.697   5.193   -17.466 1.00 27.58 ? 27  GLU A C   1 
ATOM   190  O O   . GLU A 1 32 ? 9.085   5.533   -18.573 1.00 27.49 ? 27  GLU A O   1 
ATOM   191  C CB  . GLU A 1 32 ? 10.684  5.133   -16.003 1.00 27.86 ? 27  GLU A CB  1 
ATOM   192  C CG  . GLU A 1 32 ? 11.450  4.456   -14.889 1.00 28.03 ? 27  GLU A CG  1 
ATOM   193  C CD  . GLU A 1 32 ? 12.346  5.424   -14.120 1.00 29.63 ? 27  GLU A CD  1 
ATOM   194  O OE1 . GLU A 1 32 ? 12.417  5.274   -12.886 1.00 30.15 ? 27  GLU A OE1 1 
ATOM   195  O OE2 . GLU A 1 32 ? 12.985  6.325   -14.736 1.00 32.00 ? 27  GLU A OE2 1 
ATOM   196  N N   . PHE A 1 33 ? 7.552   5.601   -16.935 1.00 28.18 ? 28  PHE A N   1 
ATOM   197  C CA  . PHE A 1 33 ? 6.636   6.483   -17.664 1.00 28.79 ? 28  PHE A CA  1 
ATOM   198  C C   . PHE A 1 33 ? 7.322   7.753   -18.168 1.00 29.26 ? 28  PHE A C   1 
ATOM   199  O O   . PHE A 1 33 ? 7.228   8.097   -19.351 1.00 29.30 ? 28  PHE A O   1 
ATOM   200  C CB  . PHE A 1 33 ? 5.391   6.810   -16.829 1.00 28.56 ? 28  PHE A CB  1 
ATOM   201  C CG  . PHE A 1 33 ? 4.592   5.595   -16.440 1.00 28.89 ? 28  PHE A CG  1 
ATOM   202  C CD1 . PHE A 1 33 ? 4.071   4.750   -17.403 1.00 29.99 ? 28  PHE A CD1 1 
ATOM   203  C CD2 . PHE A 1 33 ? 4.370   5.290   -15.112 1.00 29.19 ? 28  PHE A CD2 1 
ATOM   204  C CE1 . PHE A 1 33 ? 3.346   3.624   -17.040 1.00 29.71 ? 28  PHE A CE1 1 
ATOM   205  C CE2 . PHE A 1 33 ? 3.646   4.175   -14.752 1.00 28.05 ? 28  PHE A CE2 1 
ATOM   206  C CZ  . PHE A 1 33 ? 3.139   3.346   -15.708 1.00 28.32 ? 28  PHE A CZ  1 
ATOM   207  N N   . VAL A 1 34 ? 8.040   8.416   -17.270 1.00 29.94 ? 29  VAL A N   1 
ATOM   208  C CA  . VAL A 1 34 ? 8.695   9.677   -17.573 1.00 30.38 ? 29  VAL A CA  1 
ATOM   209  C C   . VAL A 1 34 ? 9.993   9.434   -18.355 1.00 30.77 ? 29  VAL A C   1 
ATOM   210  O O   . VAL A 1 34 ? 10.059  9.749   -19.539 1.00 31.65 ? 29  VAL A O   1 
ATOM   211  C CB  . VAL A 1 34 ? 8.921   10.526  -16.275 1.00 30.52 ? 29  VAL A CB  1 
ATOM   212  C CG1 . VAL A 1 34 ? 9.460   11.903  -16.605 1.00 30.04 ? 29  VAL A CG1 1 
ATOM   213  C CG2 . VAL A 1 34 ? 7.618   10.640  -15.491 1.00 30.37 ? 29  VAL A CG2 1 
ATOM   214  N N   . LYS A 1 35 ? 11.004  8.853   -17.718 1.00 31.09 ? 30  LYS A N   1 
ATOM   215  C CA  . LYS A 1 35 ? 12.337  8.743   -18.319 1.00 31.49 ? 30  LYS A CA  1 
ATOM   216  C C   . LYS A 1 35 ? 12.381  7.895   -19.598 1.00 31.20 ? 30  LYS A C   1 
ATOM   217  O O   . LYS A 1 35 ? 13.008  8.272   -20.585 1.00 31.67 ? 30  LYS A O   1 
ATOM   218  C CB  . LYS A 1 35 ? 13.349  8.234   -17.274 1.00 32.44 ? 30  LYS A CB  1 
ATOM   219  C CG  . LYS A 1 35 ? 14.777  7.963   -17.792 1.00 33.75 ? 30  LYS A CG  1 
ATOM   220  C CD  . LYS A 1 35 ? 15.811  8.355   -16.743 1.00 36.42 ? 30  LYS A CD  1 
ATOM   221  C CE  . LYS A 1 35 ? 15.984  9.888   -16.670 1.00 38.32 ? 30  LYS A CE  1 
ATOM   222  N NZ  . LYS A 1 35 ? 16.999  10.342  -15.665 1.00 39.77 ? 30  LYS A NZ  1 
ATOM   223  N N   . ASP A 1 36 ? 11.693  6.765   -19.594 1.00 30.68 ? 31  ASP A N   1 
ATOM   224  C CA  . ASP A 1 36 ? 11.775  5.839   -20.717 1.00 29.95 ? 31  ASP A CA  1 
ATOM   225  C C   . ASP A 1 36 ? 10.692  6.039   -21.775 1.00 29.66 ? 31  ASP A C   1 
ATOM   226  O O   . ASP A 1 36 ? 10.977  5.902   -22.978 1.00 29.26 ? 31  ASP A O   1 
ATOM   227  C CB  . ASP A 1 36 ? 11.774  4.392   -20.202 1.00 29.80 ? 31  ASP A CB  1 
ATOM   228  C CG  . ASP A 1 36 ? 12.885  4.138   -19.192 1.00 29.90 ? 31  ASP A CG  1 
ATOM   229  O OD1 . ASP A 1 36 ? 14.052  4.459   -19.496 1.00 29.69 ? 31  ASP A OD1 1 
ATOM   230  O OD2 . ASP A 1 36 ? 12.601  3.634   -18.083 1.00 31.16 ? 31  ASP A OD2 1 
ATOM   231  N N   . LEU A 1 37 ? 9.461   6.338   -21.345 1.00 28.79 ? 32  LEU A N   1 
ATOM   232  C CA  . LEU A 1 37 ? 8.353   6.368   -22.290 1.00 28.84 ? 32  LEU A CA  1 
ATOM   233  C C   . LEU A 1 37 ? 7.983   7.793   -22.747 1.00 29.76 ? 32  LEU A C   1 
ATOM   234  O O   . LEU A 1 37 ? 7.054   7.991   -23.530 1.00 29.54 ? 32  LEU A O   1 
ATOM   235  C CB  . LEU A 1 37 ? 7.149   5.560   -21.778 1.00 28.34 ? 32  LEU A CB  1 
ATOM   236  C CG  . LEU A 1 37 ? 7.279   4.029   -21.528 1.00 27.40 ? 32  LEU A CG  1 
ATOM   237  C CD1 . LEU A 1 37 ? 5.910   3.351   -21.178 1.00 24.44 ? 32  LEU A CD1 1 
ATOM   238  C CD2 . LEU A 1 37 ? 7.998   3.234   -22.637 1.00 23.56 ? 32  LEU A CD2 1 
ATOM   239  N N   . GLY A 1 38 ? 8.733   8.782   -22.266 1.00 30.79 ? 33  GLY A N   1 
ATOM   240  C CA  . GLY A 1 38 ? 8.547   10.172  -22.687 1.00 32.05 ? 33  GLY A CA  1 
ATOM   241  C C   . GLY A 1 38 ? 7.326   10.922  -22.158 1.00 32.74 ? 33  GLY A C   1 
ATOM   242  O O   . GLY A 1 38 ? 7.028   12.022  -22.651 1.00 33.15 ? 33  GLY A O   1 
ATOM   243  N N   . ALA A 1 39 ? 6.631   10.347  -21.168 1.00 32.72 ? 34  ALA A N   1 
ATOM   244  C CA  . ALA A 1 39 ? 5.460   10.976  -20.547 1.00 32.84 ? 34  ALA A CA  1 
ATOM   245  C C   . ALA A 1 39 ? 5.855   12.195  -19.735 1.00 33.02 ? 34  ALA A C   1 
ATOM   246  O O   . ALA A 1 39 ? 7.008   12.314  -19.315 1.00 33.14 ? 34  ALA A O   1 
ATOM   247  C CB  . ALA A 1 39 ? 4.722   9.979   -19.645 1.00 32.50 ? 34  ALA A CB  1 
ATOM   248  N N   . ASP A 1 40 ? 4.906   13.113  -19.535 1.00 33.29 ? 35  ASP A N   1 
ATOM   249  C CA  . ASP A 1 40 ? 5.066   14.142  -18.504 1.00 33.55 ? 35  ASP A CA  1 
ATOM   250  C C   . ASP A 1 40 ? 4.061   13.893  -17.386 1.00 33.86 ? 35  ASP A C   1 
ATOM   251  O O   . ASP A 1 40 ? 3.117   13.123  -17.558 1.00 33.97 ? 35  ASP A O   1 
ATOM   252  C CB  . ASP A 1 40 ? 4.998   15.574  -19.060 1.00 33.18 ? 35  ASP A CB  1 
ATOM   253  C CG  . ASP A 1 40 ? 3.652   15.928  -19.644 1.00 33.48 ? 35  ASP A CG  1 
ATOM   254  O OD1 . ASP A 1 40 ? 2.608   15.571  -19.078 1.00 34.34 ? 35  ASP A OD1 1 
ATOM   255  O OD2 . ASP A 1 40 ? 3.632   16.607  -20.679 1.00 34.41 ? 35  ASP A OD2 1 
HETATM 256  O O   . 4HH A 1 41 ? 1.234   13.436  -14.747 1.00 33.71 ? 36  4HH A O   1 
HETATM 257  C C   . 4HH A 1 41 ? 1.959   14.198  -15.356 1.00 33.65 ? 36  4HH A C   1 
HETATM 258  C CA  . 4HH A 1 41 ? 3.440   14.213  -15.083 1.00 34.86 ? 36  4HH A CA  1 
HETATM 259  N N   . 4HH A 1 41 ? 4.257   14.529  -16.242 1.00 34.19 ? 36  4HH A N   1 
HETATM 260  C CB  . 4HH A 1 41 ? 3.762   15.151  -13.931 1.00 35.89 ? 36  4HH A CB  1 
HETATM 261  O OG  . 4HH A 1 41 ? 3.658   16.540  -14.265 1.00 40.46 ? 36  4HH A OG  1 
HETATM 262  C CJ  . 4HH A 1 41 ? 2.069   17.038  -11.489 1.00 53.35 ? 36  4HH A CJ  1 
HETATM 263  C CK  . 4HH A 1 41 ? 1.307   17.688  -10.335 1.00 55.22 ? 36  4HH A CK  1 
HETATM 264  C CL1 . 4HH A 1 41 ? 2.140   18.812  -9.723  1.00 54.82 ? 36  4HH A CL1 1 
HETATM 265  C CL2 . 4HH A 1 41 ? 0.026   18.263  -10.909 1.00 54.46 ? 36  4HH A CL2 1 
HETATM 266  C CL3 . 4HH A 1 41 ? 2.122   16.231  -8.392  1.00 59.79 ? 36  4HH A CL3 1 
HETATM 267  C CM  . 4HH A 1 41 ? 1.113   17.166  -8.867  1.00 57.83 ? 36  4HH A CM  1 
HETATM 268  O OM  . 4HH A 1 41 ? -0.219  16.938  -8.513  1.00 59.52 ? 36  4HH A OM  1 
HETATM 269  N NN  . 4HH A 1 41 ? 2.323   16.788  -7.181  1.00 60.72 ? 36  4HH A NN  1 
HETATM 270  O ON  . 4HH A 1 41 ? 2.892   15.379  -8.798  1.00 60.68 ? 36  4HH A ON  1 
HETATM 271  P P   . 4HH A 1 41 ? 4.168   17.564  -13.112 1.00 47.98 ? 36  4HH A P   1 
HETATM 272  O O1P . 4HH A 1 41 ? 4.773   18.767  -13.817 1.00 45.90 ? 36  4HH A O1P 1 
HETATM 273  O O2P . 4HH A 1 41 ? 5.055   16.784  -12.135 1.00 48.01 ? 36  4HH A O2P 1 
HETATM 274  O O3P . 4HH A 1 41 ? 2.798   17.974  -12.310 1.00 49.45 ? 36  4HH A O3P 1 
HETATM 275  C CO  . 4HH A 1 41 ? 1.611   17.808  -6.417  1.00 60.85 ? 36  4HH A CO  1 
HETATM 276  C CP  . 4HH A 1 41 ? 2.719   18.503  -5.637  1.00 62.97 ? 36  4HH A CP  1 
HETATM 277  C CQ  . 4HH A 1 41 ? 2.601   20.002  -5.793  1.00 64.07 ? 36  4HH A CQ  1 
HETATM 278  C CS  . 4HH A 1 41 ? 1.783   22.071  -4.583  1.00 65.94 ? 36  4HH A CS  1 
HETATM 279  C CT  . 4HH A 1 41 ? 1.063   22.209  -3.238  1.00 66.94 ? 36  4HH A CT  1 
HETATM 280  N NR  . 4HH A 1 41 ? 2.052   20.648  -4.763  1.00 64.66 ? 36  4HH A NR  1 
HETATM 281  O OR  . 4HH A 1 41 ? 3.002   20.550  -6.812  1.00 64.38 ? 36  4HH A OR  1 
HETATM 282  S SU  . 4HH A 1 41 ? 0.165   20.693  -2.770  1.00 67.80 ? 36  4HH A SU  1 
ATOM   283  N N   . LEU A 1 42 ? 1.504   15.029  -16.285 1.00 32.76 ? 37  LEU A N   1 
ATOM   284  C CA  . LEU A 1 42 ? 0.085   15.104  -16.626 1.00 31.63 ? 37  LEU A CA  1 
ATOM   285  C C   . LEU A 1 42 ? -0.358  13.924  -17.458 1.00 31.21 ? 37  LEU A C   1 
ATOM   286  O O   . LEU A 1 42 ? -1.461  13.417  -17.267 1.00 31.16 ? 37  LEU A O   1 
ATOM   287  C CB  . LEU A 1 42 ? -0.231  16.417  -17.343 1.00 31.59 ? 37  LEU A CB  1 
ATOM   288  C CG  . LEU A 1 42 ? -0.298  17.615  -16.380 1.00 31.59 ? 37  LEU A CG  1 
ATOM   289  C CD1 . LEU A 1 42 ? -0.083  18.940  -17.107 1.00 32.43 ? 37  LEU A CD1 1 
ATOM   290  C CD2 . LEU A 1 42 ? -1.623  17.618  -15.621 1.00 31.33 ? 37  LEU A CD2 1 
ATOM   291  N N   . ASP A 1 43 ? 0.501   13.491  -18.385 1.00 30.52 ? 38  ASP A N   1 
ATOM   292  C CA  . ASP A 1 43 ? 0.296   12.239  -19.116 1.00 29.57 ? 38  ASP A CA  1 
ATOM   293  C C   . ASP A 1 43 ? 0.023   11.063  -18.160 1.00 29.37 ? 38  ASP A C   1 
ATOM   294  O O   . ASP A 1 43 ? -0.889  10.270  -18.405 1.00 29.32 ? 38  ASP A O   1 
ATOM   295  C CB  . ASP A 1 43 ? 1.481   11.938  -20.046 1.00 29.40 ? 38  ASP A CB  1 
ATOM   296  C CG  . ASP A 1 43 ? 1.425   12.718  -21.387 1.00 29.73 ? 38  ASP A CG  1 
ATOM   297  O OD1 . ASP A 1 43 ? 2.410   12.627  -22.151 1.00 28.81 ? 38  ASP A OD1 1 
ATOM   298  O OD2 . ASP A 1 43 ? 0.418   13.399  -21.695 1.00 27.73 ? 38  ASP A OD2 1 
ATOM   299  N N   . VAL A 1 44 ? 0.768   10.961  -17.057 1.00 28.92 ? 39  VAL A N   1 
ATOM   300  C CA  . VAL A 1 44 ? 0.560   9.821   -16.157 1.00 29.23 ? 39  VAL A CA  1 
ATOM   301  C C   . VAL A 1 44 ? -0.768  9.969   -15.410 1.00 29.06 ? 39  VAL A C   1 
ATOM   302  O O   . VAL A 1 44 ? -1.472  8.970   -15.169 1.00 29.01 ? 39  VAL A O   1 
ATOM   303  C CB  . VAL A 1 44 ? 1.779   9.503   -15.204 1.00 29.56 ? 39  VAL A CB  1 
ATOM   304  C CG1 . VAL A 1 44 ? 3.141   9.787   -15.903 1.00 28.89 ? 39  VAL A CG1 1 
ATOM   305  C CG2 . VAL A 1 44 ? 1.668   10.232  -13.847 1.00 30.31 ? 39  VAL A CG2 1 
ATOM   306  N N   . VAL A 1 45 ? -1.122  11.212  -15.078 1.00 28.48 ? 40  VAL A N   1 
ATOM   307  C CA  . VAL A 1 45 ? -2.428  11.503  -14.482 1.00 27.80 ? 40  VAL A CA  1 
ATOM   308  C C   . VAL A 1 45 ? -3.562  11.036  -15.413 1.00 27.90 ? 40  VAL A C   1 
ATOM   309  O O   . VAL A 1 45 ? -4.483  10.348  -14.957 1.00 28.27 ? 40  VAL A O   1 
ATOM   310  C CB  . VAL A 1 45 ? -2.583  12.999  -14.100 1.00 27.75 ? 40  VAL A CB  1 
ATOM   311  C CG1 . VAL A 1 45 ? -4.036  13.319  -13.726 1.00 26.23 ? 40  VAL A CG1 1 
ATOM   312  C CG2 . VAL A 1 45 ? -1.643  13.339  -12.976 1.00 26.22 ? 40  VAL A CG2 1 
ATOM   313  N N   . GLU A 1 46 ? -3.489  11.373  -16.702 1.00 27.54 ? 41  GLU A N   1 
ATOM   314  C CA  . GLU A 1 46 ? -4.499  10.898  -17.668 1.00 27.69 ? 41  GLU A CA  1 
ATOM   315  C C   . GLU A 1 46 ? -4.493  9.357   -17.776 1.00 27.61 ? 41  GLU A C   1 
ATOM   316  O O   . GLU A 1 46 ? -5.552  8.723   -17.699 1.00 27.32 ? 41  GLU A O   1 
ATOM   317  C CB  . GLU A 1 46 ? -4.328  11.568  -19.049 1.00 27.72 ? 41  GLU A CB  1 
ATOM   318  C CG  . GLU A 1 46 ? -5.374  11.182  -20.139 1.00 28.58 ? 41  GLU A CG  1 
ATOM   319  C CD  . GLU A 1 46 ? -6.641  12.067  -20.171 1.00 32.51 ? 41  GLU A CD  1 
ATOM   320  O OE1 . GLU A 1 46 ? -6.788  12.989  -19.334 1.00 33.76 ? 41  GLU A OE1 1 
ATOM   321  O OE2 . GLU A 1 46 ? -7.506  11.856  -21.057 1.00 33.85 ? 41  GLU A OE2 1 
ATOM   322  N N   . LEU A 1 47 ? -3.296  8.775   -17.929 1.00 27.98 ? 42  LEU A N   1 
ATOM   323  C CA  . LEU A 1 47 ? -3.106  7.312   -18.026 1.00 27.77 ? 42  LEU A CA  1 
ATOM   324  C C   . LEU A 1 47 ? -3.731  6.581   -16.857 1.00 27.43 ? 42  LEU A C   1 
ATOM   325  O O   . LEU A 1 47 ? -4.458  5.613   -17.050 1.00 27.65 ? 42  LEU A O   1 
ATOM   326  C CB  . LEU A 1 47 ? -1.612  6.937   -18.150 1.00 28.17 ? 42  LEU A CB  1 
ATOM   327  C CG  . LEU A 1 47 ? -1.179  5.471   -17.888 1.00 28.05 ? 42  LEU A CG  1 
ATOM   328  C CD1 . LEU A 1 47 ? -1.842  4.483   -18.849 1.00 27.59 ? 42  LEU A CD1 1 
ATOM   329  C CD2 . LEU A 1 47 ? 0.322   5.307   -17.934 1.00 27.33 ? 42  LEU A CD2 1 
ATOM   330  N N   . ILE A 1 48 ? -3.459  7.068   -15.652 1.00 27.74 ? 43  ILE A N   1 
ATOM   331  C CA  . ILE A 1 48 ? -4.004  6.490   -14.413 1.00 27.43 ? 43  ILE A CA  1 
ATOM   332  C C   . ILE A 1 48 ? -5.534  6.538   -14.392 1.00 27.63 ? 43  ILE A C   1 
ATOM   333  O O   . ILE A 1 48 ? -6.191  5.533   -14.061 1.00 28.20 ? 43  ILE A O   1 
ATOM   334  C CB  . ILE A 1 48 ? -3.351  7.143   -13.171 1.00 27.19 ? 43  ILE A CB  1 
ATOM   335  C CG1 . ILE A 1 48 ? -1.930  6.572   -12.999 1.00 27.43 ? 43  ILE A CG1 1 
ATOM   336  C CG2 . ILE A 1 48 ? -4.214  6.947   -11.912 1.00 27.00 ? 43  ILE A CG2 1 
ATOM   337  C CD1 . ILE A 1 48 ? -0.938  7.460   -12.214 1.00 28.34 ? 43  ILE A CD1 1 
ATOM   338  N N   . MET A 1 49 ? -6.105  7.676   -14.791 1.00 27.37 ? 44  MET A N   1 
ATOM   339  C CA  . MET A 1 49 ? -7.549  7.814   -14.830 1.00 27.32 ? 44  MET A CA  1 
ATOM   340  C C   . MET A 1 49 ? -8.204  6.889   -15.845 1.00 27.86 ? 44  MET A C   1 
ATOM   341  O O   . MET A 1 49 ? -9.286  6.352   -15.588 1.00 27.76 ? 44  MET A O   1 
ATOM   342  C CB  . MET A 1 49 ? -7.941  9.258   -15.073 1.00 27.60 ? 44  MET A CB  1 
ATOM   343  C CG  . MET A 1 49 ? -7.688  10.142  -13.858 1.00 27.92 ? 44  MET A CG  1 
ATOM   344  S SD  . MET A 1 49 ? -8.283  11.797  -14.170 1.00 27.22 ? 44  MET A SD  1 
ATOM   345  C CE  . MET A 1 49 ? -10.017 11.595  -13.790 1.00 27.73 ? 44  MET A CE  1 
ATOM   346  N N   . ALA A 1 50 ? -7.545  6.693   -16.990 1.00 28.19 ? 45  ALA A N   1 
ATOM   347  C CA  . ALA A 1 50 ? -8.036  5.757   -18.007 1.00 28.35 ? 45  ALA A CA  1 
ATOM   348  C C   . ALA A 1 50 ? -7.995  4.323   -17.478 1.00 28.57 ? 45  ALA A C   1 
ATOM   349  O O   . ALA A 1 50 ? -8.905  3.535   -17.732 1.00 28.63 ? 45  ALA A O   1 
ATOM   350  C CB  . ALA A 1 50 ? -7.232  5.890   -19.294 1.00 28.30 ? 45  ALA A CB  1 
ATOM   351  N N   . LEU A 1 51 ? -6.950  3.999   -16.715 1.00 28.72 ? 46  LEU A N   1 
ATOM   352  C CA  . LEU A 1 51 ? -6.817  2.675   -16.091 1.00 28.68 ? 46  LEU A CA  1 
ATOM   353  C C   . LEU A 1 51 ? -7.831  2.380   -14.977 1.00 28.96 ? 46  LEU A C   1 
ATOM   354  O O   . LEU A 1 51 ? -8.404  1.288   -14.929 1.00 28.51 ? 46  LEU A O   1 
ATOM   355  C CB  . LEU A 1 51 ? -5.408  2.485   -15.554 1.00 28.30 ? 46  LEU A CB  1 
ATOM   356  C CG  . LEU A 1 51 ? -4.258  2.369   -16.538 1.00 27.78 ? 46  LEU A CG  1 
ATOM   357  C CD1 . LEU A 1 51 ? -2.996  2.502   -15.737 1.00 25.04 ? 46  LEU A CD1 1 
ATOM   358  C CD2 . LEU A 1 51 ? -4.315  1.053   -17.320 1.00 26.88 ? 46  LEU A CD2 1 
ATOM   359  N N   . GLU A 1 52 ? -8.012  3.340   -14.066 1.00 29.76 ? 47  GLU A N   1 
ATOM   360  C CA  . GLU A 1 52 ? -9.100  3.298   -13.077 1.00 30.18 ? 47  GLU A CA  1 
ATOM   361  C C   . GLU A 1 52 ? -10.449 3.114   -13.754 1.00 30.90 ? 47  GLU A C   1 
ATOM   362  O O   . GLU A 1 52 ? -11.216 2.262   -13.333 1.00 30.79 ? 47  GLU A O   1 
ATOM   363  C CB  . GLU A 1 52 ? -9.115  4.567   -12.234 1.00 30.46 ? 47  GLU A CB  1 
ATOM   364  C CG  . GLU A 1 52 ? -7.859  4.756   -11.387 1.00 30.48 ? 47  GLU A CG  1 
ATOM   365  C CD  . GLU A 1 52 ? -7.816  6.093   -10.662 1.00 29.79 ? 47  GLU A CD  1 
ATOM   366  O OE1 . GLU A 1 52 ? -7.950  7.131   -11.334 1.00 29.22 ? 47  GLU A OE1 1 
ATOM   367  O OE2 . GLU A 1 52 ? -7.611  6.103   -9.426  1.00 27.85 ? 47  GLU A OE2 1 
ATOM   368  N N   . GLU A 1 53 ? -10.718 3.881   -14.819 1.00 31.85 ? 48  GLU A N   1 
ATOM   369  C CA  . GLU A 1 53 ? -11.907 3.668   -15.646 1.00 33.67 ? 48  GLU A CA  1 
ATOM   370  C C   . GLU A 1 53 ? -12.002 2.220   -16.160 1.00 34.08 ? 48  GLU A C   1 
ATOM   371  O O   . GLU A 1 53 ? -12.926 1.487   -15.795 1.00 34.55 ? 48  GLU A O   1 
ATOM   372  C CB  . GLU A 1 53 ? -12.015 4.665   -16.821 1.00 33.06 ? 48  GLU A CB  1 
ATOM   373  C CG  . GLU A 1 53 ? -13.112 4.230   -17.852 1.00 34.76 ? 48  GLU A CG  1 
ATOM   374  C CD  . GLU A 1 53 ? -13.543 5.310   -18.864 1.00 35.46 ? 48  GLU A CD  1 
ATOM   375  O OE1 . GLU A 1 53 ? -14.509 5.061   -19.631 1.00 36.47 ? 48  GLU A OE1 1 
ATOM   376  O OE2 . GLU A 1 53 ? -12.933 6.404   -18.906 1.00 37.89 ? 48  GLU A OE2 1 
ATOM   377  N N   . LYS A 1 54 ? -11.045 1.826   -16.998 1.00 34.92 ? 49  LYS A N   1 
ATOM   378  C CA  . LYS A 1 54 ? -10.977 0.488   -17.596 1.00 35.18 ? 49  LYS A CA  1 
ATOM   379  C C   . LYS A 1 54 ? -11.169 -0.625  -16.570 1.00 35.71 ? 49  LYS A C   1 
ATOM   380  O O   . LYS A 1 54 ? -12.000 -1.505  -16.761 1.00 36.17 ? 49  LYS A O   1 
ATOM   381  C CB  . LYS A 1 54 ? -9.629  0.328   -18.306 1.00 35.30 ? 49  LYS A CB  1 
ATOM   382  C CG  . LYS A 1 54 ? -9.470  -0.908  -19.150 1.00 35.53 ? 49  LYS A CG  1 
ATOM   383  C CD  . LYS A 1 54 ? -9.948  -0.680  -20.566 1.00 36.53 ? 49  LYS A CD  1 
ATOM   384  C CE  . LYS A 1 54 ? -9.478  -1.816  -21.466 1.00 36.57 ? 49  LYS A CE  1 
ATOM   385  N NZ  . LYS A 1 54 ? -9.585  -1.395  -22.890 1.00 36.77 ? 49  LYS A NZ  1 
ATOM   386  N N   . PHE A 1 55 ? -10.430 -0.573  -15.465 1.00 36.39 ? 50  PHE A N   1 
ATOM   387  C CA  . PHE A 1 55 ? -10.421 -1.680  -14.504 1.00 36.75 ? 50  PHE A CA  1 
ATOM   388  C C   . PHE A 1 55 ? -11.282 -1.439  -13.258 1.00 37.77 ? 50  PHE A C   1 
ATOM   389  O O   . PHE A 1 55 ? -11.231 -2.218  -12.296 1.00 37.72 ? 50  PHE A O   1 
ATOM   390  C CB  . PHE A 1 55 ? -8.983  -2.048  -14.140 1.00 36.06 ? 50  PHE A CB  1 
ATOM   391  C CG  . PHE A 1 55 ? -8.153  -2.475  -15.320 1.00 35.44 ? 50  PHE A CG  1 
ATOM   392  C CD1 . PHE A 1 55 ? -8.205  -3.787  -15.787 1.00 35.25 ? 50  PHE A CD1 1 
ATOM   393  C CD2 . PHE A 1 55 ? -7.318  -1.570  -15.966 1.00 34.89 ? 50  PHE A CD2 1 
ATOM   394  C CE1 . PHE A 1 55 ? -7.439  -4.198  -16.886 1.00 34.04 ? 50  PHE A CE1 1 
ATOM   395  C CE2 . PHE A 1 55 ? -6.534  -1.967  -17.065 1.00 34.61 ? 50  PHE A CE2 1 
ATOM   396  C CZ  . PHE A 1 55 ? -6.598  -3.287  -17.522 1.00 34.64 ? 50  PHE A CZ  1 
ATOM   397  N N   . GLY A 1 56 ? -12.080 -0.365  -13.290 1.00 38.85 ? 51  GLY A N   1 
ATOM   398  C CA  . GLY A 1 56 ? -13.043 -0.041  -12.229 1.00 39.64 ? 51  GLY A CA  1 
ATOM   399  C C   . GLY A 1 56 ? -12.493 -0.117  -10.816 1.00 40.63 ? 51  GLY A C   1 
ATOM   400  O O   . GLY A 1 56 ? -13.206 -0.486  -9.896  1.00 41.01 ? 51  GLY A O   1 
ATOM   401  N N   . ILE A 1 57 ? -11.221 0.227   -10.641 1.00 41.60 ? 52  ILE A N   1 
ATOM   402  C CA  . ILE A 1 57 ? -10.571 0.177   -9.331  1.00 42.33 ? 52  ILE A CA  1 
ATOM   403  C C   . ILE A 1 57 ? -9.877  1.517   -9.067  1.00 42.66 ? 52  ILE A C   1 
ATOM   404  O O   . ILE A 1 57 ? -9.201  2.069   -9.933  1.00 42.83 ? 52  ILE A O   1 
ATOM   405  C CB  . ILE A 1 57 ? -9.569  -1.026  -9.218  1.00 42.41 ? 52  ILE A CB  1 
ATOM   406  C CG1 . ILE A 1 57 ? -8.941  -1.128  -7.815  1.00 43.15 ? 52  ILE A CG1 1 
ATOM   407  C CG2 . ILE A 1 57 ? -8.477  -0.941  -10.303 1.00 43.12 ? 52  ILE A CG2 1 
ATOM   408  C CD1 . ILE A 1 57 ? -9.678  -2.052  -6.827  1.00 42.76 ? 52  ILE A CD1 1 
ATOM   409  N N   . GLU A 1 58 ? -10.073 2.030   -7.859  1.00 42.97 ? 53  GLU A N   1 
ATOM   410  C CA  . GLU A 1 58 ? -9.521  3.299   -7.428  1.00 42.85 ? 53  GLU A CA  1 
ATOM   411  C C   . GLU A 1 58 ? -8.088  3.156   -6.956  1.00 42.22 ? 53  GLU A C   1 
ATOM   412  O O   . GLU A 1 58 ? -7.740  2.210   -6.245  1.00 42.23 ? 53  GLU A O   1 
ATOM   413  C CB  . GLU A 1 58 ? -10.366 3.857   -6.277  1.00 43.64 ? 53  GLU A CB  1 
ATOM   414  C CG  . GLU A 1 58 ? -11.196 5.063   -6.649  1.00 44.89 ? 53  GLU A CG  1 
ATOM   415  C CD  . GLU A 1 58 ? -10.329 6.272   -6.902  1.00 45.57 ? 53  GLU A CD  1 
ATOM   416  O OE1 . GLU A 1 58 ? -9.722  6.770   -5.923  1.00 46.09 ? 53  GLU A OE1 1 
ATOM   417  O OE2 . GLU A 1 58 ? -10.259 6.705   -8.075  1.00 45.35 ? 53  GLU A OE2 1 
ATOM   418  N N   . ILE A 1 59 ? -7.265  4.117   -7.347  1.00 41.25 ? 54  ILE A N   1 
ATOM   419  C CA  . ILE A 1 59 ? -5.884  4.149   -6.929  1.00 40.16 ? 54  ILE A CA  1 
ATOM   420  C C   . ILE A 1 59 ? -5.718  5.345   -5.996  1.00 40.10 ? 54  ILE A C   1 
ATOM   421  O O   . ILE A 1 59 ? -5.672  6.487   -6.450  1.00 40.35 ? 54  ILE A O   1 
ATOM   422  C CB  . ILE A 1 59 ? -4.932  4.153   -8.154  1.00 39.62 ? 54  ILE A CB  1 
ATOM   423  C CG1 . ILE A 1 59 ? -4.968  2.768   -8.814  1.00 38.65 ? 54  ILE A CG1 1 
ATOM   424  C CG2 . ILE A 1 59 ? -3.513  4.517   -7.744  1.00 38.97 ? 54  ILE A CG2 1 
ATOM   425  C CD1 . ILE A 1 59 ? -4.183  2.654   -10.082 1.00 37.53 ? 54  ILE A CD1 1 
ATOM   426  N N   . PRO A 1 60 ? -5.699  5.093   -4.679  1.00 40.01 ? 55  PRO A N   1 
ATOM   427  C CA  . PRO A 1 60 ? -5.502  6.180   -3.728  1.00 40.22 ? 55  PRO A CA  1 
ATOM   428  C C   . PRO A 1 60 ? -4.269  7.003   -4.089  1.00 40.49 ? 55  PRO A C   1 
ATOM   429  O O   . PRO A 1 60 ? -3.324  6.472   -4.672  1.00 40.84 ? 55  PRO A O   1 
ATOM   430  C CB  . PRO A 1 60 ? -5.312  5.443   -2.406  1.00 40.13 ? 55  PRO A CB  1 
ATOM   431  C CG  . PRO A 1 60 ? -6.124  4.205   -2.567  1.00 39.85 ? 55  PRO A CG  1 
ATOM   432  C CD  . PRO A 1 60 ? -5.903  3.805   -3.996  1.00 40.09 ? 55  PRO A CD  1 
ATOM   433  N N   . ASP A 1 61 ? -4.286  8.294   -3.771  1.00 40.53 ? 56  ASP A N   1 
ATOM   434  C CA  . ASP A 1 61 ? -3.229  9.190   -4.215  1.00 40.67 ? 56  ASP A CA  1 
ATOM   435  C C   . ASP A 1 61 ? -1.876  8.783   -3.695  1.00 40.14 ? 56  ASP A C   1 
ATOM   436  O O   . ASP A 1 61 ? -0.902  8.856   -4.426  1.00 40.54 ? 56  ASP A O   1 
ATOM   437  C CB  . ASP A 1 61 ? -3.513  10.626  -3.794  1.00 41.04 ? 56  ASP A CB  1 
ATOM   438  C CG  . ASP A 1 61 ? -4.839  11.137  -4.318  1.00 42.68 ? 56  ASP A CG  1 
ATOM   439  O OD1 . ASP A 1 61 ? -5.121  12.328  -4.057  1.00 45.57 ? 56  ASP A OD1 1 
ATOM   440  O OD2 . ASP A 1 61 ? -5.593  10.372  -4.975  1.00 42.40 ? 56  ASP A OD2 1 
ATOM   441  N N   . GLU A 1 62 ? -1.809  8.373   -2.435  1.00 39.52 ? 57  GLU A N   1 
ATOM   442  C CA  . GLU A 1 62 ? -0.543  7.922   -1.858  1.00 39.69 ? 57  GLU A CA  1 
ATOM   443  C C   . GLU A 1 62 ? 0.108   6.882   -2.781  1.00 39.66 ? 57  GLU A C   1 
ATOM   444  O O   . GLU A 1 62 ? 1.324   6.890   -2.971  1.00 39.79 ? 57  GLU A O   1 
ATOM   445  C CB  . GLU A 1 62 ? -0.728  7.309   -0.458  1.00 39.42 ? 57  GLU A CB  1 
ATOM   446  C CG  . GLU A 1 62 ? -2.081  7.578   0.200   1.00 39.41 ? 57  GLU A CG  1 
ATOM   447  C CD  . GLU A 1 62 ? -2.811  6.285   0.586   1.00 38.40 ? 57  GLU A CD  1 
ATOM   448  O OE1 . GLU A 1 62 ? -2.440  5.641   1.591   1.00 38.52 ? 57  GLU A OE1 1 
ATOM   449  O OE2 . GLU A 1 62 ? -3.763  5.905   -0.120  1.00 38.22 ? 57  GLU A OE2 1 
ATOM   450  N N   . GLN A 1 63 ? -0.720  6.010   -3.360  1.00 39.69 ? 58  GLN A N   1 
ATOM   451  C CA  . GLN A 1 63 ? -0.273  4.924   -4.229  1.00 39.75 ? 58  GLN A CA  1 
ATOM   452  C C   . GLN A 1 63 ? 0.079   5.431   -5.609  1.00 39.92 ? 58  GLN A C   1 
ATOM   453  O O   . GLN A 1 63 ? 1.131   5.080   -6.127  1.00 40.25 ? 58  GLN A O   1 
ATOM   454  C CB  . GLN A 1 63 ? -1.326  3.809   -4.345  1.00 39.81 ? 58  GLN A CB  1 
ATOM   455  C CG  . GLN A 1 63 ? -2.208  3.567   -3.092  1.00 39.81 ? 58  GLN A CG  1 
ATOM   456  C CD  . GLN A 1 63 ? -1.422  3.334   -1.806  1.00 39.22 ? 58  GLN A CD  1 
ATOM   457  O OE1 . GLN A 1 63 ? -0.244  2.984   -1.829  1.00 38.60 ? 58  GLN A OE1 1 
ATOM   458  N NE2 . GLN A 1 63 ? -2.088  3.516   -0.674  1.00 39.17 ? 58  GLN A NE2 1 
ATOM   459  N N   . ALA A 1 64 ? -0.796  6.249   -6.197  1.00 40.05 ? 59  ALA A N   1 
ATOM   460  C CA  . ALA A 1 64 ? -0.580  6.841   -7.526  1.00 40.00 ? 59  ALA A CA  1 
ATOM   461  C C   . ALA A 1 64 ? 0.737   7.597   -7.649  1.00 40.27 ? 59  ALA A C   1 
ATOM   462  O O   . ALA A 1 64 ? 1.383   7.542   -8.689  1.00 40.41 ? 59  ALA A O   1 
ATOM   463  C CB  . ALA A 1 64 ? -1.730  7.750   -7.896  1.00 40.01 ? 59  ALA A CB  1 
ATOM   464  N N   . GLU A 1 65 ? 1.138   8.299   -6.592  1.00 40.30 ? 60  GLU A N   1 
ATOM   465  C CA  . GLU A 1 65 ? 2.398   9.024   -6.608  1.00 40.20 ? 60  GLU A CA  1 
ATOM   466  C C   . GLU A 1 65 ? 3.611   8.085   -6.479  1.00 39.91 ? 60  GLU A C   1 
ATOM   467  O O   . GLU A 1 65 ? 4.709   8.429   -6.932  1.00 40.13 ? 60  GLU A O   1 
ATOM   468  C CB  . GLU A 1 65 ? 2.398   10.136  -5.548  1.00 40.42 ? 60  GLU A CB  1 
ATOM   469  C CG  . GLU A 1 65 ? 2.978   9.749   -4.182  1.00 42.07 ? 60  GLU A CG  1 
ATOM   470  C CD  . GLU A 1 65 ? 2.284   10.437  -2.984  1.00 44.39 ? 60  GLU A CD  1 
ATOM   471  O OE1 . GLU A 1 65 ? 1.621   11.508  -3.159  1.00 44.16 ? 60  GLU A OE1 1 
ATOM   472  O OE2 . GLU A 1 65 ? 2.413   9.884   -1.859  1.00 44.17 ? 60  GLU A OE2 1 
ATOM   473  N N   . LYS A 1 66 ? 3.421   6.904   -5.885  1.00 39.49 ? 61  LYS A N   1 
ATOM   474  C CA  . LYS A 1 66 ? 4.503   5.892   -5.791  1.00 39.07 ? 61  LYS A CA  1 
ATOM   475  C C   . LYS A 1 66 ? 4.826   5.193   -7.134  1.00 38.65 ? 61  LYS A C   1 
ATOM   476  O O   . LYS A 1 66 ? 5.885   4.574   -7.264  1.00 38.37 ? 61  LYS A O   1 
ATOM   477  C CB  . LYS A 1 66 ? 4.199   4.837   -4.713  1.00 39.04 ? 61  LYS A CB  1 
ATOM   478  C CG  . LYS A 1 66 ? 3.988   5.373   -3.279  1.00 39.20 ? 61  LYS A CG  1 
ATOM   479  C CD  . LYS A 1 66 ? 5.202   5.210   -2.367  1.00 38.31 ? 61  LYS A CD  1 
ATOM   480  C CE  . LYS A 1 66 ? 6.112   6.429   -2.390  1.00 39.12 ? 61  LYS A CE  1 
ATOM   481  N NZ  . LYS A 1 66 ? 7.236   6.242   -1.431  1.00 40.06 ? 61  LYS A NZ  1 
ATOM   482  N N   . ILE A 1 67 ? 3.923   5.326   -8.117  1.00 38.25 ? 62  ILE A N   1 
ATOM   483  C CA  . ILE A 1 67 ? 3.984   4.612   -9.411  1.00 37.96 ? 62  ILE A CA  1 
ATOM   484  C C   . ILE A 1 67 ? 4.932   5.218   -10.475 1.00 37.62 ? 62  ILE A C   1 
ATOM   485  O O   . ILE A 1 67 ? 4.574   6.178   -11.178 1.00 37.44 ? 62  ILE A O   1 
ATOM   486  C CB  . ILE A 1 67 ? 2.562   4.403   -10.004 1.00 38.11 ? 62  ILE A CB  1 
ATOM   487  C CG1 . ILE A 1 67 ? 1.769   3.408   -9.156  1.00 37.69 ? 62  ILE A CG1 1 
ATOM   488  C CG2 . ILE A 1 67 ? 2.635   3.895   -11.442 1.00 38.83 ? 62  ILE A CG2 1 
ATOM   489  C CD1 . ILE A 1 67 ? 0.283   3.391   -9.470  1.00 38.53 ? 62  ILE A CD1 1 
ATOM   490  N N   . VAL A 1 68 ? 6.113   4.604   -10.598 1.00 36.80 ? 63  VAL A N   1 
ATOM   491  C CA  . VAL A 1 68 ? 7.239   5.096   -11.399 1.00 35.94 ? 63  VAL A CA  1 
ATOM   492  C C   . VAL A 1 68 ? 7.362   4.385   -12.759 1.00 35.50 ? 63  VAL A C   1 
ATOM   493  O O   . VAL A 1 68 ? 7.716   5.017   -13.775 1.00 35.22 ? 63  VAL A O   1 
ATOM   494  C CB  . VAL A 1 68 ? 8.582   4.878   -10.630 1.00 36.30 ? 63  VAL A CB  1 
ATOM   495  C CG1 . VAL A 1 68 ? 9.716   5.736   -11.211 1.00 35.39 ? 63  VAL A CG1 1 
ATOM   496  C CG2 . VAL A 1 68 ? 8.410   5.157   -9.135  1.00 36.42 ? 63  VAL A CG2 1 
ATOM   497  N N   . ASN A 1 69 ? 7.101   3.075   -12.763 1.00 34.13 ? 64  ASN A N   1 
ATOM   498  C CA  . ASN A 1 69 ? 7.267   2.242   -13.954 1.00 33.41 ? 64  ASN A CA  1 
ATOM   499  C C   . ASN A 1 69 ? 6.012   1.424   -14.273 1.00 32.94 ? 64  ASN A C   1 
ATOM   500  O O   . ASN A 1 69 ? 5.056   1.450   -13.500 1.00 33.15 ? 64  ASN A O   1 
ATOM   501  C CB  . ASN A 1 69 ? 8.520   1.352   -13.829 1.00 33.35 ? 64  ASN A CB  1 
ATOM   502  C CG  . ASN A 1 69 ? 8.547   0.525   -12.541 1.00 33.27 ? 64  ASN A CG  1 
ATOM   503  O OD1 . ASN A 1 69 ? 9.390   0.739   -11.665 1.00 32.81 ? 64  ASN A OD1 1 
ATOM   504  N ND2 . ASN A 1 69 ? 7.631   -0.426  -12.428 1.00 32.41 ? 64  ASN A ND2 1 
ATOM   505  N N   . VAL A 1 70 ? 6.002   0.700   -15.397 1.00 32.34 ? 65  VAL A N   1 
ATOM   506  C CA  . VAL A 1 70 ? 4.807   -0.100  -15.761 1.00 31.53 ? 65  VAL A CA  1 
ATOM   507  C C   . VAL A 1 70 ? 4.595   -1.312  -14.867 1.00 31.77 ? 65  VAL A C   1 
ATOM   508  O O   . VAL A 1 70 ? 3.485   -1.851  -14.793 1.00 31.85 ? 65  VAL A O   1 
ATOM   509  C CB  . VAL A 1 70 ? 4.690   -0.449  -17.288 1.00 31.25 ? 65  VAL A CB  1 
ATOM   510  C CG1 . VAL A 1 70 ? 5.843   0.103   -18.086 1.00 30.89 ? 65  VAL A CG1 1 
ATOM   511  C CG2 . VAL A 1 70 ? 4.483   -1.922  -17.532 1.00 30.39 ? 65  VAL A CG2 1 
ATOM   512  N N   . GLY A 1 71 ? 5.653   -1.725  -14.171 1.00 31.60 ? 66  GLY A N   1 
ATOM   513  C CA  . GLY A 1 71 ? 5.537   -2.786  -13.177 1.00 31.25 ? 66  GLY A CA  1 
ATOM   514  C C   . GLY A 1 71 ? 4.741   -2.335  -11.970 1.00 31.25 ? 66  GLY A C   1 
ATOM   515  O O   . GLY A 1 71 ? 3.916   -3.096  -11.453 1.00 31.27 ? 66  GLY A O   1 
ATOM   516  N N   . ASP A 1 72 ? 4.984   -1.100  -11.522 1.00 31.51 ? 67  ASP A N   1 
ATOM   517  C CA  . ASP A 1 72 ? 4.285   -0.523  -10.366 1.00 31.81 ? 67  ASP A CA  1 
ATOM   518  C C   . ASP A 1 72 ? 2.789   -0.497  -10.619 1.00 32.11 ? 67  ASP A C   1 
ATOM   519  O O   . ASP A 1 72 ? 2.002   -0.933  -9.772  1.00 32.25 ? 67  ASP A O   1 
ATOM   520  C CB  . ASP A 1 72 ? 4.777   0.899   -10.075 1.00 31.95 ? 67  ASP A CB  1 
ATOM   521  C CG  . ASP A 1 72 ? 6.227   0.938   -9.633  1.00 32.21 ? 67  ASP A CG  1 
ATOM   522  O OD1 . ASP A 1 72 ? 6.674   -0.029  -8.968  1.00 32.11 ? 67  ASP A OD1 1 
ATOM   523  O OD2 . ASP A 1 72 ? 6.917   1.940   -9.948  1.00 31.03 ? 67  ASP A OD2 1 
ATOM   524  N N   . VAL A 1 73 ? 2.396   -0.008  -11.795 1.00 32.34 ? 68  VAL A N   1 
ATOM   525  C CA  . VAL A 1 73 ? 0.980   0.072   -12.123 1.00 32.69 ? 68  VAL A CA  1 
ATOM   526  C C   . VAL A 1 73 ? 0.353   -1.314  -12.245 1.00 32.65 ? 68  VAL A C   1 
ATOM   527  O O   . VAL A 1 73 ? -0.699  -1.569  -11.669 1.00 32.35 ? 68  VAL A O   1 
ATOM   528  C CB  . VAL A 1 73 ? 0.666   0.982   -13.353 1.00 32.79 ? 68  VAL A CB  1 
ATOM   529  C CG1 . VAL A 1 73 ? 1.488   0.617   -14.563 1.00 33.55 ? 68  VAL A CG1 1 
ATOM   530  C CG2 . VAL A 1 73 ? -0.785  0.884   -13.711 1.00 32.23 ? 68  VAL A CG2 1 
ATOM   531  N N   . VAL A 1 74 ? 1.002   -2.215  -12.973 1.00 33.24 ? 69  VAL A N   1 
ATOM   532  C CA  . VAL A 1 74 ? 0.470   -3.576  -13.106 1.00 33.80 ? 69  VAL A CA  1 
ATOM   533  C C   . VAL A 1 74 ? 0.300   -4.242  -11.730 1.00 34.06 ? 69  VAL A C   1 
ATOM   534  O O   . VAL A 1 74 ? -0.779  -4.717  -11.389 1.00 33.57 ? 69  VAL A O   1 
ATOM   535  C CB  . VAL A 1 74 ? 1.332   -4.453  -14.044 1.00 33.96 ? 69  VAL A CB  1 
ATOM   536  C CG1 . VAL A 1 74 ? 0.834   -5.907  -14.032 1.00 33.68 ? 69  VAL A CG1 1 
ATOM   537  C CG2 . VAL A 1 74 ? 1.315   -3.888  -15.479 1.00 34.17 ? 69  VAL A CG2 1 
ATOM   538  N N   . LYS A 1 75 ? 1.367   -4.238  -10.936 1.00 34.75 ? 70  LYS A N   1 
ATOM   539  C CA  . LYS A 1 75 ? 1.371   -4.933  -9.656  1.00 35.31 ? 70  LYS A CA  1 
ATOM   540  C C   . LYS A 1 75 ? 0.317   -4.344  -8.732  1.00 34.97 ? 70  LYS A C   1 
ATOM   541  O O   . LYS A 1 75 ? -0.182  -5.031  -7.840  1.00 35.16 ? 70  LYS A O   1 
ATOM   542  C CB  . LYS A 1 75 ? 2.769   -4.883  -9.034  1.00 35.91 ? 70  LYS A CB  1 
ATOM   543  C CG  . LYS A 1 75 ? 2.913   -5.506  -7.645  1.00 37.69 ? 70  LYS A CG  1 
ATOM   544  C CD  . LYS A 1 75 ? 4.098   -4.878  -6.896  1.00 40.90 ? 70  LYS A CD  1 
ATOM   545  C CE  . LYS A 1 75 ? 3.904   -3.351  -6.633  1.00 42.49 ? 70  LYS A CE  1 
ATOM   546  N NZ  . LYS A 1 75 ? 5.209   -2.604  -6.621  1.00 41.13 ? 70  LYS A NZ  1 
ATOM   547  N N   . TYR A 1 76 ? -0.057  -3.090  -8.954  1.00 34.44 ? 71  TYR A N   1 
ATOM   548  C CA  . TYR A 1 76 ? -1.145  -2.557  -8.167  1.00 33.95 ? 71  TYR A CA  1 
ATOM   549  C C   . TYR A 1 76 ? -2.483  -3.099  -8.632  1.00 33.98 ? 71  TYR A C   1 
ATOM   550  O O   . TYR A 1 76 ? -3.170  -3.773  -7.850  1.00 34.19 ? 71  TYR A O   1 
ATOM   551  C CB  . TYR A 1 76 ? -1.181  -1.038  -8.122  1.00 34.03 ? 71  TYR A CB  1 
ATOM   552  C CG  . TYR A 1 76 ? -2.167  -0.542  -7.077  1.00 34.23 ? 71  TYR A CG  1 
ATOM   553  C CD1 . TYR A 1 76 ? -1.743  -0.269  -5.771  1.00 33.96 ? 71  TYR A CD1 1 
ATOM   554  C CD2 . TYR A 1 76 ? -3.527  -0.376  -7.380  1.00 33.93 ? 71  TYR A CD2 1 
ATOM   555  C CE1 . TYR A 1 76 ? -2.639  0.176   -4.794  1.00 33.52 ? 71  TYR A CE1 1 
ATOM   556  C CE2 . TYR A 1 76 ? -4.434  0.073   -6.400  1.00 34.18 ? 71  TYR A CE2 1 
ATOM   557  C CZ  . TYR A 1 76 ? -3.968  0.347   -5.118  1.00 33.53 ? 71  TYR A CZ  1 
ATOM   558  O OH  . TYR A 1 76 ? -4.825  0.776   -4.148  1.00 34.74 ? 71  TYR A OH  1 
ATOM   559  N N   . ILE A 1 77 ? -2.856  -2.816  -9.881  1.00 33.21 ? 72  ILE A N   1 
ATOM   560  C CA  . ILE A 1 77 ? -4.145  -3.269  -10.391 1.00 33.31 ? 72  ILE A CA  1 
ATOM   561  C C   . ILE A 1 77 ? -4.436  -4.700  -9.926  1.00 34.25 ? 72  ILE A C   1 
ATOM   562  O O   . ILE A 1 77 ? -5.460  -4.915  -9.283  1.00 34.03 ? 72  ILE A O   1 
ATOM   563  C CB  . ILE A 1 77 ? -4.295  -3.111  -11.949 1.00 33.14 ? 72  ILE A CB  1 
ATOM   564  C CG1 . ILE A 1 77 ? -4.740  -1.693  -12.313 1.00 31.72 ? 72  ILE A CG1 1 
ATOM   565  C CG2 . ILE A 1 77 ? -5.344  -4.069  -12.514 1.00 32.47 ? 72  ILE A CG2 1 
ATOM   566  C CD1 . ILE A 1 77 ? -3.666  -0.832  -12.808 1.00 28.37 ? 72  ILE A CD1 1 
ATOM   567  N N   . GLU A 1 78 ? -3.520  -5.648  -10.211 1.00 35.31 ? 73  GLU A N   1 
ATOM   568  C CA  . GLU A 1 78 ? -3.716  -7.077  -9.904  1.00 36.23 ? 73  GLU A CA  1 
ATOM   569  C C   . GLU A 1 78 ? -3.714  -7.401  -8.417  1.00 36.74 ? 73  GLU A C   1 
ATOM   570  O O   . GLU A 1 78 ? -4.400  -8.338  -7.995  1.00 36.89 ? 73  GLU A O   1 
ATOM   571  C CB  . GLU A 1 78 ? -2.696  -7.953  -10.611 1.00 36.36 ? 73  GLU A CB  1 
ATOM   572  C CG  . GLU A 1 78 ? -1.592  -8.489  -9.711  1.00 38.40 ? 73  GLU A CG  1 
ATOM   573  C CD  . GLU A 1 78 ? -0.261  -8.608  -10.437 1.00 42.35 ? 73  GLU A CD  1 
ATOM   574  O OE1 . GLU A 1 78 ? 0.790   -8.782  -9.750  1.00 41.48 ? 73  GLU A OE1 1 
ATOM   575  O OE2 . GLU A 1 78 ? -0.276  -8.514  -11.703 1.00 43.77 ? 73  GLU A OE2 1 
ATOM   576  N N   . ASP A 1 79 ? -2.950  -6.653  -7.619  1.00 37.04 ? 74  ASP A N   1 
ATOM   577  C CA  . ASP A 1 79 ? -3.075  -6.771  -6.160  1.00 37.40 ? 74  ASP A CA  1 
ATOM   578  C C   . ASP A 1 79 ? -4.408  -6.201  -5.634  1.00 37.63 ? 74  ASP A C   1 
ATOM   579  O O   . ASP A 1 79 ? -4.822  -6.506  -4.514  1.00 37.98 ? 74  ASP A O   1 
ATOM   580  C CB  . ASP A 1 79 ? -1.873  -6.140  -5.455  1.00 37.45 ? 74  ASP A CB  1 
ATOM   581  C CG  . ASP A 1 79 ? -0.692  -7.091  -5.372  1.00 38.14 ? 74  ASP A CG  1 
ATOM   582  O OD1 . ASP A 1 79 ? 0.472   -6.625  -5.302  1.00 37.73 ? 74  ASP A OD1 1 
ATOM   583  O OD2 . ASP A 1 79 ? -0.937  -8.319  -5.387  1.00 39.06 ? 74  ASP A OD2 1 
ATOM   584  N N   . ASN A 1 80 ? -5.078  -5.396  -6.462  1.00 37.88 ? 75  ASN A N   1 
ATOM   585  C CA  . ASN A 1 80 ? -6.391  -4.803  -6.146  1.00 37.85 ? 75  ASN A CA  1 
ATOM   586  C C   . ASN A 1 80 ? -7.426  -4.999  -7.275  1.00 38.17 ? 75  ASN A C   1 
ATOM   587  O O   . ASN A 1 80 ? -8.639  -5.036  -7.047  1.00 37.99 ? 75  ASN A O   1 
ATOM   588  C CB  . ASN A 1 80 ? -6.207  -3.314  -5.839  1.00 37.34 ? 75  ASN A CB  1 
ATOM   589  C CG  . ASN A 1 80 ? -5.431  -3.092  -4.568  1.00 37.13 ? 75  ASN A CG  1 
ATOM   590  O OD1 . ASN A 1 80 ? -4.233  -2.770  -4.585  1.00 35.20 ? 75  ASN A OD1 1 
ATOM   591  N ND2 . ASN A 1 80 ? -6.094  -3.325  -3.443  1.00 37.37 ? 75  ASN A ND2 1 
ATOM   592  N N   . ALA B 1 7  ? -12.820 10.547  -3.255  1.00 34.18 ? 2   ALA B N   1 
ATOM   593  C CA  . ALA B 1 7  ? -13.520 10.629  -1.939  1.00 34.32 ? 2   ALA B CA  1 
ATOM   594  C C   . ALA B 1 7  ? -13.356 9.354   -1.095  1.00 34.25 ? 2   ALA B C   1 
ATOM   595  O O   . ALA B 1 7  ? -13.853 8.283   -1.466  1.00 34.34 ? 2   ALA B O   1 
ATOM   596  C CB  . ALA B 1 7  ? -14.997 10.975  -2.135  1.00 34.28 ? 2   ALA B CB  1 
ATOM   597  N N   . LEU B 1 8  ? -12.665 9.489   0.041   1.00 34.05 ? 3   LEU B N   1 
ATOM   598  C CA  . LEU B 1 8  ? -12.248 8.360   0.888   1.00 33.73 ? 3   LEU B CA  1 
ATOM   599  C C   . LEU B 1 8  ? -13.359 7.464   1.397   1.00 33.79 ? 3   LEU B C   1 
ATOM   600  O O   . LEU B 1 8  ? -13.190 6.252   1.418   1.00 33.93 ? 3   LEU B O   1 
ATOM   601  C CB  . LEU B 1 8  ? -11.404 8.840   2.074   1.00 33.59 ? 3   LEU B CB  1 
ATOM   602  C CG  . LEU B 1 8  ? -10.921 7.761   3.047   1.00 33.61 ? 3   LEU B CG  1 
ATOM   603  C CD1 . LEU B 1 8  ? -9.965  6.795   2.344   1.00 33.06 ? 3   LEU B CD1 1 
ATOM   604  C CD2 . LEU B 1 8  ? -10.260 8.385   4.266   1.00 33.22 ? 3   LEU B CD2 1 
ATOM   605  N N   . PHE B 1 9  ? -14.478 8.048   1.832   1.00 34.28 ? 4   PHE B N   1 
ATOM   606  C CA  . PHE B 1 9  ? -15.612 7.253   2.346   1.00 34.02 ? 4   PHE B CA  1 
ATOM   607  C C   . PHE B 1 9  ? -16.223 6.360   1.279   1.00 34.44 ? 4   PHE B C   1 
ATOM   608  O O   . PHE B 1 9  ? -16.428 5.185   1.523   1.00 34.43 ? 4   PHE B O   1 
ATOM   609  C CB  . PHE B 1 9  ? -16.709 8.099   3.036   1.00 33.35 ? 4   PHE B CB  1 
ATOM   610  C CG  . PHE B 1 9  ? -17.918 7.280   3.461   1.00 32.53 ? 4   PHE B CG  1 
ATOM   611  C CD1 . PHE B 1 9  ? -17.896 6.542   4.648   1.00 31.72 ? 4   PHE B CD1 1 
ATOM   612  C CD2 . PHE B 1 9  ? -19.054 7.199   2.650   1.00 30.44 ? 4   PHE B CD2 1 
ATOM   613  C CE1 . PHE B 1 9  ? -18.995 5.750   5.022   1.00 30.84 ? 4   PHE B CE1 1 
ATOM   614  C CE2 . PHE B 1 9  ? -20.155 6.412   3.021   1.00 29.86 ? 4   PHE B CE2 1 
ATOM   615  C CZ  . PHE B 1 9  ? -20.126 5.690   4.209   1.00 29.89 ? 4   PHE B CZ  1 
ATOM   616  N N   . GLU B 1 10 ? -16.514 6.923   0.107   1.00 35.42 ? 5   GLU B N   1 
ATOM   617  C CA  . GLU B 1 10 ? -17.146 6.176   -0.986  1.00 36.77 ? 5   GLU B CA  1 
ATOM   618  C C   . GLU B 1 10 ? -16.238 5.078   -1.514  1.00 36.64 ? 5   GLU B C   1 
ATOM   619  O O   . GLU B 1 10 ? -16.710 4.071   -2.046  1.00 36.67 ? 5   GLU B O   1 
ATOM   620  C CB  . GLU B 1 10 ? -17.516 7.118   -2.137  1.00 36.76 ? 5   GLU B CB  1 
ATOM   621  C CG  . GLU B 1 10 ? -18.517 8.224   -1.763  1.00 38.32 ? 5   GLU B CG  1 
ATOM   622  C CD  . GLU B 1 10 ? -18.859 9.166   -2.932  1.00 38.85 ? 5   GLU B CD  1 
ATOM   623  O OE1 . GLU B 1 10 ? -18.633 8.788   -4.119  1.00 40.70 ? 5   GLU B OE1 1 
ATOM   624  O OE2 . GLU B 1 10 ? -19.364 10.288  -2.657  1.00 40.82 ? 5   GLU B OE2 1 
ATOM   625  N N   . ASP B 1 11 ? -14.934 5.314   -1.352  1.00 37.23 ? 6   ASP B N   1 
ATOM   626  C CA  . ASP B 1 11 ? -13.827 4.492   -1.840  1.00 37.47 ? 6   ASP B CA  1 
ATOM   627  C C   . ASP B 1 11 ? -13.818 3.206   -1.023  1.00 36.88 ? 6   ASP B C   1 
ATOM   628  O O   . ASP B 1 11 ? -13.619 2.121   -1.573  1.00 37.48 ? 6   ASP B O   1 
ATOM   629  C CB  . ASP B 1 11 ? -12.512 5.278   -1.642  1.00 38.22 ? 6   ASP B CB  1 
ATOM   630  C CG  . ASP B 1 11 ? -11.379 4.856   -2.602  1.00 41.31 ? 6   ASP B CG  1 
ATOM   631  O OD1 . ASP B 1 11 ? -10.341 5.594   -2.664  1.00 43.55 ? 6   ASP B OD1 1 
ATOM   632  O OD2 . ASP B 1 11 ? -11.507 3.800   -3.284  1.00 44.25 ? 6   ASP B OD2 1 
ATOM   633  N N   . ILE B 1 12 ? -14.057 3.351   0.281   1.00 35.70 ? 7   ILE B N   1 
ATOM   634  C CA  . ILE B 1 12 ? -14.138 2.250   1.238   1.00 34.46 ? 7   ILE B CA  1 
ATOM   635  C C   . ILE B 1 12 ? -15.541 1.643   1.279   1.00 34.64 ? 7   ILE B C   1 
ATOM   636  O O   . ILE B 1 12 ? -15.712 0.406   1.363   1.00 35.05 ? 7   ILE B O   1 
ATOM   637  C CB  . ILE B 1 12 ? -13.747 2.746   2.658   1.00 34.43 ? 7   ILE B CB  1 
ATOM   638  C CG1 . ILE B 1 12 ? -12.306 3.260   2.646   1.00 33.26 ? 7   ILE B CG1 1 
ATOM   639  C CG2 . ILE B 1 12 ? -13.946 1.657   3.714   1.00 32.43 ? 7   ILE B CG2 1 
ATOM   640  C CD1 . ILE B 1 12 ? -11.902 4.056   3.859   1.00 32.31 ? 7   ILE B CD1 1 
ATOM   641  N N   . GLN B 1 13 ? -16.551 2.506   1.223   1.00 33.89 ? 8   GLN B N   1 
ATOM   642  C CA  . GLN B 1 13 ? -17.939 2.056   1.248   1.00 33.45 ? 8   GLN B CA  1 
ATOM   643  C C   . GLN B 1 13 ? -18.166 1.035   0.143   1.00 33.12 ? 8   GLN B C   1 
ATOM   644  O O   . GLN B 1 13 ? -18.878 0.046   0.340   1.00 33.27 ? 8   GLN B O   1 
ATOM   645  C CB  . GLN B 1 13 ? -18.895 3.249   1.115   1.00 33.03 ? 8   GLN B CB  1 
ATOM   646  C CG  . GLN B 1 13 ? -20.286 2.911   0.589   1.00 33.01 ? 8   GLN B CG  1 
ATOM   647  C CD  . GLN B 1 13 ? -21.152 4.132   0.380   1.00 33.20 ? 8   GLN B CD  1 
ATOM   648  O OE1 . GLN B 1 13 ? -22.348 4.119   0.693   1.00 32.98 ? 8   GLN B OE1 1 
ATOM   649  N NE2 . GLN B 1 13 ? -20.554 5.207   -0.136  1.00 34.03 ? 8   GLN B NE2 1 
ATOM   650  N N   . ALA B 1 14 ? -17.537 1.293   -1.004  1.00 33.21 ? 9   ALA B N   1 
ATOM   651  C CA  . ALA B 1 14 ? -17.668 0.462   -2.209  1.00 33.28 ? 9   ALA B CA  1 
ATOM   652  C C   . ALA B 1 14 ? -17.008 -0.898  -2.034  1.00 33.03 ? 9   ALA B C   1 
ATOM   653  O O   . ALA B 1 14 ? -17.640 -1.896  -2.313  1.00 32.93 ? 9   ALA B O   1 
ATOM   654  C CB  . ALA B 1 14 ? -17.134 1.184   -3.455  1.00 33.10 ? 9   ALA B CB  1 
ATOM   655  N N   . VAL B 1 15 ? -15.774 -0.955  -1.531  1.00 32.95 ? 10  VAL B N   1 
ATOM   656  C CA  . VAL B 1 15 ? -15.155 -2.275  -1.293  1.00 33.06 ? 10  VAL B CA  1 
ATOM   657  C C   . VAL B 1 15 ? -15.898 -3.076  -0.226  1.00 33.68 ? 10  VAL B C   1 
ATOM   658  O O   . VAL B 1 15 ? -15.877 -4.308  -0.236  1.00 34.00 ? 10  VAL B O   1 
ATOM   659  C CB  . VAL B 1 15 ? -13.597 -2.245  -1.065  1.00 32.93 ? 10  VAL B CB  1 
ATOM   660  C CG1 . VAL B 1 15 ? -13.053 -0.817  -0.896  1.00 32.41 ? 10  VAL B CG1 1 
ATOM   661  C CG2 . VAL B 1 15 ? -13.180 -3.162  0.079   1.00 31.65 ? 10  VAL B CG2 1 
ATOM   662  N N   . ILE B 1 16 ? -16.582 -2.381  0.681   1.00 33.97 ? 11  ILE B N   1 
ATOM   663  C CA  . ILE B 1 16 ? -17.483 -3.066  1.608   1.00 34.00 ? 11  ILE B CA  1 
ATOM   664  C C   . ILE B 1 16 ? -18.718 -3.576  0.857   1.00 34.83 ? 11  ILE B C   1 
ATOM   665  O O   . ILE B 1 16 ? -19.137 -4.715  1.051   1.00 34.83 ? 11  ILE B O   1 
ATOM   666  C CB  . ILE B 1 16 ? -17.856 -2.188  2.811   1.00 33.67 ? 11  ILE B CB  1 
ATOM   667  C CG1 . ILE B 1 16 ? -16.617 -2.012  3.697   1.00 32.27 ? 11  ILE B CG1 1 
ATOM   668  C CG2 . ILE B 1 16 ? -19.027 -2.808  3.597   1.00 32.84 ? 11  ILE B CG2 1 
ATOM   669  C CD1 . ILE B 1 16 ? -16.656 -0.834  4.627   1.00 29.83 ? 11  ILE B CD1 1 
ATOM   670  N N   . ALA B 1 17 ? -19.281 -2.746  -0.022  1.00 35.58 ? 12  ALA B N   1 
ATOM   671  C CA  . ALA B 1 17 ? -20.381 -3.195  -0.870  1.00 36.54 ? 12  ALA B CA  1 
ATOM   672  C C   . ALA B 1 17 ? -20.092 -4.560  -1.553  1.00 36.64 ? 12  ALA B C   1 
ATOM   673  O O   . ALA B 1 17 ? -20.869 -5.490  -1.364  1.00 36.71 ? 12  ALA B O   1 
ATOM   674  C CB  . ALA B 1 17 ? -20.778 -2.114  -1.880  1.00 36.25 ? 12  ALA B CB  1 
ATOM   675  N N   . GLU B 1 18 ? -18.986 -4.683  -2.304  1.00 37.28 ? 13  GLU B N   1 
ATOM   676  C CA  . GLU B 1 18 ? -18.549 -5.973  -2.912  1.00 37.80 ? 13  GLU B CA  1 
ATOM   677  C C   . GLU B 1 18 ? -18.383 -7.060  -1.875  1.00 38.19 ? 13  GLU B C   1 
ATOM   678  O O   . GLU B 1 18 ? -19.087 -8.059  -1.897  1.00 38.74 ? 13  GLU B O   1 
ATOM   679  C CB  . GLU B 1 18 ? -17.183 -5.869  -3.602  1.00 38.04 ? 13  GLU B CB  1 
ATOM   680  C CG  . GLU B 1 18 ? -17.166 -5.170  -4.918  1.00 40.12 ? 13  GLU B CG  1 
ATOM   681  C CD  . GLU B 1 18 ? -17.296 -3.671  -4.766  1.00 42.53 ? 13  GLU B CD  1 
ATOM   682  O OE1 . GLU B 1 18 ? -18.440 -3.195  -4.613  1.00 45.47 ? 13  GLU B OE1 1 
ATOM   683  O OE2 . GLU B 1 18 ? -16.267 -2.962  -4.810  1.00 42.35 ? 13  GLU B OE2 1 
ATOM   684  N N   . GLN B 1 19 ? -17.434 -6.845  -0.968  1.00 38.33 ? 14  GLN B N   1 
ATOM   685  C CA  . GLN B 1 19 ? -16.959 -7.880  -0.087  1.00 38.51 ? 14  GLN B CA  1 
ATOM   686  C C   . GLN B 1 19 ? -18.087 -8.573  0.672   1.00 39.27 ? 14  GLN B C   1 
ATOM   687  O O   . GLN B 1 19 ? -18.071 -9.798  0.828   1.00 39.58 ? 14  GLN B O   1 
ATOM   688  C CB  . GLN B 1 19 ? -15.920 -7.308  0.862   1.00 38.32 ? 14  GLN B CB  1 
ATOM   689  C CG  . GLN B 1 19 ? -14.790 -8.259  1.175   1.00 38.28 ? 14  GLN B CG  1 
ATOM   690  C CD  . GLN B 1 19 ? -13.850 -8.456  -0.009  1.00 37.14 ? 14  GLN B CD  1 
ATOM   691  O OE1 . GLN B 1 19 ? -13.086 -7.562  -0.382  1.00 35.44 ? 14  GLN B OE1 1 
ATOM   692  N NE2 . GLN B 1 19 ? -13.904 -9.639  -0.601  1.00 37.23 ? 14  GLN B NE2 1 
ATOM   693  N N   . LEU B 1 20 ? -19.082 -7.806  1.116   1.00 39.73 ? 15  LEU B N   1 
ATOM   694  C CA  . LEU B 1 20 ? -20.152 -8.376  1.942   1.00 40.01 ? 15  LEU B CA  1 
ATOM   695  C C   . LEU B 1 20 ? -21.426 -8.655  1.154   1.00 40.22 ? 15  LEU B C   1 
ATOM   696  O O   . LEU B 1 20 ? -22.391 -9.158  1.702   1.00 40.34 ? 15  LEU B O   1 
ATOM   697  C CB  . LEU B 1 20 ? -20.457 -7.474  3.148   1.00 39.93 ? 15  LEU B CB  1 
ATOM   698  C CG  . LEU B 1 20 ? -19.326 -7.081  4.110   1.00 39.80 ? 15  LEU B CG  1 
ATOM   699  C CD1 . LEU B 1 20 ? -19.936 -6.559  5.387   1.00 36.97 ? 15  LEU B CD1 1 
ATOM   700  C CD2 . LEU B 1 20 ? -18.351 -8.246  4.408   1.00 41.05 ? 15  LEU B CD2 1 
ATOM   701  N N   . ASN B 1 21 ? -21.411 -8.335  -0.135  1.00 40.76 ? 16  ASN B N   1 
ATOM   702  C CA  . ASN B 1 21 ? -22.606 -8.391  -0.998  1.00 41.49 ? 16  ASN B CA  1 
ATOM   703  C C   . ASN B 1 21 ? -23.815 -7.594  -0.512  1.00 41.81 ? 16  ASN B C   1 
ATOM   704  O O   . ASN B 1 21 ? -24.826 -8.153  -0.054  1.00 41.89 ? 16  ASN B O   1 
ATOM   705  C CB  . ASN B 1 21 ? -22.974 -9.824  -1.381  1.00 41.69 ? 16  ASN B CB  1 
ATOM   706  C CG  . ASN B 1 21 ? -22.230 -10.282 -2.614  1.00 42.21 ? 16  ASN B CG  1 
ATOM   707  O OD1 . ASN B 1 21 ? -21.034 -10.592 -2.543  1.00 40.84 ? 16  ASN B OD1 1 
ATOM   708  N ND2 . ASN B 1 21 ? -22.921 -10.294 -3.767  1.00 41.14 ? 16  ASN B ND2 1 
ATOM   709  N N   . VAL B 1 22 ? -23.699 -6.273  -0.634  1.00 41.83 ? 17  VAL B N   1 
ATOM   710  C CA  . VAL B 1 22 ? -24.680 -5.365  -0.055  1.00 41.45 ? 17  VAL B CA  1 
ATOM   711  C C   . VAL B 1 22 ? -24.924 -4.169  -0.966  1.00 40.99 ? 17  VAL B C   1 
ATOM   712  O O   . VAL B 1 22 ? -24.086 -3.849  -1.806  1.00 40.80 ? 17  VAL B O   1 
ATOM   713  C CB  . VAL B 1 22 ? -24.250 -4.876  1.373   1.00 41.46 ? 17  VAL B CB  1 
ATOM   714  C CG1 . VAL B 1 22 ? -24.461 -5.976  2.420   1.00 41.33 ? 17  VAL B CG1 1 
ATOM   715  C CG2 . VAL B 1 22 ? -22.810 -4.387  1.384   1.00 40.89 ? 17  VAL B CG2 1 
ATOM   716  N N   . ASP B 1 23 ? -26.097 -3.551  -0.804  1.00 40.46 ? 18  ASP B N   1 
ATOM   717  C CA  . ASP B 1 23 ? -26.381 -2.220  -1.327  1.00 39.70 ? 18  ASP B CA  1 
ATOM   718  C C   . ASP B 1 23 ? -25.533 -1.203  -0.582  1.00 38.65 ? 18  ASP B C   1 
ATOM   719  O O   . ASP B 1 23 ? -25.283 -1.346  0.616   1.00 39.08 ? 18  ASP B O   1 
ATOM   720  C CB  . ASP B 1 23 ? -27.859 -1.877  -1.144  1.00 39.62 ? 18  ASP B CB  1 
ATOM   721  C CG  . ASP B 1 23 ? -28.760 -2.679  -2.062  1.00 41.96 ? 18  ASP B CG  1 
ATOM   722  O OD1 . ASP B 1 23 ? -28.517 -2.685  -3.305  1.00 44.16 ? 18  ASP B OD1 1 
ATOM   723  O OD2 . ASP B 1 23 ? -29.720 -3.301  -1.544  1.00 41.48 ? 18  ASP B OD2 1 
ATOM   724  N N   . ALA B 1 24 ? -25.102 -0.168  -1.288  1.00 37.34 ? 19  ALA B N   1 
ATOM   725  C CA  . ALA B 1 24 ? -24.299 0.886   -0.677  1.00 36.10 ? 19  ALA B CA  1 
ATOM   726  C C   . ALA B 1 24 ? -25.057 1.644   0.426   1.00 35.02 ? 19  ALA B C   1 
ATOM   727  O O   . ALA B 1 24 ? -24.439 2.159   1.365   1.00 35.17 ? 19  ALA B O   1 
ATOM   728  C CB  . ALA B 1 24 ? -23.773 1.844   -1.753  1.00 35.92 ? 19  ALA B CB  1 
ATOM   729  N N   . ALA B 1 25 ? -26.387 1.675   0.320   1.00 34.10 ? 20  ALA B N   1 
ATOM   730  C CA  . ALA B 1 25 ? -27.268 2.405   1.266   1.00 33.02 ? 20  ALA B CA  1 
ATOM   731  C C   . ALA B 1 25 ? -27.310 1.736   2.618   1.00 32.37 ? 20  ALA B C   1 
ATOM   732  O O   . ALA B 1 25 ? -27.700 2.349   3.612   1.00 31.99 ? 20  ALA B O   1 
ATOM   733  C CB  . ALA B 1 25 ? -28.680 2.531   0.710   1.00 32.64 ? 20  ALA B CB  1 
ATOM   734  N N   . GLN B 1 26 ? -26.924 0.463   2.638   1.00 32.23 ? 21  GLN B N   1 
ATOM   735  C CA  . GLN B 1 26 ? -26.716 -0.289  3.883   1.00 31.37 ? 21  GLN B CA  1 
ATOM   736  C C   . GLN B 1 26 ? -25.433 0.163   4.605   1.00 30.62 ? 21  GLN B C   1 
ATOM   737  O O   . GLN B 1 26 ? -25.366 0.196   5.840   1.00 29.58 ? 21  GLN B O   1 
ATOM   738  C CB  . GLN B 1 26 ? -26.611 -1.774  3.564   1.00 31.47 ? 21  GLN B CB  1 
ATOM   739  C CG  . GLN B 1 26 ? -27.771 -2.341  2.778   1.00 31.44 ? 21  GLN B CG  1 
ATOM   740  C CD  . GLN B 1 26 ? -28.055 -3.755  3.202   1.00 32.57 ? 21  GLN B CD  1 
ATOM   741  O OE1 . GLN B 1 26 ? -28.103 -4.666  2.384   1.00 33.97 ? 21  GLN B OE1 1 
ATOM   742  N NE2 . GLN B 1 26 ? -28.209 -3.956  4.505   1.00 33.25 ? 21  GLN B NE2 1 
ATOM   743  N N   . VAL B 1 27 ? -24.432 0.526   3.807   1.00 30.26 ? 22  VAL B N   1 
ATOM   744  C CA  . VAL B 1 27 ? -23.090 0.819   4.301   1.00 30.33 ? 22  VAL B CA  1 
ATOM   745  C C   . VAL B 1 27 ? -23.033 2.249   4.844   1.00 30.33 ? 22  VAL B C   1 
ATOM   746  O O   . VAL B 1 27 ? -22.412 3.137   4.262   1.00 30.46 ? 22  VAL B O   1 
ATOM   747  C CB  . VAL B 1 27 ? -22.027 0.552   3.187   1.00 30.35 ? 22  VAL B CB  1 
ATOM   748  C CG1 . VAL B 1 27 ? -20.618 0.528   3.763   1.00 30.00 ? 22  VAL B CG1 1 
ATOM   749  C CG2 . VAL B 1 27 ? -22.328 -0.782  2.496   1.00 29.73 ? 22  VAL B CG2 1 
ATOM   750  N N   . THR B 1 28 ? -23.729 2.463   5.955   1.00 30.58 ? 23  THR B N   1 
ATOM   751  C CA  . THR B 1 28 ? -23.676 3.734   6.674   1.00 31.20 ? 23  THR B CA  1 
ATOM   752  C C   . THR B 1 28 ? -22.465 3.749   7.641   1.00 31.60 ? 23  THR B C   1 
ATOM   753  O O   . THR B 1 28 ? -21.989 2.680   8.072   1.00 31.26 ? 23  THR B O   1 
ATOM   754  C CB  . THR B 1 28 ? -24.993 4.024   7.450   1.00 31.26 ? 23  THR B CB  1 
ATOM   755  O OG1 . THR B 1 28 ? -25.292 2.912   8.299   1.00 31.76 ? 23  THR B OG1 1 
ATOM   756  C CG2 . THR B 1 28 ? -26.171 4.273   6.496   1.00 29.65 ? 23  THR B CG2 1 
ATOM   757  N N   . PRO B 1 29 ? -21.946 4.958   7.961   1.00 31.64 ? 24  PRO B N   1 
ATOM   758  C CA  . PRO B 1 29 ? -20.834 5.025   8.899   1.00 31.79 ? 24  PRO B CA  1 
ATOM   759  C C   . PRO B 1 29 ? -21.135 4.237   10.174  1.00 32.28 ? 24  PRO B C   1 
ATOM   760  O O   . PRO B 1 29 ? -20.227 3.684   10.780  1.00 32.74 ? 24  PRO B O   1 
ATOM   761  C CB  . PRO B 1 29 ? -20.735 6.525   9.211   1.00 31.87 ? 24  PRO B CB  1 
ATOM   762  C CG  . PRO B 1 29 ? -21.263 7.199   7.992   1.00 31.32 ? 24  PRO B CG  1 
ATOM   763  C CD  . PRO B 1 29 ? -22.338 6.294   7.464   1.00 31.45 ? 24  PRO B CD  1 
ATOM   764  N N   . GLU B 1 30 ? -22.409 4.161   10.543  1.00 32.58 ? 25  GLU B N   1 
ATOM   765  C CA  . GLU B 1 30 ? -22.840 3.626   11.839  1.00 33.21 ? 25  GLU B CA  1 
ATOM   766  C C   . GLU B 1 30 ? -23.137 2.111   11.779  1.00 32.76 ? 25  GLU B C   1 
ATOM   767  O O   . GLU B 1 30 ? -23.182 1.454   12.812  1.00 33.20 ? 25  GLU B O   1 
ATOM   768  C CB  . GLU B 1 30 ? -24.068 4.428   12.329  1.00 33.40 ? 25  GLU B CB  1 
ATOM   769  C CG  . GLU B 1 30 ? -24.491 4.276   13.815  1.00 36.54 ? 25  GLU B CG  1 
ATOM   770  C CD  . GLU B 1 30 ? -24.230 5.518   14.716  1.00 38.34 ? 25  GLU B CD  1 
ATOM   771  O OE1 . GLU B 1 30 ? -24.740 6.642   14.429  1.00 35.90 ? 25  GLU B OE1 1 
ATOM   772  O OE2 . GLU B 1 30 ? -23.535 5.335   15.751  1.00 39.72 ? 25  GLU B OE2 1 
ATOM   773  N N   . ALA B 1 31 ? -23.311 1.561   10.579  1.00 32.11 ? 26  ALA B N   1 
ATOM   774  C CA  . ALA B 1 31 ? -23.607 0.128   10.384  1.00 31.69 ? 26  ALA B CA  1 
ATOM   775  C C   . ALA B 1 31 ? -22.475 -0.837  10.773  1.00 31.59 ? 26  ALA B C   1 
ATOM   776  O O   . ALA B 1 31 ? -21.345 -0.702  10.296  1.00 30.88 ? 26  ALA B O   1 
ATOM   777  C CB  . ALA B 1 31 ? -24.047 -0.144  8.916   1.00 31.23 ? 26  ALA B CB  1 
ATOM   778  N N   . GLU B 1 32 ? -22.806 -1.831  11.605  1.00 31.92 ? 27  GLU B N   1 
ATOM   779  C CA  . GLU B 1 32 ? -21.864 -2.883  12.010  1.00 32.08 ? 27  GLU B CA  1 
ATOM   780  C C   . GLU B 1 32 ? -21.835 -4.011  11.004  1.00 32.22 ? 27  GLU B C   1 
ATOM   781  O O   . GLU B 1 32 ? -22.855 -4.325  10.405  1.00 32.20 ? 27  GLU B O   1 
ATOM   782  C CB  . GLU B 1 32 ? -22.242 -3.438  13.366  1.00 31.76 ? 27  GLU B CB  1 
ATOM   783  C CG  . GLU B 1 32 ? -22.031 -2.468  14.529  1.00 32.37 ? 27  GLU B CG  1 
ATOM   784  C CD  . GLU B 1 32 ? -22.401 -3.089  15.874  1.00 32.74 ? 27  GLU B CD  1 
ATOM   785  O OE1 . GLU B 1 32 ? -22.190 -2.446  16.914  1.00 34.60 ? 27  GLU B OE1 1 
ATOM   786  O OE2 . GLU B 1 32 ? -22.907 -4.228  15.901  1.00 35.65 ? 27  GLU B OE2 1 
ATOM   787  N N   . PHE B 1 33 ? -20.669 -4.625  10.823  1.00 32.85 ? 28  PHE B N   1 
ATOM   788  C CA  . PHE B 1 33 ? -20.504 -5.657  9.789   1.00 33.73 ? 28  PHE B CA  1 
ATOM   789  C C   . PHE B 1 33 ? -21.288 -6.940  10.111  1.00 34.33 ? 28  PHE B C   1 
ATOM   790  O O   . PHE B 1 33 ? -22.017 -7.460  9.267   1.00 34.25 ? 28  PHE B O   1 
ATOM   791  C CB  . PHE B 1 33 ? -19.017 -5.989  9.509   1.00 33.40 ? 28  PHE B CB  1 
ATOM   792  C CG  . PHE B 1 33 ? -18.113 -4.772  9.325   1.00 33.56 ? 28  PHE B CG  1 
ATOM   793  C CD1 . PHE B 1 33 ? -18.141 -4.024  8.151   1.00 33.68 ? 28  PHE B CD1 1 
ATOM   794  C CD2 . PHE B 1 33 ? -17.203 -4.399  10.325  1.00 32.66 ? 28  PHE B CD2 1 
ATOM   795  C CE1 . PHE B 1 33 ? -17.290 -2.902  7.990   1.00 32.87 ? 28  PHE B CE1 1 
ATOM   796  C CE2 . PHE B 1 33 ? -16.360 -3.292  10.167  1.00 31.24 ? 28  PHE B CE2 1 
ATOM   797  C CZ  . PHE B 1 33 ? -16.405 -2.550  8.996   1.00 32.16 ? 28  PHE B CZ  1 
ATOM   798  N N   . VAL B 1 34 ? -21.139 -7.440  11.333  1.00 35.16 ? 29  VAL B N   1 
ATOM   799  C CA  . VAL B 1 34 ? -21.772 -8.703  11.728  1.00 36.17 ? 29  VAL B CA  1 
ATOM   800  C C   . VAL B 1 34 ? -23.269 -8.504  11.969  1.00 36.69 ? 29  VAL B C   1 
ATOM   801  O O   . VAL B 1 34 ? -24.113 -9.054  11.238  1.00 36.60 ? 29  VAL B O   1 
ATOM   802  C CB  . VAL B 1 34 ? -21.107 -9.313  12.998  1.00 35.94 ? 29  VAL B CB  1 
ATOM   803  C CG1 . VAL B 1 34 ? -21.726 -10.654 13.340  1.00 37.52 ? 29  VAL B CG1 1 
ATOM   804  C CG2 . VAL B 1 34 ? -19.625 -9.502  12.783  1.00 36.17 ? 29  VAL B CG2 1 
ATOM   805  N N   . LYS B 1 35 ? -23.572 -7.700  12.994  1.00 37.31 ? 30  LYS B N   1 
ATOM   806  C CA  . LYS B 1 35 ? -24.947 -7.389  13.397  1.00 37.65 ? 30  LYS B CA  1 
ATOM   807  C C   . LYS B 1 35 ? -25.851 -6.917  12.248  1.00 37.68 ? 30  LYS B C   1 
ATOM   808  O O   . LYS B 1 35 ? -26.961 -7.413  12.114  1.00 38.22 ? 30  LYS B O   1 
ATOM   809  C CB  . LYS B 1 35 ? -24.945 -6.380  14.557  1.00 37.56 ? 30  LYS B CB  1 
ATOM   810  C CG  . LYS B 1 35 ? -26.304 -5.767  14.880  1.00 37.75 ? 30  LYS B CG  1 
ATOM   811  C CD  . LYS B 1 35 ? -26.243 -5.044  16.217  1.00 39.82 ? 30  LYS B CD  1 
ATOM   812  C CE  . LYS B 1 35 ? -26.652 -3.571  16.101  1.00 42.31 ? 30  LYS B CE  1 
ATOM   813  N NZ  . LYS B 1 35 ? -27.993 -3.335  15.441  1.00 43.58 ? 30  LYS B NZ  1 
ATOM   814  N N   . ASP B 1 36 ? -25.365 -5.982  11.423  1.00 37.56 ? 31  ASP B N   1 
ATOM   815  C CA  . ASP B 1 36 ? -26.188 -5.322  10.388  1.00 37.25 ? 31  ASP B CA  1 
ATOM   816  C C   . ASP B 1 36 ? -25.941 -5.777  8.968   1.00 36.50 ? 31  ASP B C   1 
ATOM   817  O O   . ASP B 1 36 ? -26.884 -6.001  8.239   1.00 36.46 ? 31  ASP B O   1 
ATOM   818  C CB  . ASP B 1 36 ? -26.023 -3.802  10.446  1.00 37.52 ? 31  ASP B CB  1 
ATOM   819  C CG  . ASP B 1 36 ? -26.479 -3.222  11.765  1.00 39.18 ? 31  ASP B CG  1 
ATOM   820  O OD1 . ASP B 1 36 ? -27.598 -3.559  12.206  1.00 40.96 ? 31  ASP B OD1 1 
ATOM   821  O OD2 . ASP B 1 36 ? -25.717 -2.433  12.374  1.00 41.74 ? 31  ASP B OD2 1 
ATOM   822  N N   . LEU B 1 37 ? -24.677 -5.899  8.575   1.00 36.23 ? 32  LEU B N   1 
ATOM   823  C CA  . LEU B 1 37 ? -24.317 -6.181  7.179   1.00 35.94 ? 32  LEU B CA  1 
ATOM   824  C C   . LEU B 1 37 ? -24.190 -7.687  6.887   1.00 36.22 ? 32  LEU B C   1 
ATOM   825  O O   . LEU B 1 37 ? -23.932 -8.104  5.751   1.00 35.61 ? 32  LEU B O   1 
ATOM   826  C CB  . LEU B 1 37 ? -23.057 -5.393  6.787   1.00 35.59 ? 32  LEU B CB  1 
ATOM   827  C CG  . LEU B 1 37 ? -23.146 -3.861  6.945   1.00 34.97 ? 32  LEU B CG  1 
ATOM   828  C CD1 . LEU B 1 37 ? -21.845 -3.120  6.612   1.00 33.53 ? 32  LEU B CD1 1 
ATOM   829  C CD2 . LEU B 1 37 ? -24.279 -3.323  6.117   1.00 34.30 ? 32  LEU B CD2 1 
ATOM   830  N N   . GLY B 1 38 ? -24.405 -8.485  7.933   1.00 36.84 ? 33  GLY B N   1 
ATOM   831  C CA  . GLY B 1 38 ? -24.485 -9.942  7.836   1.00 37.61 ? 33  GLY B CA  1 
ATOM   832  C C   . GLY B 1 38 ? -23.182 -10.595 7.423   1.00 37.92 ? 33  GLY B C   1 
ATOM   833  O O   . GLY B 1 38 ? -23.180 -11.495 6.585   1.00 38.31 ? 33  GLY B O   1 
ATOM   834  N N   . ALA B 1 39 ? -22.080 -10.120 7.995   1.00 37.74 ? 34  ALA B N   1 
ATOM   835  C CA  . ALA B 1 39 ? -20.767 -10.685 7.747   1.00 37.73 ? 34  ALA B CA  1 
ATOM   836  C C   . ALA B 1 39 ? -20.452 -11.688 8.853   1.00 37.93 ? 34  ALA B C   1 
ATOM   837  O O   . ALA B 1 39 ? -21.045 -11.630 9.949   1.00 38.01 ? 34  ALA B O   1 
ATOM   838  C CB  . ALA B 1 39 ? -19.717 -9.575  7.722   1.00 37.30 ? 34  ALA B CB  1 
ATOM   839  N N   . ASP B 1 40 ? -19.546 -12.624 8.568   1.00 37.71 ? 35  ASP B N   1 
ATOM   840  C CA  . ASP B 1 40 ? -18.922 -13.388 9.646   1.00 37.70 ? 35  ASP B CA  1 
ATOM   841  C C   . ASP B 1 40 ? -17.479 -12.920 9.820   1.00 37.93 ? 35  ASP B C   1 
ATOM   842  O O   . ASP B 1 40 ? -17.004 -12.066 9.066   1.00 37.96 ? 35  ASP B O   1 
ATOM   843  C CB  . ASP B 1 40 ? -19.085 -14.918 9.508   1.00 37.48 ? 35  ASP B CB  1 
ATOM   844  C CG  . ASP B 1 40 ? -18.321 -15.525 8.331   1.00 37.95 ? 35  ASP B CG  1 
ATOM   845  O OD1 . ASP B 1 40 ? -18.632 -16.694 7.998   1.00 38.11 ? 35  ASP B OD1 1 
ATOM   846  O OD2 . ASP B 1 40 ? -17.414 -14.882 7.745   1.00 37.39 ? 35  ASP B OD2 1 
HETATM 847  O O   . 4HH B 1 41 ? -13.520 -12.200 10.152  1.00 37.07 ? 36  4HH B O   1 
HETATM 848  C C   . 4HH B 1 41 ? -14.458 -13.012 10.168  1.00 36.87 ? 36  4HH B C   1 
HETATM 849  C CA  . 4HH B 1 41 ? -15.525 -12.874 11.209  1.00 37.71 ? 36  4HH B CA  1 
HETATM 850  N N   . 4HH B 1 41 ? -16.784 -13.461 10.807  1.00 37.80 ? 36  4HH B N   1 
HETATM 851  C CB  . 4HH B 1 41 ? -15.104 -13.462 12.546  1.00 38.58 ? 36  4HH B CB  1 
HETATM 852  O OG  . 4HH B 1 41 ? -15.355 -14.869 12.524  1.00 42.12 ? 36  4HH B OG  1 
HETATM 853  C CJ  . 4HH B 1 41 ? -12.246 -15.038 14.076  1.00 49.51 ? 36  4HH B CJ  1 
HETATM 854  C CK  . 4HH B 1 41 ? -10.813 -14.992 13.549  1.00 50.69 ? 36  4HH B CK  1 
HETATM 855  C CL1 . 4HH B 1 41 ? -10.422 -16.285 12.840  1.00 50.53 ? 36  4HH B CL1 1 
HETATM 856  C CL2 . 4HH B 1 41 ? -10.694 -13.864 12.548  1.00 51.08 ? 36  4HH B CL2 1 
HETATM 857  C CL3 . 4HH B 1 41 ? -9.877  -15.590 15.880  1.00 55.05 ? 36  4HH B CL3 1 
HETATM 858  C CM  . 4HH B 1 41 ? -9.638  -15.281 14.443  1.00 52.15 ? 36  4HH B CM  1 
HETATM 859  O OM  . 4HH B 1 41 ? -8.552  -14.413 14.159  1.00 51.13 ? 36  4HH B OM  1 
HETATM 860  N NN  . 4HH B 1 41 ? -9.028  -15.433 16.903  1.00 57.29 ? 36  4HH B NN  1 
HETATM 861  O ON  . 4HH B 1 41 ? -10.664 -16.529 15.932  1.00 55.14 ? 36  4HH B ON  1 
HETATM 862  P P   . 4HH B 1 41 ? -14.733 -15.861 13.643  1.00 45.63 ? 36  4HH B P   1 
HETATM 863  O O1P . 4HH B 1 41 ? -14.982 -15.225 14.994  1.00 45.04 ? 36  4HH B O1P 1 
HETATM 864  O O2P . 4HH B 1 41 ? -15.330 -17.204 13.290  1.00 45.96 ? 36  4HH B O2P 1 
HETATM 865  O O3P . 4HH B 1 41 ? -13.131 -15.894 13.348  1.00 46.34 ? 36  4HH B O3P 1 
HETATM 866  C CO  . 4HH B 1 41 ? -8.009  -14.443 17.179  1.00 60.60 ? 36  4HH B CO  1 
HETATM 867  C CP  . 4HH B 1 41 ? -7.795  -14.575 18.683  1.00 63.37 ? 36  4HH B CP  1 
HETATM 868  C CQ  . 4HH B 1 41 ? -7.794  -13.197 19.309  1.00 65.43 ? 36  4HH B CQ  1 
HETATM 869  C CS  . 4HH B 1 41 ? -6.498  -11.693 20.841  1.00 67.23 ? 36  4HH B CS  1 
HETATM 870  C CT  . 4HH B 1 41 ? -5.092  -11.805 21.422  1.00 67.70 ? 36  4HH B CT  1 
HETATM 871  N NR  . 4HH B 1 41 ? -6.751  -12.925 20.103  1.00 66.75 ? 36  4HH B NR  1 
HETATM 872  O OR  . 4HH B 1 41 ? -8.708  -12.405 19.080  1.00 65.66 ? 36  4HH B OR  1 
HETATM 873  S SU  . 4HH B 1 41 ? -4.390  -10.131 21.444  1.00 68.64 ? 36  4HH B SU  1 
ATOM   874  N N   . LEU B 1 42 ? -14.601 -14.016 9.293   1.00 35.10 ? 37  LEU B N   1 
ATOM   875  C CA  . LEU B 1 42 ? -13.687 -14.251 8.175   1.00 33.94 ? 37  LEU B CA  1 
ATOM   876  C C   . LEU B 1 42 ? -13.964 -13.398 6.934   1.00 33.41 ? 37  LEU B C   1 
ATOM   877  O O   . LEU B 1 42 ? -13.059 -13.156 6.127   1.00 33.38 ? 37  LEU B O   1 
ATOM   878  C CB  . LEU B 1 42 ? -13.677 -15.732 7.779   1.00 33.91 ? 37  LEU B CB  1 
ATOM   879  C CG  . LEU B 1 42 ? -12.729 -16.699 8.512   1.00 34.84 ? 37  LEU B CG  1 
ATOM   880  C CD1 . LEU B 1 42 ? -13.031 -18.169 8.161   1.00 36.05 ? 37  LEU B CD1 1 
ATOM   881  C CD2 . LEU B 1 42 ? -11.241 -16.402 8.242   1.00 35.18 ? 37  LEU B CD2 1 
ATOM   882  N N   . ASP B 1 43 ? -15.213 -12.976 6.751   1.00 32.75 ? 38  ASP B N   1 
ATOM   883  C CA  . ASP B 1 43 ? -15.534 -11.957 5.745   1.00 32.04 ? 38  ASP B CA  1 
ATOM   884  C C   . ASP B 1 43 ? -14.885 -10.632 6.130   1.00 30.86 ? 38  ASP B C   1 
ATOM   885  O O   . ASP B 1 43 ? -14.560 -9.816  5.272   1.00 31.07 ? 38  ASP B O   1 
ATOM   886  C CB  . ASP B 1 43 ? -17.039 -11.711 5.645   1.00 32.60 ? 38  ASP B CB  1 
ATOM   887  C CG  . ASP B 1 43 ? -17.844 -12.976 5.480   1.00 35.10 ? 38  ASP B CG  1 
ATOM   888  O OD1 . ASP B 1 43 ? -17.411 -13.908 4.753   1.00 37.41 ? 38  ASP B OD1 1 
ATOM   889  O OD2 . ASP B 1 43 ? -18.939 -13.020 6.085   1.00 37.49 ? 38  ASP B OD2 1 
ATOM   890  N N   . VAL B 1 44 ? -14.715 -10.434 7.433   1.00 29.83 ? 39  VAL B N   1 
ATOM   891  C CA  . VAL B 1 44 ? -14.195 -9.197  8.000   1.00 28.88 ? 39  VAL B CA  1 
ATOM   892  C C   . VAL B 1 44 ? -12.681 -9.184  7.856   1.00 28.44 ? 39  VAL B C   1 
ATOM   893  O O   . VAL B 1 44 ? -12.089 -8.165  7.461   1.00 27.61 ? 39  VAL B O   1 
ATOM   894  C CB  . VAL B 1 44 ? -14.671 -9.032  9.460   1.00 28.64 ? 39  VAL B CB  1 
ATOM   895  C CG1 . VAL B 1 44 ? -13.994 -7.873  10.150  1.00 27.94 ? 39  VAL B CG1 1 
ATOM   896  C CG2 . VAL B 1 44 ? -16.175 -8.816  9.468   1.00 29.23 ? 39  VAL B CG2 1 
ATOM   897  N N   . VAL B 1 45 ? -12.072 -10.334 8.152   1.00 28.12 ? 40  VAL B N   1 
ATOM   898  C CA  . VAL B 1 45 ? -10.668 -10.567 7.867   1.00 27.65 ? 40  VAL B CA  1 
ATOM   899  C C   . VAL B 1 45 ? -10.407 -10.303 6.401   1.00 27.55 ? 40  VAL B C   1 
ATOM   900  O O   . VAL B 1 45 ? -9.577  -9.447  6.078   1.00 27.65 ? 40  VAL B O   1 
ATOM   901  C CB  . VAL B 1 45 ? -10.217 -11.974 8.280   1.00 28.06 ? 40  VAL B CB  1 
ATOM   902  C CG1 . VAL B 1 45 ? -8.870  -12.353 7.631   1.00 26.75 ? 40  VAL B CG1 1 
ATOM   903  C CG2 . VAL B 1 45 ? -10.115 -12.035 9.803   1.00 27.74 ? 40  VAL B CG2 1 
ATOM   904  N N   . GLU B 1 46 ? -11.132 -10.997 5.521   1.00 27.36 ? 41  GLU B N   1 
ATOM   905  C CA  . GLU B 1 46 ? -11.041 -10.734 4.076   1.00 27.35 ? 41  GLU B CA  1 
ATOM   906  C C   . GLU B 1 46 ? -11.279 -9.259  3.682   1.00 27.13 ? 41  GLU B C   1 
ATOM   907  O O   . GLU B 1 46 ? -10.505 -8.681  2.912   1.00 26.86 ? 41  GLU B O   1 
ATOM   908  C CB  . GLU B 1 46 ? -11.959 -11.654 3.272   1.00 27.63 ? 41  GLU B CB  1 
ATOM   909  C CG  . GLU B 1 46 ? -12.008 -11.222 1.818   1.00 29.56 ? 41  GLU B CG  1 
ATOM   910  C CD  . GLU B 1 46 ? -11.687 -12.316 0.823   1.00 32.33 ? 41  GLU B CD  1 
ATOM   911  O OE1 . GLU B 1 46 ? -12.638 -12.656 0.078   1.00 33.95 ? 41  GLU B OE1 1 
ATOM   912  O OE2 . GLU B 1 46 ? -10.515 -12.805 0.768   1.00 30.65 ? 41  GLU B OE2 1 
ATOM   913  N N   . LEU B 1 47 ? -12.339 -8.655  4.207   1.00 26.80 ? 42  LEU B N   1 
ATOM   914  C CA  . LEU B 1 47 ? -12.581 -7.244  3.965   1.00 26.87 ? 42  LEU B CA  1 
ATOM   915  C C   . LEU B 1 47 ? -11.394 -6.367  4.368   1.00 26.58 ? 42  LEU B C   1 
ATOM   916  O O   . LEU B 1 47 ? -10.909 -5.578  3.575   1.00 27.01 ? 42  LEU B O   1 
ATOM   917  C CB  . LEU B 1 47 ? -13.865 -6.793  4.657   1.00 27.14 ? 42  LEU B CB  1 
ATOM   918  C CG  . LEU B 1 47 ? -14.056 -5.300  4.903   1.00 27.42 ? 42  LEU B CG  1 
ATOM   919  C CD1 . LEU B 1 47 ? -14.120 -4.519  3.575   1.00 27.59 ? 42  LEU B CD1 1 
ATOM   920  C CD2 . LEU B 1 47 ? -15.314 -5.101  5.743   1.00 27.09 ? 42  LEU B CD2 1 
ATOM   921  N N   . ILE B 1 48 ? -10.929 -6.515  5.596   1.00 26.47 ? 43  ILE B N   1 
ATOM   922  C CA  . ILE B 1 48 ? -9.787  -5.767  6.083   1.00 26.21 ? 43  ILE B CA  1 
ATOM   923  C C   . ILE B 1 48 ? -8.570  -5.967  5.184   1.00 26.14 ? 43  ILE B C   1 
ATOM   924  O O   . ILE B 1 48 ? -7.910  -5.001  4.815   1.00 26.05 ? 43  ILE B O   1 
ATOM   925  C CB  . ILE B 1 48 ? -9.462  -6.167  7.541   1.00 26.58 ? 43  ILE B CB  1 
ATOM   926  C CG1 . ILE B 1 48 ? -10.526 -5.593  8.485   1.00 26.48 ? 43  ILE B CG1 1 
ATOM   927  C CG2 . ILE B 1 48 ? -8.006  -5.768  7.929   1.00 25.93 ? 43  ILE B CG2 1 
ATOM   928  C CD1 . ILE B 1 48 ? -10.622 -6.336  9.835   1.00 29.09 ? 43  ILE B CD1 1 
ATOM   929  N N   . MET B 1 49 ? -8.280  -7.212  4.822   1.00 26.21 ? 44  MET B N   1 
ATOM   930  C CA  . MET B 1 49 ? -7.121  -7.508  3.964   1.00 27.24 ? 44  MET B CA  1 
ATOM   931  C C   . MET B 1 49 ? -7.225  -6.798  2.611   1.00 26.79 ? 44  MET B C   1 
ATOM   932  O O   . MET B 1 49 ? -6.220  -6.321  2.083   1.00 27.04 ? 44  MET B O   1 
ATOM   933  C CB  . MET B 1 49 ? -6.905  -9.029  3.790   1.00 27.05 ? 44  MET B CB  1 
ATOM   934  C CG  . MET B 1 49 ? -6.431  -9.746  5.075   1.00 27.94 ? 44  MET B CG  1 
ATOM   935  S SD  . MET B 1 49 ? -5.907  -11.482 4.877   1.00 29.63 ? 44  MET B SD  1 
ATOM   936  C CE  . MET B 1 49 ? -4.407  -11.298 3.903   1.00 29.60 ? 44  MET B CE  1 
ATOM   937  N N   . ALA B 1 50 ? -8.437  -6.704  2.063   1.00 26.62 ? 45  ALA B N   1 
ATOM   938  C CA  . ALA B 1 50 ? -8.645  -5.983  0.801   1.00 26.64 ? 45  ALA B CA  1 
ATOM   939  C C   . ALA B 1 50 ? -8.192  -4.523  0.946   1.00 26.62 ? 45  ALA B C   1 
ATOM   940  O O   . ALA B 1 50 ? -7.340  -4.072  0.182   1.00 26.52 ? 45  ALA B O   1 
ATOM   941  C CB  . ALA B 1 50 ? -10.102 -6.068  0.332   1.00 25.95 ? 45  ALA B CB  1 
ATOM   942  N N   . LEU B 1 51 ? -8.739  -3.820  1.946   1.00 26.38 ? 46  LEU B N   1 
ATOM   943  C CA  . LEU B 1 51 ? -8.426  -2.398  2.221   1.00 26.37 ? 46  LEU B CA  1 
ATOM   944  C C   . LEU B 1 51 ? -6.958  -2.180  2.512   1.00 26.55 ? 46  LEU B C   1 
ATOM   945  O O   . LEU B 1 51 ? -6.405  -1.174  2.101   1.00 27.62 ? 46  LEU B O   1 
ATOM   946  C CB  . LEU B 1 51 ? -9.255  -1.835  3.392   1.00 25.84 ? 46  LEU B CB  1 
ATOM   947  C CG  . LEU B 1 51 ? -10.780 -2.003  3.366   1.00 25.06 ? 46  LEU B CG  1 
ATOM   948  C CD1 . LEU B 1 51 ? -11.309 -1.899  4.770   1.00 24.94 ? 46  LEU B CD1 1 
ATOM   949  C CD2 . LEU B 1 51 ? -11.467 -1.002  2.430   1.00 23.53 ? 46  LEU B CD2 1 
ATOM   950  N N   . GLU B 1 52 ? -6.330  -3.117  3.215   1.00 26.58 ? 47  GLU B N   1 
ATOM   951  C CA  . GLU B 1 52 ? -4.877  -3.106  3.429   1.00 26.49 ? 47  GLU B CA  1 
ATOM   952  C C   . GLU B 1 52 ? -4.107  -2.995  2.101   1.00 27.17 ? 47  GLU B C   1 
ATOM   953  O O   . GLU B 1 52 ? -3.226  -2.137  1.929   1.00 27.80 ? 47  GLU B O   1 
ATOM   954  C CB  . GLU B 1 52 ? -4.451  -4.364  4.216   1.00 26.35 ? 47  GLU B CB  1 
ATOM   955  C CG  . GLU B 1 52 ? -4.946  -4.402  5.664   1.00 24.37 ? 47  GLU B CG  1 
ATOM   956  C CD  . GLU B 1 52 ? -4.451  -5.617  6.418   1.00 25.54 ? 47  GLU B CD  1 
ATOM   957  O OE1 . GLU B 1 52 ? -4.440  -5.595  7.678   1.00 23.39 ? 47  GLU B OE1 1 
ATOM   958  O OE2 . GLU B 1 52 ? -4.064  -6.606  5.753   1.00 25.45 ? 47  GLU B OE2 1 
ATOM   959  N N   . GLU B 1 53 ? -4.460  -3.852  1.151   1.00 27.54 ? 48  GLU B N   1 
ATOM   960  C CA  . GLU B 1 53 ? -3.862  -3.822  -0.168  1.00 27.91 ? 48  GLU B CA  1 
ATOM   961  C C   . GLU B 1 53 ? -4.155  -2.523  -0.882  1.00 27.83 ? 48  GLU B C   1 
ATOM   962  O O   . GLU B 1 53 ? -3.331  -2.042  -1.649  1.00 27.62 ? 48  GLU B O   1 
ATOM   963  C CB  . GLU B 1 53 ? -4.379  -4.996  -1.001  1.00 28.55 ? 48  GLU B CB  1 
ATOM   964  C CG  . GLU B 1 53 ? -3.663  -6.286  -0.710  1.00 29.55 ? 48  GLU B CG  1 
ATOM   965  C CD  . GLU B 1 53 ? -2.321  -6.337  -1.406  1.00 32.48 ? 48  GLU B CD  1 
ATOM   966  O OE1 . GLU B 1 53 ? -1.286  -6.186  -0.733  1.00 31.52 ? 48  GLU B OE1 1 
ATOM   967  O OE2 . GLU B 1 53 ? -2.298  -6.511  -2.643  1.00 35.67 ? 48  GLU B OE2 1 
ATOM   968  N N   . LYS B 1 54 ? -5.330  -1.954  -0.630  1.00 28.08 ? 49  LYS B N   1 
ATOM   969  C CA  . LYS B 1 54 ? -5.746  -0.738  -1.327  1.00 28.42 ? 49  LYS B CA  1 
ATOM   970  C C   . LYS B 1 54 ? -4.926  0.426   -0.819  1.00 28.28 ? 49  LYS B C   1 
ATOM   971  O O   . LYS B 1 54 ? -4.267  1.118   -1.605  1.00 28.41 ? 49  LYS B O   1 
ATOM   972  C CB  . LYS B 1 54 ? -7.249  -0.482  -1.153  1.00 28.91 ? 49  LYS B CB  1 
ATOM   973  C CG  . LYS B 1 54 ? -7.801  0.611   -2.047  1.00 29.76 ? 49  LYS B CG  1 
ATOM   974  C CD  . LYS B 1 54 ? -9.314  0.563   -2.073  1.00 30.42 ? 49  LYS B CD  1 
ATOM   975  C CE  . LYS B 1 54 ? -9.824  0.003   -3.386  1.00 30.91 ? 49  LYS B CE  1 
ATOM   976  N NZ  . LYS B 1 54 ? -9.786  1.074   -4.406  1.00 32.55 ? 49  LYS B NZ  1 
ATOM   977  N N   . PHE B 1 55 ? -4.936  0.604   0.505   1.00 27.84 ? 50  PHE B N   1 
ATOM   978  C CA  . PHE B 1 55 ? -4.208  1.697   1.150   1.00 27.09 ? 50  PHE B CA  1 
ATOM   979  C C   . PHE B 1 55 ? -2.813  1.305   1.656   1.00 26.96 ? 50  PHE B C   1 
ATOM   980  O O   . PHE B 1 55 ? -2.179  2.093   2.350   1.00 26.22 ? 50  PHE B O   1 
ATOM   981  C CB  . PHE B 1 55 ? -5.042  2.314   2.278   1.00 26.44 ? 50  PHE B CB  1 
ATOM   982  C CG  . PHE B 1 55 ? -6.422  2.687   1.865   1.00 26.30 ? 50  PHE B CG  1 
ATOM   983  C CD1 . PHE B 1 55 ? -6.690  3.939   1.351   1.00 27.31 ? 50  PHE B CD1 1 
ATOM   984  C CD2 . PHE B 1 55 ? -7.461  1.789   1.980   1.00 26.40 ? 50  PHE B CD2 1 
ATOM   985  C CE1 . PHE B 1 55 ? -7.978  4.282   0.962   1.00 26.25 ? 50  PHE B CE1 1 
ATOM   986  C CE2 . PHE B 1 55 ? -8.748  2.137   1.593   1.00 26.36 ? 50  PHE B CE2 1 
ATOM   987  C CZ  . PHE B 1 55 ? -9.002  3.381   1.091   1.00 25.03 ? 50  PHE B CZ  1 
ATOM   988  N N   . GLY B 1 56 ? -2.337  0.104   1.312   1.00 27.07 ? 51  GLY B N   1 
ATOM   989  C CA  . GLY B 1 56 ? -0.941  -0.291  1.594   1.00 27.30 ? 51  GLY B CA  1 
ATOM   990  C C   . GLY B 1 56 ? -0.453  -0.088  3.027   1.00 27.72 ? 51  GLY B C   1 
ATOM   991  O O   . GLY B 1 56 ? 0.713   0.249   3.255   1.00 27.74 ? 51  GLY B O   1 
ATOM   992  N N   . ILE B 1 57 ? -1.357  -0.269  3.985   1.00 27.76 ? 52  ILE B N   1 
ATOM   993  C CA  . ILE B 1 57 ? -1.025  -0.330  5.409   1.00 28.31 ? 52  ILE B CA  1 
ATOM   994  C C   . ILE B 1 57 ? -1.432  -1.703  5.937   1.00 28.76 ? 52  ILE B C   1 
ATOM   995  O O   . ILE B 1 57 ? -1.966  -2.510  5.189   1.00 29.46 ? 52  ILE B O   1 
ATOM   996  C CB  . ILE B 1 57 ? -1.753  0.777   6.273   1.00 28.27 ? 52  ILE B CB  1 
ATOM   997  C CG1 . ILE B 1 57 ? -3.270  0.847   5.976   1.00 28.22 ? 52  ILE B CG1 1 
ATOM   998  C CG2 . ILE B 1 57 ? -1.051  2.110   6.126   1.00 27.71 ? 52  ILE B CG2 1 
ATOM   999  C CD1 . ILE B 1 57 ? -4.019  1.977   6.687   1.00 28.45 ? 52  ILE B CD1 1 
ATOM   1000 N N   . GLU B 1 58 ? -1.180  -1.961  7.217   1.00 29.12 ? 53  GLU B N   1 
ATOM   1001 C CA  . GLU B 1 58 ? -1.705  -3.126  7.896   1.00 29.80 ? 53  GLU B CA  1 
ATOM   1002 C C   . GLU B 1 58 ? -2.247  -2.697  9.231   1.00 30.01 ? 53  GLU B C   1 
ATOM   1003 O O   . GLU B 1 58 ? -1.629  -1.886  9.926   1.00 29.84 ? 53  GLU B O   1 
ATOM   1004 C CB  . GLU B 1 58 ? -0.623  -4.171  8.115   1.00 29.99 ? 53  GLU B CB  1 
ATOM   1005 C CG  . GLU B 1 58 ? 0.156   -4.484  6.866   1.00 32.01 ? 53  GLU B CG  1 
ATOM   1006 C CD  . GLU B 1 58 ? 0.580   -5.934  6.781   1.00 34.64 ? 53  GLU B CD  1 
ATOM   1007 O OE1 . GLU B 1 58 ? 0.898   -6.549  7.826   1.00 36.33 ? 53  GLU B OE1 1 
ATOM   1008 O OE2 . GLU B 1 58 ? 0.613   -6.452  5.649   1.00 35.76 ? 53  GLU B OE2 1 
ATOM   1009 N N   . ILE B 1 59 ? -3.394  -3.261  9.593   1.00 30.48 ? 54  ILE B N   1 
ATOM   1010 C CA  . ILE B 1 59 ? -4.077  -2.901  10.825  1.00 30.90 ? 54  ILE B CA  1 
ATOM   1011 C C   . ILE B 1 59 ? -3.624  -3.841  11.926  1.00 32.01 ? 54  ILE B C   1 
ATOM   1012 O O   . ILE B 1 59 ? -3.991  -5.016  11.902  1.00 32.62 ? 54  ILE B O   1 
ATOM   1013 C CB  . ILE B 1 59 ? -5.629  -2.968  10.665  1.00 30.51 ? 54  ILE B CB  1 
ATOM   1014 C CG1 . ILE B 1 59 ? -6.071  -2.080  9.486   1.00 30.67 ? 54  ILE B CG1 1 
ATOM   1015 C CG2 . ILE B 1 59 ? -6.309  -2.586  11.965  1.00 29.05 ? 54  ILE B CG2 1 
ATOM   1016 C CD1 . ILE B 1 59 ? -7.544  -2.139  9.131   1.00 30.36 ? 54  ILE B CD1 1 
ATOM   1017 N N   . PRO B 1 60 ? -2.830  -3.334  12.898  1.00 33.02 ? 55  PRO B N   1 
ATOM   1018 C CA  . PRO B 1 60 ? -2.433  -4.167  14.020  1.00 33.31 ? 55  PRO B CA  1 
ATOM   1019 C C   . PRO B 1 60 ? -3.654  -4.885  14.532  1.00 34.01 ? 55  PRO B C   1 
ATOM   1020 O O   . PRO B 1 60 ? -4.752  -4.328  14.477  1.00 33.79 ? 55  PRO B O   1 
ATOM   1021 C CB  . PRO B 1 60 ? -1.935  -3.154  15.064  1.00 33.79 ? 55  PRO B CB  1 
ATOM   1022 C CG  . PRO B 1 60 ? -2.203  -1.761  14.477  1.00 33.31 ? 55  PRO B CG  1 
ATOM   1023 C CD  . PRO B 1 60 ? -2.263  -1.974  13.010  1.00 33.09 ? 55  PRO B CD  1 
ATOM   1024 N N   . ASP B 1 61 ? -3.461  -6.114  15.008  1.00 35.13 ? 56  ASP B N   1 
ATOM   1025 C CA  . ASP B 1 61 ? -4.559  -6.976  15.473  1.00 36.04 ? 56  ASP B CA  1 
ATOM   1026 C C   . ASP B 1 61 ? -5.356  -6.391  16.653  1.00 36.28 ? 56  ASP B C   1 
ATOM   1027 O O   . ASP B 1 61 ? -6.554  -6.660  16.777  1.00 35.79 ? 56  ASP B O   1 
ATOM   1028 C CB  . ASP B 1 61 ? -4.029  -8.381  15.811  1.00 36.40 ? 56  ASP B CB  1 
ATOM   1029 C CG  . ASP B 1 61 ? -5.112  -9.298  16.370  1.00 38.46 ? 56  ASP B CG  1 
ATOM   1030 O OD1 . ASP B 1 61 ? -5.884  -9.902  15.583  1.00 38.79 ? 56  ASP B OD1 1 
ATOM   1031 O OD2 . ASP B 1 61 ? -5.192  -9.415  17.615  1.00 40.94 ? 56  ASP B OD2 1 
ATOM   1032 N N   . GLU B 1 62 ? -4.678  -5.604  17.503  1.00 36.78 ? 57  GLU B N   1 
ATOM   1033 C CA  . GLU B 1 62 ? -5.285  -4.913  18.655  1.00 37.23 ? 57  GLU B CA  1 
ATOM   1034 C C   . GLU B 1 62 ? -6.197  -3.777  18.221  1.00 37.16 ? 57  GLU B C   1 
ATOM   1035 O O   . GLU B 1 62 ? -7.174  -3.494  18.903  1.00 37.90 ? 57  GLU B O   1 
ATOM   1036 C CB  . GLU B 1 62 ? -4.225  -4.287  19.566  1.00 37.47 ? 57  GLU B CB  1 
ATOM   1037 C CG  . GLU B 1 62 ? -2.944  -5.071  19.723  1.00 40.24 ? 57  GLU B CG  1 
ATOM   1038 C CD  . GLU B 1 62 ? -1.954  -4.876  18.565  1.00 43.49 ? 57  GLU B CD  1 
ATOM   1039 O OE1 . GLU B 1 62 ? -1.574  -3.708  18.260  1.00 42.77 ? 57  GLU B OE1 1 
ATOM   1040 O OE2 . GLU B 1 62 ? -1.549  -5.916  17.980  1.00 45.06 ? 57  GLU B OE2 1 
ATOM   1041 N N   . GLN B 1 63 ? -5.854  -3.093  17.130  1.00 36.37 ? 58  GLN B N   1 
ATOM   1042 C CA  . GLN B 1 63 ? -6.718  -2.053  16.577  1.00 35.76 ? 58  GLN B CA  1 
ATOM   1043 C C   . GLN B 1 63 ? -7.877  -2.704  15.820  1.00 35.58 ? 58  GLN B C   1 
ATOM   1044 O O   . GLN B 1 63 ? -9.012  -2.271  15.947  1.00 35.32 ? 58  GLN B O   1 
ATOM   1045 C CB  . GLN B 1 63 ? -5.929  -1.111  15.666  1.00 35.72 ? 58  GLN B CB  1 
ATOM   1046 C CG  . GLN B 1 63 ? -4.888  -0.265  16.376  1.00 36.04 ? 58  GLN B CG  1 
ATOM   1047 C CD  . GLN B 1 63 ? -5.468  0.569   17.519  1.00 38.63 ? 58  GLN B CD  1 
ATOM   1048 O OE1 . GLN B 1 63 ? -5.368  0.191   18.687  1.00 39.67 ? 58  GLN B OE1 1 
ATOM   1049 N NE2 . GLN B 1 63 ? -6.076  1.710   17.184  1.00 39.56 ? 58  GLN B NE2 1 
ATOM   1050 N N   . ALA B 1 64 ? -7.586  -3.762  15.062  1.00 35.29 ? 59  ALA B N   1 
ATOM   1051 C CA  . ALA B 1 64 ? -8.613  -4.543  14.358  1.00 35.51 ? 59  ALA B CA  1 
ATOM   1052 C C   . ALA B 1 64 ? -9.676  -5.131  15.290  1.00 35.75 ? 59  ALA B C   1 
ATOM   1053 O O   . ALA B 1 64 ? -10.825 -5.316  14.885  1.00 36.15 ? 59  ALA B O   1 
ATOM   1054 C CB  . ALA B 1 64 ? -7.968  -5.658  13.515  1.00 35.06 ? 59  ALA B CB  1 
ATOM   1055 N N   . GLU B 1 65 ? -9.275  -5.433  16.524  1.00 35.65 ? 60  GLU B N   1 
ATOM   1056 C CA  . GLU B 1 65 ? -10.167 -5.844  17.621  1.00 36.22 ? 60  GLU B CA  1 
ATOM   1057 C C   . GLU B 1 65 ? -11.355 -4.895  17.847  1.00 35.54 ? 60  GLU B C   1 
ATOM   1058 O O   . GLU B 1 65 ? -12.461 -5.344  18.132  1.00 35.71 ? 60  GLU B O   1 
ATOM   1059 C CB  . GLU B 1 65 ? -9.338  -5.876  18.905  1.00 36.49 ? 60  GLU B CB  1 
ATOM   1060 C CG  . GLU B 1 65 ? -9.745  -6.837  20.032  1.00 37.78 ? 60  GLU B CG  1 
ATOM   1061 C CD  . GLU B 1 65 ? -8.637  -6.922  21.132  1.00 37.95 ? 60  GLU B CD  1 
ATOM   1062 O OE1 . GLU B 1 65 ? -7.478  -7.299  20.803  1.00 36.65 ? 60  GLU B OE1 1 
ATOM   1063 O OE2 . GLU B 1 65 ? -8.928  -6.601  22.315  1.00 39.37 ? 60  GLU B OE2 1 
ATOM   1064 N N   . LYS B 1 66 ? -11.107 -3.588  17.744  1.00 34.97 ? 61  LYS B N   1 
ATOM   1065 C CA  . LYS B 1 66 ? -12.112 -2.565  18.043  1.00 34.44 ? 61  LYS B CA  1 
ATOM   1066 C C   . LYS B 1 66 ? -12.686 -1.840  16.815  1.00 34.76 ? 61  LYS B C   1 
ATOM   1067 O O   . LYS B 1 66 ? -13.237 -0.747  16.939  1.00 35.62 ? 61  LYS B O   1 
ATOM   1068 C CB  . LYS B 1 66 ? -11.561 -1.553  19.056  1.00 34.32 ? 61  LYS B CB  1 
ATOM   1069 C CG  . LYS B 1 66 ? -10.146 -1.073  18.791  1.00 31.84 ? 61  LYS B CG  1 
ATOM   1070 C CD  . LYS B 1 66 ? -9.556  -0.424  20.026  1.00 28.08 ? 61  LYS B CD  1 
ATOM   1071 C CE  . LYS B 1 66 ? -8.073  -0.583  20.028  1.00 27.78 ? 61  LYS B CE  1 
ATOM   1072 N NZ  . LYS B 1 66 ? -7.322  0.550   20.639  1.00 26.91 ? 61  LYS B NZ  1 
ATOM   1073 N N   . ILE B 1 67 ? -12.532 -2.444  15.638  1.00 34.49 ? 62  ILE B N   1 
ATOM   1074 C CA  . ILE B 1 67 ? -13.202 -2.001  14.422  1.00 34.04 ? 62  ILE B CA  1 
ATOM   1075 C C   . ILE B 1 67 ? -14.502 -2.806  14.295  1.00 33.79 ? 62  ILE B C   1 
ATOM   1076 O O   . ILE B 1 67 ? -14.490 -3.947  13.813  1.00 34.73 ? 62  ILE B O   1 
ATOM   1077 C CB  . ILE B 1 67 ? -12.304 -2.209  13.172  1.00 33.88 ? 62  ILE B CB  1 
ATOM   1078 C CG1 . ILE B 1 67 ? -11.102 -1.260  13.205  1.00 34.22 ? 62  ILE B CG1 1 
ATOM   1079 C CG2 . ILE B 1 67 ? -13.091 -1.985  11.913  1.00 34.63 ? 62  ILE B CG2 1 
ATOM   1080 C CD1 . ILE B 1 67 ? -10.193 -1.322  11.978  1.00 33.91 ? 62  ILE B CD1 1 
ATOM   1081 N N   . VAL B 1 68 ? -15.617 -2.245  14.751  1.00 32.53 ? 63  VAL B N   1 
ATOM   1082 C CA  . VAL B 1 68 ? -16.860 -3.021  14.811  1.00 31.58 ? 63  VAL B CA  1 
ATOM   1083 C C   . VAL B 1 68 ? -17.925 -2.559  13.787  1.00 30.82 ? 63  VAL B C   1 
ATOM   1084 O O   . VAL B 1 68 ? -18.877 -3.284  13.481  1.00 30.32 ? 63  VAL B O   1 
ATOM   1085 C CB  . VAL B 1 68 ? -17.419 -3.136  16.290  1.00 31.89 ? 63  VAL B CB  1 
ATOM   1086 C CG1 . VAL B 1 68 ? -16.366 -3.761  17.218  1.00 32.01 ? 63  VAL B CG1 1 
ATOM   1087 C CG2 . VAL B 1 68 ? -17.869 -1.785  16.860  1.00 31.94 ? 63  VAL B CG2 1 
ATOM   1088 N N   . ASN B 1 69 ? -17.734 -1.355  13.251  1.00 29.91 ? 64  ASN B N   1 
ATOM   1089 C CA  . ASN B 1 69 ? -18.628 -0.786  12.246  1.00 28.67 ? 64  ASN B CA  1 
ATOM   1090 C C   . ASN B 1 69 ? -17.872 -0.019  11.144  1.00 28.60 ? 64  ASN B C   1 
ATOM   1091 O O   . ASN B 1 69 ? -16.664 0.249   11.266  1.00 28.63 ? 64  ASN B O   1 
ATOM   1092 C CB  . ASN B 1 69 ? -19.691 0.098   12.915  1.00 28.06 ? 64  ASN B CB  1 
ATOM   1093 C CG  . ASN B 1 69 ? -19.091 1.192   13.758  1.00 26.84 ? 64  ASN B CG  1 
ATOM   1094 O OD1 . ASN B 1 69 ? -18.181 1.908   13.323  1.00 27.17 ? 64  ASN B OD1 1 
ATOM   1095 N ND2 . ASN B 1 69 ? -19.599 1.341   14.968  1.00 24.30 ? 64  ASN B ND2 1 
ATOM   1096 N N   . VAL B 1 70 ? -18.583 0.337   10.072  1.00 28.33 ? 65  VAL B N   1 
ATOM   1097 C CA  . VAL B 1 70 ? -17.962 0.963   8.892   1.00 27.74 ? 65  VAL B CA  1 
ATOM   1098 C C   . VAL B 1 70 ? -17.118 2.195   9.239   1.00 27.75 ? 65  VAL B C   1 
ATOM   1099 O O   . VAL B 1 70 ? -15.977 2.309   8.802   1.00 28.05 ? 65  VAL B O   1 
ATOM   1100 C CB  . VAL B 1 70 ? -19.015 1.306   7.812   1.00 27.51 ? 65  VAL B CB  1 
ATOM   1101 C CG1 . VAL B 1 70 ? -18.348 1.893   6.564   1.00 27.17 ? 65  VAL B CG1 1 
ATOM   1102 C CG2 . VAL B 1 70 ? -19.831 0.071   7.458   1.00 26.64 ? 65  VAL B CG2 1 
ATOM   1103 N N   . GLY B 1 71 ? -17.680 3.102   10.040  1.00 27.83 ? 66  GLY B N   1 
ATOM   1104 C CA  . GLY B 1 71 ? -16.989 4.336   10.453  1.00 27.51 ? 66  GLY B CA  1 
ATOM   1105 C C   . GLY B 1 71 ? -15.686 4.107   11.189  1.00 27.43 ? 66  GLY B C   1 
ATOM   1106 O O   . GLY B 1 71 ? -14.753 4.904   11.056  1.00 27.00 ? 66  GLY B O   1 
ATOM   1107 N N   . ASP B 1 72 ? -15.634 3.030   11.979  1.00 27.37 ? 67  ASP B N   1 
ATOM   1108 C CA  . ASP B 1 72 ? -14.416 2.621   12.675  1.00 27.74 ? 67  ASP B CA  1 
ATOM   1109 C C   . ASP B 1 72 ? -13.255 2.423   11.685  1.00 28.00 ? 67  ASP B C   1 
ATOM   1110 O O   . ASP B 1 72 ? -12.179 3.009   11.857  1.00 27.63 ? 67  ASP B O   1 
ATOM   1111 C CB  . ASP B 1 72 ? -14.654 1.322   13.444  1.00 28.11 ? 67  ASP B CB  1 
ATOM   1112 C CG  . ASP B 1 72 ? -15.377 1.528   14.758  1.00 28.77 ? 67  ASP B CG  1 
ATOM   1113 O OD1 . ASP B 1 72 ? -15.252 2.609   15.367  1.00 29.38 ? 67  ASP B OD1 1 
ATOM   1114 O OD2 . ASP B 1 72 ? -16.065 0.582   15.201  1.00 31.57 ? 67  ASP B OD2 1 
ATOM   1115 N N   . VAL B 1 73 ? -13.490 1.626   10.637  1.00 28.08 ? 68  VAL B N   1 
ATOM   1116 C CA  . VAL B 1 73 ? -12.448 1.316   9.646   1.00 27.99 ? 68  VAL B CA  1 
ATOM   1117 C C   . VAL B 1 73 ? -12.114 2.461   8.712   1.00 28.35 ? 68  VAL B C   1 
ATOM   1118 O O   . VAL B 1 73 ? -10.986 2.537   8.214   1.00 28.67 ? 68  VAL B O   1 
ATOM   1119 C CB  . VAL B 1 73 ? -12.730 0.015   8.831   1.00 27.90 ? 68  VAL B CB  1 
ATOM   1120 C CG1 . VAL B 1 73 ? -13.720 0.251   7.709   1.00 26.47 ? 68  VAL B CG1 1 
ATOM   1121 C CG2 . VAL B 1 73 ? -11.417 -0.554  8.274   1.00 27.57 ? 68  VAL B CG2 1 
ATOM   1122 N N   . VAL B 1 74 ? -13.084 3.333   8.457   1.00 28.82 ? 69  VAL B N   1 
ATOM   1123 C CA  . VAL B 1 74 ? -12.833 4.541   7.657   1.00 29.23 ? 69  VAL B CA  1 
ATOM   1124 C C   . VAL B 1 74 ? -11.932 5.497   8.450   1.00 29.69 ? 69  VAL B C   1 
ATOM   1125 O O   . VAL B 1 74 ? -10.984 6.068   7.906   1.00 29.64 ? 69  VAL B O   1 
ATOM   1126 C CB  . VAL B 1 74 ? -14.165 5.205   7.201   1.00 29.46 ? 69  VAL B CB  1 
ATOM   1127 C CG1 . VAL B 1 74 ? -13.969 6.656   6.768   1.00 28.82 ? 69  VAL B CG1 1 
ATOM   1128 C CG2 . VAL B 1 74 ? -14.807 4.382   6.097   1.00 28.22 ? 69  VAL B CG2 1 
ATOM   1129 N N   . LYS B 1 75 ? -12.216 5.630   9.743   1.00 30.58 ? 70  LYS B N   1 
ATOM   1130 C CA  . LYS B 1 75 ? -11.393 6.430   10.659  1.00 31.46 ? 70  LYS B CA  1 
ATOM   1131 C C   . LYS B 1 75 ? -9.995  5.844   10.811  1.00 31.05 ? 70  LYS B C   1 
ATOM   1132 O O   . LYS B 1 75 ? -8.995  6.552   10.707  1.00 31.12 ? 70  LYS B O   1 
ATOM   1133 C CB  . LYS B 1 75 ? -12.060 6.544   12.032  1.00 32.30 ? 70  LYS B CB  1 
ATOM   1134 C CG  . LYS B 1 75 ? -11.993 7.946   12.642  1.00 34.78 ? 70  LYS B CG  1 
ATOM   1135 C CD  . LYS B 1 75 ? -11.066 8.045   13.870  1.00 36.96 ? 70  LYS B CD  1 
ATOM   1136 C CE  . LYS B 1 75 ? -11.068 9.489   14.431  1.00 36.74 ? 70  LYS B CE  1 
ATOM   1137 N NZ  . LYS B 1 75 ? -10.170 9.654   15.618  1.00 36.90 ? 70  LYS B NZ  1 
ATOM   1138 N N   . TYR B 1 76 ? -9.898  4.547   11.023  1.00 30.68 ? 71  TYR B N   1 
ATOM   1139 C CA  . TYR B 1 76 ? -8.556  3.998   11.107  1.00 30.51 ? 71  TYR B CA  1 
ATOM   1140 C C   . TYR B 1 76 ? -7.766  4.357   9.857   1.00 30.59 ? 71  TYR B C   1 
ATOM   1141 O O   . TYR B 1 76 ? -6.654  4.874   9.943   1.00 30.31 ? 71  TYR B O   1 
ATOM   1142 C CB  . TYR B 1 76 ? -8.526  2.496   11.335  1.00 29.90 ? 71  TYR B CB  1 
ATOM   1143 C CG  . TYR B 1 76 ? -7.135  2.039   11.658  1.00 29.51 ? 71  TYR B CG  1 
ATOM   1144 C CD1 . TYR B 1 76 ? -6.723  1.925   12.969  1.00 28.64 ? 71  TYR B CD1 1 
ATOM   1145 C CD2 . TYR B 1 76 ? -6.209  1.743   10.638  1.00 29.51 ? 71  TYR B CD2 1 
ATOM   1146 C CE1 . TYR B 1 76 ? -5.437  1.511   13.275  1.00 30.35 ? 71  TYR B CE1 1 
ATOM   1147 C CE2 . TYR B 1 76 ? -4.917  1.342   10.933  1.00 28.47 ? 71  TYR B CE2 1 
ATOM   1148 C CZ  . TYR B 1 76 ? -4.545  1.228   12.258  1.00 30.00 ? 71  TYR B CZ  1 
ATOM   1149 O OH  . TYR B 1 76 ? -3.274  0.843   12.599  1.00 31.83 ? 71  TYR B OH  1 
ATOM   1150 N N   . ILE B 1 77 ? -8.338  4.107   8.690   1.00 31.16 ? 72  ILE B N   1 
ATOM   1151 C CA  . ILE B 1 77 ? -7.571  4.340   7.482   1.00 31.76 ? 72  ILE B CA  1 
ATOM   1152 C C   . ILE B 1 77 ? -7.223  5.814   7.369   1.00 32.87 ? 72  ILE B C   1 
ATOM   1153 O O   . ILE B 1 77 ? -6.053  6.146   7.199   1.00 33.26 ? 72  ILE B O   1 
ATOM   1154 C CB  . ILE B 1 77 ? -8.254  3.796   6.232   1.00 31.22 ? 72  ILE B CB  1 
ATOM   1155 C CG1 . ILE B 1 77 ? -8.211  2.269   6.267   1.00 30.23 ? 72  ILE B CG1 1 
ATOM   1156 C CG2 . ILE B 1 77 ? -7.534  4.291   4.995   1.00 30.51 ? 72  ILE B CG2 1 
ATOM   1157 C CD1 . ILE B 1 77 ? -9.459  1.607   5.749   1.00 27.81 ? 72  ILE B CD1 1 
ATOM   1158 N N   . GLU B 1 78 ? -8.222  6.690   7.519   1.00 33.99 ? 73  GLU B N   1 
ATOM   1159 C CA  . GLU B 1 78 ? -8.026  8.147   7.384   1.00 35.09 ? 73  GLU B CA  1 
ATOM   1160 C C   . GLU B 1 78 ? -6.850  8.652   8.221   1.00 34.73 ? 73  GLU B C   1 
ATOM   1161 O O   . GLU B 1 78 ? -6.151  9.587   7.837   1.00 34.53 ? 73  GLU B O   1 
ATOM   1162 C CB  . GLU B 1 78 ? -9.308  8.896   7.758   1.00 34.98 ? 73  GLU B CB  1 
ATOM   1163 C CG  . GLU B 1 78 ? -9.235  10.412  7.634   1.00 36.26 ? 73  GLU B CG  1 
ATOM   1164 C CD  . GLU B 1 78 ? -10.372 11.139  8.387   1.00 37.37 ? 73  GLU B CD  1 
ATOM   1165 O OE1 . GLU B 1 78 ? -11.250 10.459  8.987   1.00 37.81 ? 73  GLU B OE1 1 
ATOM   1166 O OE2 . GLU B 1 78 ? -10.372 12.403  8.383   1.00 39.71 ? 73  GLU B OE2 1 
ATOM   1167 N N   . ASP B 1 79 ? -6.630  7.992   9.352   1.00 35.03 ? 74  ASP B N   1 
ATOM   1168 C CA  . ASP B 1 79 ? -5.621  8.393   10.319  1.00 35.21 ? 74  ASP B CA  1 
ATOM   1169 C C   . ASP B 1 79 ? -4.222  7.843   10.086  1.00 35.98 ? 74  ASP B C   1 
ATOM   1170 O O   . ASP B 1 79 ? -3.299  8.195   10.815  1.00 36.31 ? 74  ASP B O   1 
ATOM   1171 C CB  . ASP B 1 79 ? -6.087  7.971   11.706  1.00 34.98 ? 74  ASP B CB  1 
ATOM   1172 C CG  . ASP B 1 79 ? -7.293  8.743   12.150  1.00 33.18 ? 74  ASP B CG  1 
ATOM   1173 O OD1 . ASP B 1 79 ? -7.406  9.909   11.741  1.00 30.48 ? 74  ASP B OD1 1 
ATOM   1174 O OD2 . ASP B 1 79 ? -8.123  8.191   12.896  1.00 33.62 ? 74  ASP B OD2 1 
ATOM   1175 N N   . ASN B 1 80 ? -4.054  7.000   9.070   1.00 36.81 ? 75  ASN B N   1 
ATOM   1176 C CA  . ASN B 1 80 ? -2.884  6.124   9.009   1.00 37.55 ? 75  ASN B CA  1 
ATOM   1177 C C   . ASN B 1 80 ? -2.249  5.908   7.623   1.00 38.42 ? 75  ASN B C   1 
ATOM   1178 O O   . ASN B 1 80 ? -1.645  4.876   7.378   1.00 38.90 ? 75  ASN B O   1 
ATOM   1179 C CB  . ASN B 1 80 ? -3.239  4.766   9.659   1.00 36.81 ? 75  ASN B CB  1 
ATOM   1180 C CG  . ASN B 1 80 ? -3.242  4.821   11.172  1.00 36.09 ? 75  ASN B CG  1 
ATOM   1181 O OD1 . ASN B 1 80 ? -4.298  4.825   11.813  1.00 36.48 ? 75  ASN B OD1 1 
ATOM   1182 N ND2 . ASN B 1 80 ? -2.063  4.878   11.753  1.00 34.32 ? 75  ASN B ND2 1 
ATOM   1183 N N   . LYS B 1 81 ? -2.341  6.884   6.730   1.00 39.72 ? 76  LYS B N   1 
ATOM   1184 C CA  . LYS B 1 81 ? -1.860  6.674   5.363   1.00 40.63 ? 76  LYS B CA  1 
ATOM   1185 C C   . LYS B 1 81 ? -0.456  7.229   5.098   1.00 41.04 ? 76  LYS B C   1 
ATOM   1186 O O   . LYS B 1 81 ? 0.090   7.058   3.995   1.00 41.54 ? 76  LYS B O   1 
ATOM   1187 C CB  . LYS B 1 81 ? -2.851  7.273   4.374   1.00 41.14 ? 76  LYS B CB  1 
ATOM   1188 C CG  . LYS B 1 81 ? -4.229  6.611   4.355   1.00 41.40 ? 76  LYS B CG  1 
ATOM   1189 C CD  . LYS B 1 81 ? -5.257  7.546   3.708   1.00 42.87 ? 76  LYS B CD  1 
ATOM   1190 C CE  . LYS B 1 81 ? -5.612  8.713   4.633   1.00 42.52 ? 76  LYS B CE  1 
ATOM   1191 N NZ  . LYS B 1 81 ? -6.173  9.849   3.867   1.00 43.39 ? 76  LYS B NZ  1 
ATOM   1192 N N   . ALA C 1 7  ? 11.567  -14.328 2.932   1.00 42.89 ? 2   ALA C N   1 
ATOM   1193 C CA  . ALA C 1 7  ? 10.264  -13.644 2.663   1.00 42.72 ? 2   ALA C CA  1 
ATOM   1194 C C   . ALA C 1 7  ? 10.156  -12.367 3.499   1.00 42.78 ? 2   ALA C C   1 
ATOM   1195 O O   . ALA C 1 7  ? 10.523  -11.285 3.022   1.00 43.39 ? 2   ALA C O   1 
ATOM   1196 C CB  . ALA C 1 7  ? 9.080   -14.593 2.914   1.00 42.72 ? 2   ALA C CB  1 
ATOM   1197 N N   . LEU C 1 8  ? 9.687   -12.483 4.745   1.00 42.16 ? 3   LEU C N   1 
ATOM   1198 C CA  . LEU C 1 8  ? 9.601   -11.323 5.654   1.00 41.65 ? 3   LEU C CA  1 
ATOM   1199 C C   . LEU C 1 8  ? 10.880  -10.476 5.647   1.00 40.97 ? 3   LEU C C   1 
ATOM   1200 O O   . LEU C 1 8  ? 10.794  -9.254  5.527   1.00 41.01 ? 3   LEU C O   1 
ATOM   1201 C CB  . LEU C 1 8  ? 9.219   -11.735 7.092   1.00 41.72 ? 3   LEU C CB  1 
ATOM   1202 C CG  . LEU C 1 8  ? 8.768   -10.691 8.131   1.00 42.06 ? 3   LEU C CG  1 
ATOM   1203 C CD1 . LEU C 1 8  ? 7.365   -10.113 7.856   1.00 39.02 ? 3   LEU C CD1 1 
ATOM   1204 C CD2 . LEU C 1 8  ? 8.826   -11.312 9.521   1.00 41.48 ? 3   LEU C CD2 1 
ATOM   1205 N N   . PHE C 1 9  ? 12.054  -11.101 5.741   1.00 40.13 ? 4   PHE C N   1 
ATOM   1206 C CA  . PHE C 1 9  ? 13.284  -10.300 5.724   1.00 39.17 ? 4   PHE C CA  1 
ATOM   1207 C C   . PHE C 1 9  ? 13.344  -9.451  4.478   1.00 38.75 ? 4   PHE C C   1 
ATOM   1208 O O   . PHE C 1 9  ? 13.827  -8.318  4.515   1.00 38.73 ? 4   PHE C O   1 
ATOM   1209 C CB  . PHE C 1 9  ? 14.579  -11.120 5.806   1.00 38.65 ? 4   PHE C CB  1 
ATOM   1210 C CG  . PHE C 1 9  ? 15.829  -10.285 5.553   1.00 37.93 ? 4   PHE C CG  1 
ATOM   1211 C CD1 . PHE C 1 9  ? 16.367  -9.478  6.563   1.00 36.81 ? 4   PHE C CD1 1 
ATOM   1212 C CD2 . PHE C 1 9  ? 16.443  -10.280 4.302   1.00 35.58 ? 4   PHE C CD2 1 
ATOM   1213 C CE1 . PHE C 1 9  ? 17.499  -8.698  6.327   1.00 36.22 ? 4   PHE C CE1 1 
ATOM   1214 C CE2 . PHE C 1 9  ? 17.575  -9.501  4.061   1.00 34.65 ? 4   PHE C CE2 1 
ATOM   1215 C CZ  . PHE C 1 9  ? 18.103  -8.713  5.071   1.00 35.86 ? 4   PHE C CZ  1 
ATOM   1216 N N   . GLU C 1 10 ? 12.868  -10.007 3.373   1.00 38.34 ? 5   GLU C N   1 
ATOM   1217 C CA  . GLU C 1 10 ? 12.986  -9.319  2.103   1.00 38.27 ? 5   GLU C CA  1 
ATOM   1218 C C   . GLU C 1 10 ? 11.948  -8.219  1.948   1.00 38.20 ? 5   GLU C C   1 
ATOM   1219 O O   . GLU C 1 10 ? 12.239  -7.150  1.384   1.00 38.53 ? 5   GLU C O   1 
ATOM   1220 C CB  . GLU C 1 10 ? 12.919  -10.305 0.951   1.00 38.51 ? 5   GLU C CB  1 
ATOM   1221 C CG  . GLU C 1 10 ? 13.970  -11.375 1.021   1.00 38.67 ? 5   GLU C CG  1 
ATOM   1222 C CD  . GLU C 1 10 ? 13.959  -12.214 -0.213  1.00 39.31 ? 5   GLU C CD  1 
ATOM   1223 O OE1 . GLU C 1 10 ? 12.934  -12.882 -0.459  1.00 40.48 ? 5   GLU C OE1 1 
ATOM   1224 O OE2 . GLU C 1 10 ? 14.967  -12.202 -0.945  1.00 40.10 ? 5   GLU C OE2 1 
ATOM   1225 N N   . ASP C 1 11 ? 10.739  -8.484  2.444   1.00 38.03 ? 6   ASP C N   1 
ATOM   1226 C CA  . ASP C 1 11 ? 9.708   -7.455  2.555   1.00 37.55 ? 6   ASP C CA  1 
ATOM   1227 C C   . ASP C 1 11 ? 10.216  -6.246  3.370   1.00 37.15 ? 6   ASP C C   1 
ATOM   1228 O O   . ASP C 1 11 ? 10.097  -5.104  2.913   1.00 37.38 ? 6   ASP C O   1 
ATOM   1229 C CB  . ASP C 1 11 ? 8.414   -8.051  3.133   1.00 37.92 ? 6   ASP C CB  1 
ATOM   1230 C CG  . ASP C 1 11 ? 7.847   -9.172  2.261   1.00 38.28 ? 6   ASP C CG  1 
ATOM   1231 O OD1 . ASP C 1 11 ? 7.785   -9.023  1.019   1.00 37.40 ? 6   ASP C OD1 1 
ATOM   1232 O OD2 . ASP C 1 11 ? 7.475   -10.221 2.819   1.00 40.79 ? 6   ASP C OD2 1 
ATOM   1233 N N   . ILE C 1 12 ? 10.814  -6.504  4.542   1.00 36.24 ? 7   ILE C N   1 
ATOM   1234 C CA  . ILE C 1 12 ? 11.437  -5.454  5.373   1.00 35.20 ? 7   ILE C CA  1 
ATOM   1235 C C   . ILE C 1 12 ? 12.611  -4.758  4.670   1.00 35.09 ? 7   ILE C C   1 
ATOM   1236 O O   . ILE C 1 12 ? 12.688  -3.524  4.688   1.00 34.72 ? 7   ILE C O   1 
ATOM   1237 C CB  . ILE C 1 12 ? 11.862  -5.973  6.784   1.00 34.94 ? 7   ILE C CB  1 
ATOM   1238 C CG1 . ILE C 1 12 ? 10.643  -6.517  7.537   1.00 34.01 ? 7   ILE C CG1 1 
ATOM   1239 C CG2 . ILE C 1 12 ? 12.519  -4.871  7.596   1.00 34.41 ? 7   ILE C CG2 1 
ATOM   1240 C CD1 . ILE C 1 12 ? 10.950  -7.580  8.570   1.00 32.79 ? 7   ILE C CD1 1 
ATOM   1241 N N   . GLN C 1 13 ? 13.512  -5.515  4.035   1.00 35.23 ? 8   GLN C N   1 
ATOM   1242 C CA  . GLN C 1 13 ? 14.646  -4.854  3.364   1.00 35.27 ? 8   GLN C CA  1 
ATOM   1243 C C   . GLN C 1 13 ? 14.190  -3.926  2.232   1.00 35.55 ? 8   GLN C C   1 
ATOM   1244 O O   . GLN C 1 13 ? 14.746  -2.837  2.073   1.00 35.77 ? 8   GLN C O   1 
ATOM   1245 C CB  . GLN C 1 13 ? 15.829  -5.792  2.974   1.00 35.53 ? 8   GLN C CB  1 
ATOM   1246 C CG  . GLN C 1 13 ? 15.513  -7.034  2.139   1.00 34.95 ? 8   GLN C CG  1 
ATOM   1247 C CD  . GLN C 1 13 ? 16.679  -7.560  1.270   1.00 34.56 ? 8   GLN C CD  1 
ATOM   1248 O OE1 . GLN C 1 13 ? 17.870  -7.365  1.557   1.00 31.05 ? 8   GLN C OE1 1 
ATOM   1249 N NE2 . GLN C 1 13 ? 16.313  -8.244  0.192   1.00 34.86 ? 8   GLN C NE2 1 
ATOM   1250 N N   . ALA C 1 14 ? 13.145  -4.326  1.501   1.00 35.74 ? 9   ALA C N   1 
ATOM   1251 C CA  . ALA C 1 14 ? 12.570  -3.492  0.430   1.00 36.12 ? 9   ALA C CA  1 
ATOM   1252 C C   . ALA C 1 14 ? 11.980  -2.149  0.897   1.00 36.47 ? 9   ALA C C   1 
ATOM   1253 O O   . ALA C 1 14 ? 12.086  -1.149  0.174   1.00 37.02 ? 9   ALA C O   1 
ATOM   1254 C CB  . ALA C 1 14 ? 11.538  -4.274  -0.380  1.00 36.00 ? 9   ALA C CB  1 
ATOM   1255 N N   . VAL C 1 15 ? 11.354  -2.134  2.084   1.00 36.47 ? 10  VAL C N   1 
ATOM   1256 C CA  . VAL C 1 15 ? 10.802  -0.903  2.683   1.00 36.17 ? 10  VAL C CA  1 
ATOM   1257 C C   . VAL C 1 15 ? 11.942  0.029   3.081   1.00 36.67 ? 10  VAL C C   1 
ATOM   1258 O O   . VAL C 1 15 ? 11.964  1.191   2.658   1.00 36.57 ? 10  VAL C O   1 
ATOM   1259 C CB  . VAL C 1 15 ? 9.877   -1.175  3.909   1.00 35.82 ? 10  VAL C CB  1 
ATOM   1260 C CG1 . VAL C 1 15 ? 9.420   0.127   4.541   1.00 35.77 ? 10  VAL C CG1 1 
ATOM   1261 C CG2 . VAL C 1 15 ? 8.675   -1.959  3.498   1.00 35.43 ? 10  VAL C CG2 1 
ATOM   1262 N N   . ILE C 1 16 ? 12.883  -0.487  3.881   1.00 37.27 ? 11  ILE C N   1 
ATOM   1263 C CA  . ILE C 1 16 ? 14.096  0.256   4.251   1.00 37.73 ? 11  ILE C CA  1 
ATOM   1264 C C   . ILE C 1 16 ? 14.735  0.819   2.976   1.00 38.97 ? 11  ILE C C   1 
ATOM   1265 O O   . ILE C 1 16 ? 14.966  2.032   2.880   1.00 38.51 ? 11  ILE C O   1 
ATOM   1266 C CB  . ILE C 1 16 ? 15.134  -0.613  5.079   1.00 37.59 ? 11  ILE C CB  1 
ATOM   1267 C CG1 . ILE C 1 16 ? 14.538  -1.067  6.421   1.00 36.72 ? 11  ILE C CG1 1 
ATOM   1268 C CG2 . ILE C 1 16 ? 16.419  0.166   5.338   1.00 36.13 ? 11  ILE C CG2 1 
ATOM   1269 C CD1 . ILE C 1 16 ? 15.223  -2.268  7.069   1.00 36.75 ? 11  ILE C CD1 1 
ATOM   1270 N N   . ALA C 1 17 ? 14.992  -0.065  2.001   1.00 40.29 ? 12  ALA C N   1 
ATOM   1271 C CA  . ALA C 1 17 ? 15.570  0.337   0.709   1.00 41.46 ? 12  ALA C CA  1 
ATOM   1272 C C   . ALA C 1 17 ? 14.783  1.477   0.065   1.00 42.39 ? 12  ALA C C   1 
ATOM   1273 O O   . ALA C 1 17 ? 15.360  2.509   -0.248  1.00 42.72 ? 12  ALA C O   1 
ATOM   1274 C CB  . ALA C 1 17 ? 15.676  -0.843  -0.233  1.00 41.44 ? 12  ALA C CB  1 
ATOM   1275 N N   . GLU C 1 18 ? 13.478  1.286   -0.123  1.00 43.51 ? 13  GLU C N   1 
ATOM   1276 C CA  . GLU C 1 18 ? 12.583  2.360   -0.570  1.00 44.88 ? 13  GLU C CA  1 
ATOM   1277 C C   . GLU C 1 18 ? 12.784  3.606   0.293   1.00 45.13 ? 13  GLU C C   1 
ATOM   1278 O O   . GLU C 1 18 ? 13.035  4.700   -0.225  1.00 45.37 ? 13  GLU C O   1 
ATOM   1279 C CB  . GLU C 1 18 ? 11.106  1.909   -0.504  1.00 45.21 ? 13  GLU C CB  1 
ATOM   1280 C CG  . GLU C 1 18 ? 10.083  3.067   -0.431  1.00 47.33 ? 13  GLU C CG  1 
ATOM   1281 C CD  . GLU C 1 18 ? 8.901   2.830   0.557   1.00 50.61 ? 13  GLU C CD  1 
ATOM   1282 O OE1 . GLU C 1 18 ? 7.808   3.396   0.299   1.00 51.90 ? 13  GLU C OE1 1 
ATOM   1283 O OE2 . GLU C 1 18 ? 9.050   2.112   1.585   1.00 49.99 ? 13  GLU C OE2 1 
ATOM   1284 N N   . GLN C 1 19 ? 12.683  3.424   1.609   1.00 45.34 ? 14  GLN C N   1 
ATOM   1285 C CA  . GLN C 1 19 ? 12.666  4.538   2.556   1.00 45.56 ? 14  GLN C CA  1 
ATOM   1286 C C   . GLN C 1 19 ? 13.958  5.350   2.483   1.00 45.20 ? 14  GLN C C   1 
ATOM   1287 O O   . GLN C 1 19 ? 13.926  6.505   2.046   1.00 45.70 ? 14  GLN C O   1 
ATOM   1288 C CB  . GLN C 1 19 ? 12.395  4.040   3.988   1.00 45.73 ? 14  GLN C CB  1 
ATOM   1289 C CG  . GLN C 1 19 ? 11.611  5.006   4.871   1.00 46.62 ? 14  GLN C CG  1 
ATOM   1290 C CD  . GLN C 1 19 ? 10.280  5.394   4.263   1.00 46.91 ? 14  GLN C CD  1 
ATOM   1291 O OE1 . GLN C 1 19 ? 10.134  6.503   3.764   1.00 47.99 ? 14  GLN C OE1 1 
ATOM   1292 N NE2 . GLN C 1 19 ? 9.314   4.475   4.272   1.00 46.36 ? 14  GLN C NE2 1 
ATOM   1293 N N   . LEU C 1 20 ? 15.081  4.742   2.876   1.00 44.56 ? 15  LEU C N   1 
ATOM   1294 C CA  . LEU C 1 20 ? 16.385  5.415   2.866   1.00 43.79 ? 15  LEU C CA  1 
ATOM   1295 C C   . LEU C 1 20 ? 17.022  5.492   1.472   1.00 43.62 ? 15  LEU C C   1 
ATOM   1296 O O   . LEU C 1 20 ? 18.125  6.029   1.327   1.00 43.73 ? 15  LEU C O   1 
ATOM   1297 C CB  . LEU C 1 20 ? 17.365  4.768   3.857   1.00 43.44 ? 15  LEU C CB  1 
ATOM   1298 C CG  . LEU C 1 20 ? 17.165  4.793   5.379   1.00 43.10 ? 15  LEU C CG  1 
ATOM   1299 C CD1 . LEU C 1 20 ? 16.217  5.911   5.884   1.00 41.29 ? 15  LEU C CD1 1 
ATOM   1300 C CD2 . LEU C 1 20 ? 16.686  3.447   5.849   1.00 42.24 ? 15  LEU C CD2 1 
ATOM   1301 N N   . ASN C 1 21 ? 16.303  4.988   0.464   1.00 43.16 ? 16  ASN C N   1 
ATOM   1302 C CA  . ASN C 1 21 ? 16.745  4.912   -0.959  1.00 43.07 ? 16  ASN C CA  1 
ATOM   1303 C C   . ASN C 1 21 ? 18.170  4.420   -1.242  1.00 42.15 ? 16  ASN C C   1 
ATOM   1304 O O   . ASN C 1 21 ? 18.823  4.882   -2.181  1.00 42.36 ? 16  ASN C O   1 
ATOM   1305 C CB  . ASN C 1 21 ? 16.381  6.166   -1.811  1.00 43.61 ? 16  ASN C CB  1 
ATOM   1306 C CG  . ASN C 1 21 ? 16.716  7.490   -1.121  1.00 44.93 ? 16  ASN C CG  1 
ATOM   1307 O OD1 . ASN C 1 21 ? 17.709  8.141   -1.458  1.00 46.34 ? 16  ASN C OD1 1 
ATOM   1308 N ND2 . ASN C 1 21 ? 15.871  7.907   -0.168  1.00 46.08 ? 16  ASN C ND2 1 
ATOM   1309 N N   . VAL C 1 22 ? 18.625  3.474   -0.422  1.00 40.76 ? 17  VAL C N   1 
ATOM   1310 C CA  . VAL C 1 22 ? 19.825  2.692   -0.695  1.00 38.73 ? 17  VAL C CA  1 
ATOM   1311 C C   . VAL C 1 22 ? 19.405  1.464   -1.501  1.00 37.74 ? 17  VAL C C   1 
ATOM   1312 O O   . VAL C 1 22 ? 18.219  1.146   -1.577  1.00 37.59 ? 17  VAL C O   1 
ATOM   1313 C CB  . VAL C 1 22 ? 20.515  2.254   0.614   1.00 38.60 ? 17  VAL C CB  1 
ATOM   1314 C CG1 . VAL C 1 22 ? 21.132  3.460   1.324   1.00 38.36 ? 17  VAL C CG1 1 
ATOM   1315 C CG2 . VAL C 1 22 ? 19.540  1.538   1.523   1.00 37.57 ? 17  VAL C CG2 1 
ATOM   1316 N N   . ASP C 1 23 ? 20.365  0.774   -2.106  1.00 36.67 ? 18  ASP C N   1 
ATOM   1317 C CA  . ASP C 1 23 ? 20.073  -0.495  -2.779  1.00 35.42 ? 18  ASP C CA  1 
ATOM   1318 C C   . ASP C 1 23 ? 19.774  -1.632  -1.792  1.00 34.36 ? 18  ASP C C   1 
ATOM   1319 O O   . ASP C 1 23 ? 20.360  -1.696  -0.719  1.00 34.62 ? 18  ASP C O   1 
ATOM   1320 C CB  . ASP C 1 23 ? 21.239  -0.885  -3.667  1.00 35.36 ? 18  ASP C CB  1 
ATOM   1321 C CG  . ASP C 1 23 ? 21.016  -2.200  -4.349  1.00 35.84 ? 18  ASP C CG  1 
ATOM   1322 O OD1 . ASP C 1 23 ? 21.513  -3.215  -3.826  1.00 37.65 ? 18  ASP C OD1 1 
ATOM   1323 O OD2 . ASP C 1 23 ? 20.304  -2.228  -5.374  1.00 34.11 ? 18  ASP C OD2 1 
ATOM   1324 N N   . ALA C 1 24 ? 18.874  -2.536  -2.163  1.00 33.44 ? 19  ALA C N   1 
ATOM   1325 C CA  . ALA C 1 24 ? 18.483  -3.643  -1.282  1.00 32.80 ? 19  ALA C CA  1 
ATOM   1326 C C   . ALA C 1 24 ? 19.668  -4.479  -0.800  1.00 32.75 ? 19  ALA C C   1 
ATOM   1327 O O   . ALA C 1 24 ? 19.608  -5.091  0.268   1.00 32.39 ? 19  ALA C O   1 
ATOM   1328 C CB  . ALA C 1 24 ? 17.450  -4.542  -1.966  1.00 32.85 ? 19  ALA C CB  1 
ATOM   1329 N N   . ALA C 1 25 ? 20.745  -4.501  -1.588  1.00 32.69 ? 20  ALA C N   1 
ATOM   1330 C CA  . ALA C 1 25 ? 21.932  -5.268  -1.231  1.00 32.47 ? 20  ALA C CA  1 
ATOM   1331 C C   . ALA C 1 25 ? 22.684  -4.620  -0.086  1.00 32.49 ? 20  ALA C C   1 
ATOM   1332 O O   . ALA C 1 25 ? 23.486  -5.281  0.575   1.00 32.19 ? 20  ALA C O   1 
ATOM   1333 C CB  . ALA C 1 25 ? 22.831  -5.436  -2.420  1.00 32.56 ? 20  ALA C CB  1 
ATOM   1334 N N   . GLN C 1 26 ? 22.424  -3.329  0.141   1.00 32.51 ? 21  GLN C N   1 
ATOM   1335 C CA  . GLN C 1 26 ? 23.011  -2.595  1.278   1.00 32.83 ? 21  GLN C CA  1 
ATOM   1336 C C   . GLN C 1 26 ? 22.318  -2.927  2.614   1.00 32.78 ? 21  GLN C C   1 
ATOM   1337 O O   . GLN C 1 26 ? 22.932  -2.877  3.693   1.00 32.97 ? 21  GLN C O   1 
ATOM   1338 C CB  . GLN C 1 26 ? 23.004  -1.078  1.018   1.00 32.75 ? 21  GLN C CB  1 
ATOM   1339 C CG  . GLN C 1 26 ? 24.093  -0.612  0.066   1.00 33.41 ? 21  GLN C CG  1 
ATOM   1340 C CD  . GLN C 1 26 ? 25.485  -0.852  0.623   1.00 34.41 ? 21  GLN C CD  1 
ATOM   1341 O OE1 . GLN C 1 26 ? 26.202  -1.761  0.190   1.00 36.30 ? 21  GLN C OE1 1 
ATOM   1342 N NE2 . GLN C 1 26 ? 25.867  -0.053  1.603   1.00 34.14 ? 21  GLN C NE2 1 
ATOM   1343 N N   . VAL C 1 27 ? 21.041  -3.280  2.531   1.00 32.57 ? 22  VAL C N   1 
ATOM   1344 C CA  . VAL C 1 27 ? 20.237  -3.502  3.712   1.00 32.13 ? 22  VAL C CA  1 
ATOM   1345 C C   . VAL C 1 27 ? 20.526  -4.911  4.231   1.00 32.29 ? 22  VAL C C   1 
ATOM   1346 O O   . VAL C 1 27 ? 19.781  -5.856  3.947   1.00 32.53 ? 22  VAL C O   1 
ATOM   1347 C CB  . VAL C 1 27 ? 18.727  -3.242  3.408   1.00 32.07 ? 22  VAL C CB  1 
ATOM   1348 C CG1 . VAL C 1 27 ? 17.869  -3.458  4.640   1.00 32.08 ? 22  VAL C CG1 1 
ATOM   1349 C CG2 . VAL C 1 27 ? 18.521  -1.813  2.886   1.00 31.53 ? 22  VAL C CG2 1 
ATOM   1350 N N   . THR C 1 28 ? 21.638  -5.043  4.955   1.00 32.28 ? 23  THR C N   1 
ATOM   1351 C CA  . THR C 1 28 ? 22.012  -6.292  5.620   1.00 32.63 ? 23  THR C CA  1 
ATOM   1352 C C   . THR C 1 28 ? 21.710  -6.130  7.107   1.00 33.21 ? 23  THR C C   1 
ATOM   1353 O O   . THR C 1 28 ? 21.772  -5.013  7.620   1.00 33.41 ? 23  THR C O   1 
ATOM   1354 C CB  . THR C 1 28 ? 23.530  -6.654  5.466   1.00 32.43 ? 23  THR C CB  1 
ATOM   1355 O OG1 . THR C 1 28 ? 24.323  -5.774  6.270   1.00 33.21 ? 23  THR C OG1 1 
ATOM   1356 C CG2 . THR C 1 28 ? 24.007  -6.589  4.020   1.00 31.26 ? 23  THR C CG2 1 
ATOM   1357 N N   . PRO C 1 29 ? 21.396  -7.236  7.809   1.00 33.42 ? 24  PRO C N   1 
ATOM   1358 C CA  . PRO C 1 29 ? 21.086  -7.251  9.246   1.00 33.93 ? 24  PRO C CA  1 
ATOM   1359 C C   . PRO C 1 29 ? 21.978  -6.399  10.171  1.00 34.48 ? 24  PRO C C   1 
ATOM   1360 O O   . PRO C 1 29 ? 21.450  -5.738  11.067  1.00 34.93 ? 24  PRO C O   1 
ATOM   1361 C CB  . PRO C 1 29 ? 21.235  -8.727  9.611   1.00 34.04 ? 24  PRO C CB  1 
ATOM   1362 C CG  . PRO C 1 29 ? 20.810  -9.427  8.386   1.00 34.32 ? 24  PRO C CG  1 
ATOM   1363 C CD  . PRO C 1 29 ? 21.291  -8.582  7.222   1.00 33.37 ? 24  PRO C CD  1 
ATOM   1364 N N   . GLU C 1 30 ? 23.297  -6.431  9.977   1.00 34.48 ? 25  GLU C N   1 
ATOM   1365 C CA  . GLU C 1 30 ? 24.234  -5.714  10.844  1.00 34.78 ? 25  GLU C CA  1 
ATOM   1366 C C   . GLU C 1 30 ? 24.472  -4.270  10.384  1.00 33.65 ? 25  GLU C C   1 
ATOM   1367 O O   . GLU C 1 30 ? 25.272  -3.545  10.980  1.00 33.32 ? 25  GLU C O   1 
ATOM   1368 C CB  . GLU C 1 30 ? 25.577  -6.466  10.937  1.00 34.76 ? 25  GLU C CB  1 
ATOM   1369 C CG  . GLU C 1 30 ? 25.575  -7.724  11.833  1.00 36.57 ? 25  GLU C CG  1 
ATOM   1370 C CD  . GLU C 1 30 ? 26.920  -8.525  11.791  1.00 37.54 ? 25  GLU C CD  1 
ATOM   1371 O OE1 . GLU C 1 30 ? 27.500  -8.740  10.687  1.00 38.44 ? 25  GLU C OE1 1 
ATOM   1372 O OE2 . GLU C 1 30 ? 27.395  -8.956  12.877  1.00 41.46 ? 25  GLU C OE2 1 
ATOM   1373 N N   . ALA C 1 31 ? 23.786  -3.860  9.322   1.00 33.05 ? 26  ALA C N   1 
ATOM   1374 C CA  . ALA C 1 31 ? 23.907  -2.494  8.801   1.00 32.33 ? 26  ALA C CA  1 
ATOM   1375 C C   . ALA C 1 31 ? 23.134  -1.478  9.669   1.00 32.07 ? 26  ALA C C   1 
ATOM   1376 O O   . ALA C 1 31 ? 21.960  -1.682  9.973   1.00 31.48 ? 26  ALA C O   1 
ATOM   1377 C CB  . ALA C 1 31 ? 23.449  -2.425  7.333   1.00 31.97 ? 26  ALA C CB  1 
ATOM   1378 N N   . GLU C 1 32 ? 23.810  -0.395  10.050  1.00 31.67 ? 27  GLU C N   1 
ATOM   1379 C CA  . GLU C 1 32 ? 23.226  0.646   10.880  1.00 31.92 ? 27  GLU C CA  1 
ATOM   1380 C C   . GLU C 1 32 ? 22.673  1.743   10.015  1.00 31.65 ? 27  GLU C C   1 
ATOM   1381 O O   . GLU C 1 32 ? 23.351  2.237   9.121   1.00 31.36 ? 27  GLU C O   1 
ATOM   1382 C CB  . GLU C 1 32 ? 24.259  1.241   11.838  1.00 32.08 ? 27  GLU C CB  1 
ATOM   1383 C CG  . GLU C 1 32 ? 25.062  0.203   12.607  1.00 32.58 ? 27  GLU C CG  1 
ATOM   1384 C CD  . GLU C 1 32 ? 25.746  0.770   13.831  1.00 34.62 ? 27  GLU C CD  1 
ATOM   1385 O OE1 . GLU C 1 32 ? 26.035  -0.037  14.742  1.00 36.90 ? 27  GLU C OE1 1 
ATOM   1386 O OE2 . GLU C 1 32 ? 25.994  2.003   13.900  1.00 34.46 ? 27  GLU C OE2 1 
ATOM   1387 N N   . PHE C 1 33 ? 21.428  2.120   10.302  1.00 32.08 ? 28  PHE C N   1 
ATOM   1388 C CA  . PHE C 1 33 ? 20.707  3.144   9.544   1.00 32.21 ? 28  PHE C CA  1 
ATOM   1389 C C   . PHE C 1 33 ? 21.538  4.435   9.406   1.00 32.64 ? 28  PHE C C   1 
ATOM   1390 O O   . PHE C 1 33 ? 21.729  4.921   8.296   1.00 32.07 ? 28  PHE C O   1 
ATOM   1391 C CB  . PHE C 1 33 ? 19.332  3.455   10.173  1.00 31.98 ? 28  PHE C CB  1 
ATOM   1392 C CG  . PHE C 1 33 ? 18.428  2.246   10.369  1.00 31.20 ? 28  PHE C CG  1 
ATOM   1393 C CD1 . PHE C 1 33 ? 17.890  1.563   9.282   1.00 30.26 ? 28  PHE C CD1 1 
ATOM   1394 C CD2 . PHE C 1 33 ? 18.076  1.831   11.650  1.00 30.33 ? 28  PHE C CD2 1 
ATOM   1395 C CE1 . PHE C 1 33 ? 17.054  0.465   9.478   1.00 29.69 ? 28  PHE C CE1 1 
ATOM   1396 C CE2 . PHE C 1 33 ? 17.232  0.736   11.853  1.00 29.42 ? 28  PHE C CE2 1 
ATOM   1397 C CZ  . PHE C 1 33 ? 16.723  0.055   10.774  1.00 29.51 ? 28  PHE C CZ  1 
ATOM   1398 N N   . VAL C 1 34 ? 22.043  4.974   10.515  1.00 33.50 ? 29  VAL C N   1 
ATOM   1399 C CA  . VAL C 1 34 ? 22.854  6.201   10.413  1.00 35.03 ? 29  VAL C CA  1 
ATOM   1400 C C   . VAL C 1 34 ? 24.259  5.950   9.884   1.00 35.48 ? 29  VAL C C   1 
ATOM   1401 O O   . VAL C 1 34 ? 24.607  6.475   8.831   1.00 35.96 ? 29  VAL C O   1 
ATOM   1402 C CB  . VAL C 1 34 ? 22.844  7.126   11.692  1.00 35.04 ? 29  VAL C CB  1 
ATOM   1403 C CG1 . VAL C 1 34 ? 21.431  7.614   11.980  1.00 34.23 ? 29  VAL C CG1 1 
ATOM   1404 C CG2 . VAL C 1 34 ? 23.432  6.430   12.900  1.00 35.78 ? 29  VAL C CG2 1 
ATOM   1405 N N   . LYS C 1 35 ? 25.050  5.132   10.574  1.00 36.41 ? 30  LYS C N   1 
ATOM   1406 C CA  . LYS C 1 35 ? 26.427  4.862   10.113  1.00 37.26 ? 30  LYS C CA  1 
ATOM   1407 C C   . LYS C 1 35 ? 26.477  4.371   8.665   1.00 37.93 ? 30  LYS C C   1 
ATOM   1408 O O   . LYS C 1 35 ? 27.250  4.891   7.856   1.00 38.42 ? 30  LYS C O   1 
ATOM   1409 C CB  . LYS C 1 35 ? 27.170  3.875   11.022  1.00 36.77 ? 30  LYS C CB  1 
ATOM   1410 C CG  . LYS C 1 35 ? 28.624  3.656   10.597  1.00 37.02 ? 30  LYS C CG  1 
ATOM   1411 C CD  . LYS C 1 35 ? 29.414  2.796   11.581  1.00 37.37 ? 30  LYS C CD  1 
ATOM   1412 C CE  . LYS C 1 35 ? 29.221  1.307   11.315  1.00 38.22 ? 30  LYS C CE  1 
ATOM   1413 N NZ  . LYS C 1 35 ? 30.363  0.505   11.840  1.00 37.95 ? 30  LYS C NZ  1 
ATOM   1414 N N   . ASP C 1 36 ? 25.637  3.395   8.329   1.00 38.36 ? 31  ASP C N   1 
ATOM   1415 C CA  . ASP C 1 36 ? 25.793  2.679   7.071   1.00 38.57 ? 31  ASP C CA  1 
ATOM   1416 C C   . ASP C 1 36 ? 24.880  3.166   5.951   1.00 38.79 ? 31  ASP C C   1 
ATOM   1417 O O   . ASP C 1 36 ? 25.292  3.210   4.797   1.00 39.13 ? 31  ASP C O   1 
ATOM   1418 C CB  . ASP C 1 36 ? 25.625  1.167   7.304   1.00 38.58 ? 31  ASP C CB  1 
ATOM   1419 C CG  . ASP C 1 36 ? 26.668  0.602   8.262   1.00 38.81 ? 31  ASP C CG  1 
ATOM   1420 O OD1 . ASP C 1 36 ? 27.867  0.606   7.910   1.00 39.46 ? 31  ASP C OD1 1 
ATOM   1421 O OD2 . ASP C 1 36 ? 26.293  0.151   9.367   1.00 38.82 ? 31  ASP C OD2 1 
ATOM   1422 N N   . LEU C 1 37 ? 23.647  3.541   6.274   1.00 38.80 ? 32  LEU C N   1 
ATOM   1423 C CA  . LEU C 1 37 ? 22.664  3.739   5.213   1.00 38.91 ? 32  LEU C CA  1 
ATOM   1424 C C   . LEU C 1 37 ? 22.388  5.200   4.845   1.00 39.35 ? 32  LEU C C   1 
ATOM   1425 O O   . LEU C 1 37 ? 21.579  5.473   3.950   1.00 39.66 ? 32  LEU C O   1 
ATOM   1426 C CB  . LEU C 1 37 ? 21.367  2.974   5.524   1.00 38.64 ? 32  LEU C CB  1 
ATOM   1427 C CG  . LEU C 1 37 ? 21.469  1.479   5.876   1.00 37.89 ? 32  LEU C CG  1 
ATOM   1428 C CD1 . LEU C 1 37 ? 20.097  0.871   6.173   1.00 35.39 ? 32  LEU C CD1 1 
ATOM   1429 C CD2 . LEU C 1 37 ? 22.196  0.672   4.796   1.00 37.02 ? 32  LEU C CD2 1 
ATOM   1430 N N   . GLY C 1 38 ? 23.063  6.130   5.523   1.00 39.80 ? 33  GLY C N   1 
ATOM   1431 C CA  . GLY C 1 38 ? 22.925  7.569   5.228   1.00 40.19 ? 33  GLY C CA  1 
ATOM   1432 C C   . GLY C 1 38 ? 21.739  8.298   5.860   1.00 40.37 ? 33  GLY C C   1 
ATOM   1433 O O   . GLY C 1 38 ? 21.612  9.513   5.737   1.00 40.63 ? 33  GLY C O   1 
ATOM   1434 N N   . ALA C 1 39 ? 20.867  7.566   6.544   1.00 40.36 ? 34  ALA C N   1 
ATOM   1435 C CA  . ALA C 1 39 ? 19.754  8.162   7.276   1.00 40.06 ? 34  ALA C CA  1 
ATOM   1436 C C   . ALA C 1 39 ? 20.258  9.133   8.329   1.00 40.00 ? 34  ALA C C   1 
ATOM   1437 O O   . ALA C 1 39 ? 21.430  9.057   8.728   1.00 40.26 ? 34  ALA C O   1 
ATOM   1438 C CB  . ALA C 1 39 ? 18.916  7.062   7.945   1.00 39.91 ? 34  ALA C CB  1 
ATOM   1439 N N   . ASP C 1 40 ? 19.380  10.053  8.750   1.00 39.56 ? 35  ASP C N   1 
ATOM   1440 C CA  . ASP C 1 40 ? 19.533  10.766  10.022  1.00 39.20 ? 35  ASP C CA  1 
ATOM   1441 C C   . ASP C 1 40 ? 18.414  10.379  10.991  1.00 39.40 ? 35  ASP C C   1 
ATOM   1442 O O   . ASP C 1 40 ? 17.490  9.638   10.633  1.00 38.74 ? 35  ASP C O   1 
ATOM   1443 C CB  . ASP C 1 40 ? 19.589  12.285  9.842   1.00 39.03 ? 35  ASP C CB  1 
ATOM   1444 C CG  . ASP C 1 40 ? 18.338  12.854  9.203   1.00 39.14 ? 35  ASP C CG  1 
ATOM   1445 O OD1 . ASP C 1 40 ? 18.495  13.680  8.299   1.00 38.74 ? 35  ASP C OD1 1 
ATOM   1446 O OD2 . ASP C 1 40 ? 17.203  12.493  9.584   1.00 39.42 ? 35  ASP C OD2 1 
HETATM 1447 O O   . 4HH C 1 41 ? 15.273  10.099  13.485  1.00 39.78 ? 36  4HH C O   1 
HETATM 1448 C C   . 4HH C 1 41 ? 16.139  10.819  13.004  1.00 39.67 ? 36  4HH C C   1 
HETATM 1449 C CA  . 4HH C 1 41 ? 17.589  10.543  13.297  1.00 40.70 ? 36  4HH C CA  1 
HETATM 1450 N N   . 4HH C 1 41 ? 18.505  10.901  12.212  1.00 39.72 ? 36  4HH C N   1 
HETATM 1451 C CB  . 4HH C 1 41 ? 18.024  11.210  14.596  1.00 41.32 ? 36  4HH C CB  1 
HETATM 1452 O OG  . 4HH C 1 41 ? 17.668  12.580  14.514  1.00 46.63 ? 36  4HH C OG  1 
HETATM 1453 C CJ  . 4HH C 1 41 ? 16.545  13.050  17.465  1.00 63.54 ? 36  4HH C CJ  1 
HETATM 1454 C CK  . 4HH C 1 41 ? 15.101  12.558  17.371  1.00 66.89 ? 36  4HH C CK  1 
HETATM 1455 C CL1 . 4HH C 1 41 ? 14.196  13.679  16.864  1.00 66.30 ? 36  4HH C CL1 1 
HETATM 1456 C CL2 . 4HH C 1 41 ? 15.043  11.377  16.410  1.00 66.26 ? 36  4HH C CL2 1 
HETATM 1457 C CL3 . 4HH C 1 41 ? 13.229  12.065  19.091  1.00 73.62 ? 36  4HH C CL3 1 
HETATM 1458 C CM  . 4HH C 1 41 ? 14.306  11.592  18.293  1.00 69.98 ? 36  4HH C CM  1 
HETATM 1459 O OM  . 4HH C 1 41 ? 15.216  10.782  19.082  1.00 70.26 ? 36  4HH C OM  1 
HETATM 1460 N NN  . 4HH C 1 41 ? 12.694  13.069  19.790  1.00 77.50 ? 36  4HH C NN  1 
HETATM 1461 O ON  . 4HH C 1 41 ? 12.565  11.114  18.723  1.00 74.46 ? 36  4HH C ON  1 
HETATM 1462 P P   . 4HH C 1 41 ? 18.225  13.727  15.503  1.00 53.46 ? 36  4HH C P   1 
HETATM 1463 O O1P . 4HH C 1 41 ? 18.437  14.926  14.595  1.00 52.79 ? 36  4HH C O1P 1 
HETATM 1464 O O2P . 4HH C 1 41 ? 19.322  13.223  16.436  1.00 53.23 ? 36  4HH C O2P 1 
HETATM 1465 O O3P . 4HH C 1 41 ? 16.907  13.961  16.416  1.00 57.81 ? 36  4HH C O3P 1 
HETATM 1466 C CO  . 4HH C 1 41 ? 13.352  14.261  20.315  1.00 82.23 ? 36  4HH C CO  1 
HETATM 1467 C CP  . 4HH C 1 41 ? 13.826  13.919  21.732  1.00 85.96 ? 36  4HH C CP  1 
HETATM 1468 C CQ  . 4HH C 1 41 ? 15.317  13.647  21.722  1.00 89.15 ? 36  4HH C CQ  1 
HETATM 1469 C CS  . 4HH C 1 41 ? 17.572  14.725  21.356  1.00 93.46 ? 36  4HH C CS  1 
HETATM 1470 C CT  . 4HH C 1 41 ? 17.911  15.358  20.001  1.00 95.23 ? 36  4HH C CT  1 
HETATM 1471 N NR  . 4HH C 1 41 ? 16.113  14.689  21.437  1.00 91.07 ? 36  4HH C NR  1 
HETATM 1472 O OR  . 4HH C 1 41 ? 15.729  12.513  21.962  1.00 89.96 ? 36  4HH C OR  1 
HETATM 1473 S SU  . 4HH C 1 41 ? 17.877  17.176  20.115  1.00 97.28 ? 36  4HH C SU  1 
ATOM   1474 N N   . LEU C 1 42 ? 15.864  11.853  12.211  1.00 38.76 ? 37  LEU C N   1 
ATOM   1475 C CA  . LEU C 1 42 ? 14.500  12.113  11.744  1.00 37.91 ? 37  LEU C CA  1 
ATOM   1476 C C   . LEU C 1 42 ? 14.022  11.115  10.692  1.00 37.21 ? 37  LEU C C   1 
ATOM   1477 O O   . LEU C 1 42 ? 12.842  10.748  10.681  1.00 37.08 ? 37  LEU C O   1 
ATOM   1478 C CB  . LEU C 1 42 ? 14.326  13.561  11.261  1.00 37.94 ? 37  LEU C CB  1 
ATOM   1479 C CG  . LEU C 1 42 ? 13.969  14.570  12.364  1.00 37.86 ? 37  LEU C CG  1 
ATOM   1480 C CD1 . LEU C 1 42 ? 13.807  15.945  11.786  1.00 38.73 ? 37  LEU C CD1 1 
ATOM   1481 C CD2 . LEU C 1 42 ? 12.696  14.165  13.100  1.00 38.45 ? 37  LEU C CD2 1 
ATOM   1482 N N   . ASP C 1 43 ? 14.940  10.678  9.823   1.00 36.79 ? 38  ASP C N   1 
ATOM   1483 C CA  . ASP C 1 43 ? 14.674  9.610   8.837   1.00 36.13 ? 38  ASP C CA  1 
ATOM   1484 C C   . ASP C 1 43 ? 14.366  8.256   9.469   1.00 35.21 ? 38  ASP C C   1 
ATOM   1485 O O   . ASP C 1 43 ? 13.537  7.516   8.935   1.00 35.44 ? 38  ASP C O   1 
ATOM   1486 C CB  . ASP C 1 43 ? 15.839  9.437   7.853   1.00 36.33 ? 38  ASP C CB  1 
ATOM   1487 C CG  . ASP C 1 43 ? 16.170  10.713  7.101   1.00 37.80 ? 38  ASP C CG  1 
ATOM   1488 O OD1 . ASP C 1 43 ? 17.124  10.690  6.287   1.00 38.53 ? 38  ASP C OD1 1 
ATOM   1489 O OD2 . ASP C 1 43 ? 15.491  11.740  7.336   1.00 38.40 ? 38  ASP C OD2 1 
ATOM   1490 N N   . VAL C 1 44 ? 15.024  7.926   10.587  1.00 34.14 ? 39  VAL C N   1 
ATOM   1491 C CA  . VAL C 1 44 ? 14.772  6.635   11.248  1.00 33.07 ? 39  VAL C CA  1 
ATOM   1492 C C   . VAL C 1 44 ? 13.389  6.586   11.898  1.00 32.33 ? 39  VAL C C   1 
ATOM   1493 O O   . VAL C 1 44 ? 12.756  5.533   11.922  1.00 32.30 ? 39  VAL C O   1 
ATOM   1494 C CB  . VAL C 1 44 ? 15.921  6.138   12.208  1.00 32.99 ? 39  VAL C CB  1 
ATOM   1495 C CG1 . VAL C 1 44 ? 17.276  6.737   11.817  1.00 32.01 ? 39  VAL C CG1 1 
ATOM   1496 C CG2 . VAL C 1 44 ? 15.588  6.388   13.677  1.00 33.20 ? 39  VAL C CG2 1 
ATOM   1497 N N   . VAL C 1 45 ? 12.906  7.724   12.390  1.00 31.77 ? 40  VAL C N   1 
ATOM   1498 C CA  . VAL C 1 45 ? 11.521  7.790   12.869  1.00 30.62 ? 40  VAL C CA  1 
ATOM   1499 C C   . VAL C 1 45 ? 10.543  7.668   11.692  1.00 30.45 ? 40  VAL C C   1 
ATOM   1500 O O   . VAL C 1 45 ? 9.598   6.876   11.793  1.00 30.33 ? 40  VAL C O   1 
ATOM   1501 C CB  . VAL C 1 45 ? 11.211  8.991   13.840  1.00 30.87 ? 40  VAL C CB  1 
ATOM   1502 C CG1 . VAL C 1 45 ? 12.484  9.747   14.253  1.00 29.11 ? 40  VAL C CG1 1 
ATOM   1503 C CG2 . VAL C 1 45 ? 10.157  9.943   13.273  1.00 30.86 ? 40  VAL C CG2 1 
ATOM   1504 N N   . GLU C 1 46 ? 10.770  8.391   10.576  1.00 29.86 ? 41  GLU C N   1 
ATOM   1505 C CA  . GLU C 1 46 ? 9.875   8.236   9.389   1.00 29.25 ? 41  GLU C CA  1 
ATOM   1506 C C   . GLU C 1 46 ? 9.857   6.766   8.917   1.00 28.37 ? 41  GLU C C   1 
ATOM   1507 O O   . GLU C 1 46 ? 8.805   6.233   8.539   1.00 27.69 ? 41  GLU C O   1 
ATOM   1508 C CB  . GLU C 1 46 ? 10.206  9.206   8.239   1.00 29.21 ? 41  GLU C CB  1 
ATOM   1509 C CG  . GLU C 1 46 ? 9.475   8.919   6.882   1.00 30.14 ? 41  GLU C CG  1 
ATOM   1510 C CD  . GLU C 1 46 ? 8.176   9.752   6.585   1.00 33.57 ? 41  GLU C CD  1 
ATOM   1511 O OE1 . GLU C 1 46 ? 7.330   9.293   5.765   1.00 33.24 ? 41  GLU C OE1 1 
ATOM   1512 O OE2 . GLU C 1 46 ? 7.998   10.871  7.128   1.00 34.34 ? 41  GLU C OE2 1 
ATOM   1513 N N   . LEU C 1 47 ? 11.021  6.121   8.993   1.00 27.35 ? 42  LEU C N   1 
ATOM   1514 C CA  . LEU C 1 47 ? 11.147  4.687   8.714   1.00 26.42 ? 42  LEU C CA  1 
ATOM   1515 C C   . LEU C 1 47 ? 10.425  3.830   9.756   1.00 25.51 ? 42  LEU C C   1 
ATOM   1516 O O   . LEU C 1 47 ? 9.685   2.918   9.409   1.00 24.70 ? 42  LEU C O   1 
ATOM   1517 C CB  . LEU C 1 47 ? 12.624  4.290   8.613   1.00 26.26 ? 42  LEU C CB  1 
ATOM   1518 C CG  . LEU C 1 47 ? 12.902  2.795   8.749   1.00 26.33 ? 42  LEU C CG  1 
ATOM   1519 C CD1 . LEU C 1 47 ? 12.641  2.078   7.434   1.00 24.53 ? 42  LEU C CD1 1 
ATOM   1520 C CD2 . LEU C 1 47 ? 14.314  2.552   9.276   1.00 24.89 ? 42  LEU C CD2 1 
ATOM   1521 N N   . ILE C 1 48 ? 10.628  4.147   11.027  1.00 25.59 ? 43  ILE C N   1 
ATOM   1522 C CA  . ILE C 1 48 ? 9.993   3.408   12.118  1.00 25.78 ? 43  ILE C CA  1 
ATOM   1523 C C   . ILE C 1 48 ? 8.481   3.489   12.014  1.00 25.74 ? 43  ILE C C   1 
ATOM   1524 O O   . ILE C 1 48 ? 7.794   2.490   12.196  1.00 26.52 ? 43  ILE C O   1 
ATOM   1525 C CB  . ILE C 1 48 ? 10.572  3.806   13.522  1.00 25.70 ? 43  ILE C CB  1 
ATOM   1526 C CG1 . ILE C 1 48 ? 11.791  2.928   13.831  1.00 25.71 ? 43  ILE C CG1 1 
ATOM   1527 C CG2 . ILE C 1 48 ? 9.549   3.639   14.646  1.00 25.38 ? 43  ILE C CG2 1 
ATOM   1528 C CD1 . ILE C 1 48 ? 12.753  3.470   14.920  1.00 25.75 ? 43  ILE C CD1 1 
ATOM   1529 N N   . MET C 1 49 ? 7.965   4.661   11.678  1.00 25.88 ? 44  MET C N   1 
ATOM   1530 C CA  . MET C 1 49 ? 6.519   4.834   11.512  1.00 26.49 ? 44  MET C CA  1 
ATOM   1531 C C   . MET C 1 49 ? 6.062   4.179   10.222  1.00 26.16 ? 44  MET C C   1 
ATOM   1532 O O   . MET C 1 49 ? 4.983   3.594   10.168  1.00 25.97 ? 44  MET C O   1 
ATOM   1533 C CB  . MET C 1 49 ? 6.132   6.310   11.544  1.00 26.28 ? 44  MET C CB  1 
ATOM   1534 C CG  . MET C 1 49 ? 6.391   6.975   12.902  1.00 26.15 ? 44  MET C CG  1 
ATOM   1535 S SD  . MET C 1 49 ? 6.220   8.774   12.820  1.00 28.83 ? 44  MET C SD  1 
ATOM   1536 C CE  . MET C 1 49 ? 4.425   8.935   12.919  1.00 25.69 ? 44  MET C CE  1 
ATOM   1537 N N   . ALA C 1 50 ? 6.906   4.252   9.195   1.00 26.07 ? 45  ALA C N   1 
ATOM   1538 C CA  . ALA C 1 50 ? 6.626   3.593   7.932   1.00 26.18 ? 45  ALA C CA  1 
ATOM   1539 C C   . ALA C 1 50 ? 6.504   2.086   8.122   1.00 26.59 ? 45  ALA C C   1 
ATOM   1540 O O   . ALA C 1 50 ? 5.633   1.469   7.513   1.00 27.01 ? 45  ALA C O   1 
ATOM   1541 C CB  . ALA C 1 50 ? 7.693   3.910   6.903   1.00 26.32 ? 45  ALA C CB  1 
ATOM   1542 N N   . LEU C 1 51 ? 7.352   1.500   8.974   1.00 26.45 ? 46  LEU C N   1 
ATOM   1543 C CA  . LEU C 1 51 ? 7.355   0.053   9.171   1.00 25.96 ? 46  LEU C CA  1 
ATOM   1544 C C   . LEU C 1 51 ? 6.156   -0.375  9.973   1.00 25.98 ? 46  LEU C C   1 
ATOM   1545 O O   . LEU C 1 51 ? 5.501   -1.360  9.642   1.00 25.38 ? 46  LEU C O   1 
ATOM   1546 C CB  . LEU C 1 51 ? 8.646   -0.414  9.838   1.00 25.75 ? 46  LEU C CB  1 
ATOM   1547 C CG  . LEU C 1 51 ? 9.882   -0.424  8.937   1.00 25.09 ? 46  LEU C CG  1 
ATOM   1548 C CD1 . LEU C 1 51 ? 11.129  -0.413  9.793   1.00 23.95 ? 46  LEU C CD1 1 
ATOM   1549 C CD2 . LEU C 1 51 ? 9.885   -1.613  7.988   1.00 25.49 ? 46  LEU C CD2 1 
ATOM   1550 N N   . GLU C 1 52 ? 5.847   0.380   11.020  1.00 26.90 ? 47  GLU C N   1 
ATOM   1551 C CA  . GLU C 1 52 ? 4.619   0.133   11.793  1.00 27.44 ? 47  GLU C CA  1 
ATOM   1552 C C   . GLU C 1 52 ? 3.381   0.039   10.921  1.00 27.85 ? 47  GLU C C   1 
ATOM   1553 O O   . GLU C 1 52 ? 2.633   -0.943  11.015  1.00 28.57 ? 47  GLU C O   1 
ATOM   1554 C CB  . GLU C 1 52 ? 4.414   1.210   12.817  1.00 27.23 ? 47  GLU C CB  1 
ATOM   1555 C CG  . GLU C 1 52 ? 5.408   1.147   13.927  1.00 28.28 ? 47  GLU C CG  1 
ATOM   1556 C CD  . GLU C 1 52 ? 5.309   2.360   14.745  1.00 28.63 ? 47  GLU C CD  1 
ATOM   1557 O OE1 . GLU C 1 52 ? 4.984   3.382   14.135  1.00 30.16 ? 47  GLU C OE1 1 
ATOM   1558 O OE2 . GLU C 1 52 ? 5.522   2.297   15.971  1.00 29.33 ? 47  GLU C OE2 1 
ATOM   1559 N N   . GLU C 1 53 ? 3.191   1.030   10.050  1.00 27.80 ? 48  GLU C N   1 
ATOM   1560 C CA  . GLU C 1 53 ? 2.028   1.069   9.172   1.00 28.34 ? 48  GLU C CA  1 
ATOM   1561 C C   . GLU C 1 53 ? 2.056   -0.069  8.165   1.00 28.81 ? 48  GLU C C   1 
ATOM   1562 O O   . GLU C 1 53 ? 1.038   -0.691  7.898   1.00 29.03 ? 48  GLU C O   1 
ATOM   1563 C CB  . GLU C 1 53 ? 1.926   2.418   8.430   1.00 28.30 ? 48  GLU C CB  1 
ATOM   1564 C CG  . GLU C 1 53 ? 1.884   3.651   9.341   1.00 27.06 ? 48  GLU C CG  1 
ATOM   1565 C CD  . GLU C 1 53 ? 0.556   3.839   10.068  1.00 27.46 ? 48  GLU C CD  1 
ATOM   1566 O OE1 . GLU C 1 53 ? 0.430   4.828   10.835  1.00 29.12 ? 48  GLU C OE1 1 
ATOM   1567 O OE2 . GLU C 1 53 ? -0.370  3.024   9.877   1.00 26.00 ? 48  GLU C OE2 1 
ATOM   1568 N N   . LYS C 1 54 ? 3.231   -0.340  7.617   1.00 29.08 ? 49  LYS C N   1 
ATOM   1569 C CA  . LYS C 1 54 ? 3.362   -1.331  6.579   1.00 29.29 ? 49  LYS C CA  1 
ATOM   1570 C C   . LYS C 1 54 ? 3.274   -2.748  7.110   1.00 29.79 ? 49  LYS C C   1 
ATOM   1571 O O   . LYS C 1 54 ? 2.799   -3.625  6.389   1.00 29.60 ? 49  LYS C O   1 
ATOM   1572 C CB  . LYS C 1 54 ? 4.642   -1.107  5.785   1.00 29.43 ? 49  LYS C CB  1 
ATOM   1573 C CG  . LYS C 1 54 ? 4.608   0.214   5.017   1.00 29.42 ? 49  LYS C CG  1 
ATOM   1574 C CD  . LYS C 1 54 ? 5.614   0.262   3.899   1.00 31.52 ? 49  LYS C CD  1 
ATOM   1575 C CE  . LYS C 1 54 ? 5.036   0.996   2.678   1.00 32.84 ? 49  LYS C CE  1 
ATOM   1576 N NZ  . LYS C 1 54 ? 3.801   0.304   2.136   1.00 33.07 ? 49  LYS C NZ  1 
ATOM   1577 N N   . PHE C 1 55 ? 3.673   -2.957  8.371   1.00 30.10 ? 50  PHE C N   1 
ATOM   1578 C CA  . PHE C 1 55 ? 3.660   -4.297  8.984   1.00 30.52 ? 50  PHE C CA  1 
ATOM   1579 C C   . PHE C 1 55 ? 2.726   -4.436  10.173  1.00 30.90 ? 50  PHE C C   1 
ATOM   1580 O O   . PHE C 1 55 ? 2.847   -5.374  10.933  1.00 31.04 ? 50  PHE C O   1 
ATOM   1581 C CB  . PHE C 1 55 ? 5.082   -4.748  9.360   1.00 30.18 ? 50  PHE C CB  1 
ATOM   1582 C CG  . PHE C 1 55 ? 5.969   -4.985  8.166   1.00 30.67 ? 50  PHE C CG  1 
ATOM   1583 C CD1 . PHE C 1 55 ? 5.852   -6.165  7.417   1.00 30.80 ? 50  PHE C CD1 1 
ATOM   1584 C CD2 . PHE C 1 55 ? 6.896   -4.025  7.769   1.00 29.35 ? 50  PHE C CD2 1 
ATOM   1585 C CE1 . PHE C 1 55 ? 6.645   -6.383  6.291   1.00 30.17 ? 50  PHE C CE1 1 
ATOM   1586 C CE2 . PHE C 1 55 ? 7.697   -4.231  6.652   1.00 29.28 ? 50  PHE C CE2 1 
ATOM   1587 C CZ  . PHE C 1 55 ? 7.571   -5.412  5.907   1.00 30.24 ? 50  PHE C CZ  1 
ATOM   1588 N N   . GLY C 1 56 ? 1.806   -3.487  10.343  1.00 31.93 ? 51  GLY C N   1 
ATOM   1589 C CA  . GLY C 1 56 ? 0.762   -3.563  11.376  1.00 32.08 ? 51  GLY C CA  1 
ATOM   1590 C C   . GLY C 1 56 ? 1.253   -3.710  12.803  1.00 32.81 ? 51  GLY C C   1 
ATOM   1591 O O   . GLY C 1 56 ? 0.570   -4.290  13.632  1.00 33.08 ? 51  GLY C O   1 
ATOM   1592 N N   . ILE C 1 57 ? 2.433   -3.178  13.105  1.00 33.06 ? 52  ILE C N   1 
ATOM   1593 C CA  . ILE C 1 57 ? 2.994   -3.298  14.452  1.00 33.39 ? 52  ILE C CA  1 
ATOM   1594 C C   . ILE C 1 57 ? 2.958   -1.959  15.191  1.00 33.94 ? 52  ILE C C   1 
ATOM   1595 O O   . ILE C 1 57 ? 3.011   -0.901  14.578  1.00 34.26 ? 52  ILE C O   1 
ATOM   1596 C CB  . ILE C 1 57 ? 4.448   -3.858  14.419  1.00 33.18 ? 52  ILE C CB  1 
ATOM   1597 C CG1 . ILE C 1 57 ? 5.346   -2.960  13.572  1.00 32.33 ? 52  ILE C CG1 1 
ATOM   1598 C CG2 . ILE C 1 57 ? 4.455   -5.268  13.847  1.00 32.74 ? 52  ILE C CG2 1 
ATOM   1599 C CD1 . ILE C 1 57 ? 6.795   -3.126  13.812  1.00 33.06 ? 52  ILE C CD1 1 
ATOM   1600 N N   . GLU C 1 58 ? 2.848   -2.004  16.508  1.00 34.77 ? 53  GLU C N   1 
ATOM   1601 C CA  . GLU C 1 58 ? 2.978   -0.792  17.311  1.00 35.71 ? 53  GLU C CA  1 
ATOM   1602 C C   . GLU C 1 58 ? 4.117   -0.923  18.326  1.00 36.05 ? 53  GLU C C   1 
ATOM   1603 O O   . GLU C 1 58 ? 3.991   -1.649  19.292  1.00 36.05 ? 53  GLU C O   1 
ATOM   1604 C CB  . GLU C 1 58 ? 1.655   -0.476  17.985  1.00 35.39 ? 53  GLU C CB  1 
ATOM   1605 C CG  . GLU C 1 58 ? 0.466   -0.609  17.045  1.00 36.24 ? 53  GLU C CG  1 
ATOM   1606 C CD  . GLU C 1 58 ? -0.831  -0.151  17.694  1.00 37.68 ? 53  GLU C CD  1 
ATOM   1607 O OE1 . GLU C 1 58 ? -1.226  1.004   17.453  1.00 38.73 ? 53  GLU C OE1 1 
ATOM   1608 O OE2 . GLU C 1 58 ? -1.447  -0.927  18.457  1.00 36.65 ? 53  GLU C OE2 1 
ATOM   1609 N N   . ILE C 1 59 ? 5.234   -0.236  18.073  1.00 37.27 ? 54  ILE C N   1 
ATOM   1610 C CA  . ILE C 1 59 ? 6.457   -0.332  18.901  1.00 37.91 ? 54  ILE C CA  1 
ATOM   1611 C C   . ILE C 1 59 ? 6.549   0.747   19.979  1.00 38.82 ? 54  ILE C C   1 
ATOM   1612 O O   . ILE C 1 59 ? 6.650   1.931   19.656  1.00 39.30 ? 54  ILE C O   1 
ATOM   1613 C CB  . ILE C 1 59 ? 7.749   -0.192  18.058  1.00 37.75 ? 54  ILE C CB  1 
ATOM   1614 C CG1 . ILE C 1 59 ? 7.625   -0.920  16.722  1.00 36.98 ? 54  ILE C CG1 1 
ATOM   1615 C CG2 . ILE C 1 59 ? 8.987   -0.636  18.881  1.00 37.73 ? 54  ILE C CG2 1 
ATOM   1616 C CD1 . ILE C 1 59 ? 8.836   -0.732  15.801  1.00 37.83 ? 54  ILE C CD1 1 
ATOM   1617 N N   . PRO C 1 60 ? 6.592   0.347   21.264  1.00 39.68 ? 55  PRO C N   1 
ATOM   1618 C CA  . PRO C 1 60 ? 6.648   1.372   22.308  1.00 40.14 ? 55  PRO C CA  1 
ATOM   1619 C C   . PRO C 1 60 ? 7.970   2.119   22.232  1.00 40.82 ? 55  PRO C C   1 
ATOM   1620 O O   . PRO C 1 60 ? 8.958   1.565   21.760  1.00 41.06 ? 55  PRO C O   1 
ATOM   1621 C CB  . PRO C 1 60 ? 6.570   0.556   23.609  1.00 40.39 ? 55  PRO C CB  1 
ATOM   1622 C CG  . PRO C 1 60 ? 6.126   -0.836  23.208  1.00 39.65 ? 55  PRO C CG  1 
ATOM   1623 C CD  . PRO C 1 60 ? 6.635   -1.020  21.823  1.00 39.71 ? 55  PRO C CD  1 
ATOM   1624 N N   . ASP C 1 61 ? 8.001   3.362   22.695  1.00 41.76 ? 56  ASP C N   1 
ATOM   1625 C CA  . ASP C 1 61 ? 9.229   4.167   22.589  1.00 42.64 ? 56  ASP C CA  1 
ATOM   1626 C C   . ASP C 1 61 ? 10.401  3.621   23.410  1.00 43.25 ? 56  ASP C C   1 
ATOM   1627 O O   . ASP C 1 61 ? 11.539  4.102   23.292  1.00 44.11 ? 56  ASP C O   1 
ATOM   1628 C CB  . ASP C 1 61 ? 8.942   5.632   22.912  1.00 42.36 ? 56  ASP C CB  1 
ATOM   1629 C CG  . ASP C 1 61 ? 8.002   6.264   21.907  1.00 42.20 ? 56  ASP C CG  1 
ATOM   1630 O OD1 . ASP C 1 61 ? 7.761   5.644   20.853  1.00 41.75 ? 56  ASP C OD1 1 
ATOM   1631 O OD2 . ASP C 1 61 ? 7.501   7.371   22.165  1.00 41.47 ? 56  ASP C OD2 1 
ATOM   1632 N N   . GLU C 1 62 ? 10.099  2.612   24.226  1.00 43.44 ? 57  GLU C N   1 
ATOM   1633 C CA  . GLU C 1 62 ? 11.071  1.837   24.987  1.00 43.55 ? 57  GLU C CA  1 
ATOM   1634 C C   . GLU C 1 62 ? 12.016  1.104   24.032  1.00 43.73 ? 57  GLU C C   1 
ATOM   1635 O O   . GLU C 1 62 ? 13.247  1.066   24.212  1.00 43.16 ? 57  GLU C O   1 
ATOM   1636 C CB  . GLU C 1 62 ? 10.299  0.817   25.846  1.00 43.80 ? 57  GLU C CB  1 
ATOM   1637 C CG  . GLU C 1 62 ? 11.105  -0.350  26.419  1.00 43.41 ? 57  GLU C CG  1 
ATOM   1638 C CD  . GLU C 1 62 ? 12.082  0.101   27.473  1.00 43.27 ? 57  GLU C CD  1 
ATOM   1639 O OE1 . GLU C 1 62 ? 13.061  0.791   27.119  1.00 44.34 ? 57  GLU C OE1 1 
ATOM   1640 O OE2 . GLU C 1 62 ? 11.873  -0.224  28.658  1.00 43.03 ? 57  GLU C OE2 1 
ATOM   1641 N N   . GLN C 1 63 ? 11.392  0.524   23.010  1.00 43.86 ? 58  GLN C N   1 
ATOM   1642 C CA  . GLN C 1 63 ? 12.018  -0.443  22.141  1.00 43.67 ? 58  GLN C CA  1 
ATOM   1643 C C   . GLN C 1 63 ? 12.455  0.193   20.849  1.00 43.15 ? 58  GLN C C   1 
ATOM   1644 O O   . GLN C 1 63 ? 13.364  -0.311  20.218  1.00 42.93 ? 58  GLN C O   1 
ATOM   1645 C CB  . GLN C 1 63 ? 11.033  -1.576  21.858  1.00 44.13 ? 58  GLN C CB  1 
ATOM   1646 C CG  . GLN C 1 63 ? 10.694  -2.410  23.073  1.00 44.79 ? 58  GLN C CG  1 
ATOM   1647 C CD  . GLN C 1 63 ? 11.901  -3.167  23.582  1.00 47.63 ? 58  GLN C CD  1 
ATOM   1648 O OE1 . GLN C 1 63 ? 12.617  -3.764  22.739  1.00 48.22 ? 58  GLN C OE1 1 
ATOM   1649 N NE2 . GLN C 1 63 ? 12.138  -3.158  24.814  1.00 47.83 ? 58  GLN C NE2 1 
ATOM   1650 N N   . ALA C 1 64 ? 11.790  1.286   20.468  1.00 42.96 ? 59  ALA C N   1 
ATOM   1651 C CA  . ALA C 1 64 ? 12.146  2.095   19.290  1.00 43.00 ? 59  ALA C CA  1 
ATOM   1652 C C   . ALA C 1 64 ? 13.469  2.817   19.511  1.00 43.08 ? 59  ALA C C   1 
ATOM   1653 O O   . ALA C 1 64 ? 14.274  2.950   18.587  1.00 43.04 ? 59  ALA C O   1 
ATOM   1654 C CB  . ALA C 1 64 ? 11.040  3.109   18.974  1.00 42.52 ? 59  ALA C CB  1 
ATOM   1655 N N   . GLU C 1 65 ? 13.670  3.289   20.743  1.00 43.41 ? 60  GLU C N   1 
ATOM   1656 C CA  . GLU C 1 65 ? 14.925  3.914   21.176  1.00 43.66 ? 60  GLU C CA  1 
ATOM   1657 C C   . GLU C 1 65 ? 16.094  2.936   20.953  1.00 43.20 ? 60  GLU C C   1 
ATOM   1658 O O   . GLU C 1 65 ? 17.156  3.332   20.469  1.00 43.08 ? 60  GLU C O   1 
ATOM   1659 C CB  . GLU C 1 65 ? 14.829  4.334   22.664  1.00 43.53 ? 60  GLU C CB  1 
ATOM   1660 C CG  . GLU C 1 65 ? 15.570  3.392   23.682  1.00 44.99 ? 60  GLU C CG  1 
ATOM   1661 C CD  . GLU C 1 65 ? 14.986  3.369   25.120  1.00 44.96 ? 60  GLU C CD  1 
ATOM   1662 O OE1 . GLU C 1 65 ? 15.178  2.345   25.828  1.00 45.07 ? 60  GLU C OE1 1 
ATOM   1663 O OE2 . GLU C 1 65 ? 14.336  4.356   25.540  1.00 46.64 ? 60  GLU C OE2 1 
ATOM   1664 N N   . LYS C 1 66 ? 15.865  1.661   21.289  1.00 42.50 ? 61  LYS C N   1 
ATOM   1665 C CA  . LYS C 1 66 ? 16.884  0.614   21.275  1.00 41.72 ? 61  LYS C CA  1 
ATOM   1666 C C   . LYS C 1 66 ? 17.358  0.218   19.871  1.00 41.17 ? 61  LYS C C   1 
ATOM   1667 O O   . LYS C 1 66 ? 18.325  -0.548  19.731  1.00 41.33 ? 61  LYS C O   1 
ATOM   1668 C CB  . LYS C 1 66 ? 16.364  -0.639  22.003  1.00 41.82 ? 61  LYS C CB  1 
ATOM   1669 C CG  . LYS C 1 66 ? 16.496  -0.628  23.530  1.00 41.60 ? 61  LYS C CG  1 
ATOM   1670 C CD  . LYS C 1 66 ? 16.700  -2.045  24.093  1.00 41.74 ? 61  LYS C CD  1 
ATOM   1671 C CE  . LYS C 1 66 ? 15.679  -3.047  23.549  1.00 41.79 ? 61  LYS C CE  1 
ATOM   1672 N NZ  . LYS C 1 66 ? 15.534  -4.322  24.350  1.00 41.51 ? 61  LYS C NZ  1 
ATOM   1673 N N   . ILE C 1 67 ? 16.681  0.739   18.848  1.00 39.97 ? 62  ILE C N   1 
ATOM   1674 C CA  . ILE C 1 67 ? 16.908  0.352   17.459  1.00 38.79 ? 62  ILE C CA  1 
ATOM   1675 C C   . ILE C 1 67 ? 17.997  1.187   16.775  1.00 38.58 ? 62  ILE C C   1 
ATOM   1676 O O   . ILE C 1 67 ? 17.811  2.376   16.499  1.00 38.40 ? 62  ILE C O   1 
ATOM   1677 C CB  . ILE C 1 67 ? 15.587  0.386   16.663  1.00 38.61 ? 62  ILE C CB  1 
ATOM   1678 C CG1 . ILE C 1 67 ? 14.655  -0.708  17.182  1.00 38.97 ? 62  ILE C CG1 1 
ATOM   1679 C CG2 . ILE C 1 67 ? 15.829  0.177   15.191  1.00 37.90 ? 62  ILE C CG2 1 
ATOM   1680 C CD1 . ILE C 1 67 ? 13.217  -0.607  16.701  1.00 39.66 ? 62  ILE C CD1 1 
ATOM   1681 N N   . VAL C 1 68 ? 19.129  0.536   16.494  1.00 38.18 ? 63  VAL C N   1 
ATOM   1682 C CA  . VAL C 1 68 ? 20.262  1.152   15.778  1.00 37.60 ? 63  VAL C CA  1 
ATOM   1683 C C   . VAL C 1 68 ? 20.451  0.632   14.321  1.00 37.03 ? 63  VAL C C   1 
ATOM   1684 O O   . VAL C 1 68 ? 20.819  1.410   13.422  1.00 36.60 ? 63  VAL C O   1 
ATOM   1685 C CB  . VAL C 1 68 ? 21.596  1.092   16.633  1.00 37.79 ? 63  VAL C CB  1 
ATOM   1686 C CG1 . VAL C 1 68 ? 21.954  -0.327  17.037  1.00 37.18 ? 63  VAL C CG1 1 
ATOM   1687 C CG2 . VAL C 1 68 ? 22.770  1.770   15.904  1.00 38.85 ? 63  VAL C CG2 1 
ATOM   1688 N N   . ASN C 1 69 ? 20.164  -0.660  14.095  1.00 36.08 ? 64  ASN C N   1 
ATOM   1689 C CA  . ASN C 1 69 ? 20.445  -1.333  12.812  1.00 34.49 ? 64  ASN C CA  1 
ATOM   1690 C C   . ASN C 1 69 ? 19.279  -2.123  12.203  1.00 33.67 ? 64  ASN C C   1 
ATOM   1691 O O   . ASN C 1 69 ? 18.205  -2.219  12.806  1.00 33.58 ? 64  ASN C O   1 
ATOM   1692 C CB  . ASN C 1 69 ? 21.680  -2.242  12.943  1.00 34.62 ? 64  ASN C CB  1 
ATOM   1693 C CG  . ASN C 1 69 ? 21.505  -3.329  13.992  1.00 34.19 ? 64  ASN C CG  1 
ATOM   1694 O OD1 . ASN C 1 69 ? 20.666  -4.221  13.864  1.00 33.89 ? 64  ASN C OD1 1 
ATOM   1695 N ND2 . ASN C 1 69 ? 22.304  -3.255  15.041  1.00 36.27 ? 64  ASN C ND2 1 
ATOM   1696 N N   . VAL C 1 70 ? 19.514  -2.694  11.012  1.00 32.64 ? 65  VAL C N   1 
ATOM   1697 C CA  . VAL C 1 70 ? 18.492  -3.427  10.238  1.00 32.04 ? 65  VAL C CA  1 
ATOM   1698 C C   . VAL C 1 70 ? 17.984  -4.634  11.008  1.00 32.04 ? 65  VAL C C   1 
ATOM   1699 O O   . VAL C 1 70 ? 16.786  -4.852  11.086  1.00 32.05 ? 65  VAL C O   1 
ATOM   1700 C CB  . VAL C 1 70 ? 19.004  -3.911  8.827   1.00 31.56 ? 65  VAL C CB  1 
ATOM   1701 C CG1 . VAL C 1 70 ? 17.914  -4.650  8.071   1.00 31.80 ? 65  VAL C CG1 1 
ATOM   1702 C CG2 . VAL C 1 70 ? 19.479  -2.775  7.990   1.00 31.35 ? 65  VAL C CG2 1 
ATOM   1703 N N   . GLY C 1 71 ? 18.903  -5.415  11.566  1.00 32.10 ? 66  GLY C N   1 
ATOM   1704 C CA  . GLY C 1 71 ? 18.552  -6.622  12.297  1.00 32.55 ? 66  GLY C CA  1 
ATOM   1705 C C   . GLY C 1 71 ? 17.634  -6.300  13.448  1.00 32.84 ? 66  GLY C C   1 
ATOM   1706 O O   . GLY C 1 71 ? 16.757  -7.078  13.767  1.00 32.65 ? 66  GLY C O   1 
ATOM   1707 N N   . ASP C 1 72 ? 17.825  -5.126  14.041  1.00 33.81 ? 67  ASP C N   1 
ATOM   1708 C CA  . ASP C 1 72 ? 16.942  -4.619  15.104  1.00 34.97 ? 67  ASP C CA  1 
ATOM   1709 C C   . ASP C 1 72 ? 15.461  -4.485  14.712  1.00 35.31 ? 67  ASP C C   1 
ATOM   1710 O O   . ASP C 1 72 ? 14.595  -4.617  15.561  1.00 35.53 ? 67  ASP C O   1 
ATOM   1711 C CB  . ASP C 1 72 ? 17.455  -3.285  15.682  1.00 34.65 ? 67  ASP C CB  1 
ATOM   1712 C CG  . ASP C 1 72 ? 18.776  -3.432  16.425  1.00 36.01 ? 67  ASP C CG  1 
ATOM   1713 O OD1 . ASP C 1 72 ? 19.062  -4.537  16.934  1.00 36.37 ? 67  ASP C OD1 1 
ATOM   1714 O OD2 . ASP C 1 72 ? 19.534  -2.436  16.510  1.00 37.60 ? 67  ASP C OD2 1 
ATOM   1715 N N   . VAL C 1 73 ? 15.158  -4.215  13.448  1.00 36.12 ? 68  VAL C N   1 
ATOM   1716 C CA  . VAL C 1 73 ? 13.746  -4.113  13.071  1.00 36.81 ? 68  VAL C CA  1 
ATOM   1717 C C   . VAL C 1 73 ? 13.180  -5.437  12.652  1.00 37.26 ? 68  VAL C C   1 
ATOM   1718 O O   . VAL C 1 73 ? 12.073  -5.782  13.050  1.00 37.57 ? 68  VAL C O   1 
ATOM   1719 C CB  . VAL C 1 73 ? 13.403  -3.026  12.008  1.00 36.49 ? 68  VAL C CB  1 
ATOM   1720 C CG1 . VAL C 1 73 ? 12.906  -1.757  12.708  1.00 36.90 ? 68  VAL C CG1 1 
ATOM   1721 C CG2 . VAL C 1 73 ? 14.556  -2.754  11.092  1.00 35.76 ? 68  VAL C CG2 1 
ATOM   1722 N N   . VAL C 1 74 ? 13.937  -6.185  11.862  1.00 38.02 ? 69  VAL C N   1 
ATOM   1723 C CA  . VAL C 1 74 ? 13.496  -7.503  11.435  1.00 38.51 ? 69  VAL C CA  1 
ATOM   1724 C C   . VAL C 1 74 ? 13.172  -8.368  12.669  1.00 39.35 ? 69  VAL C C   1 
ATOM   1725 O O   . VAL C 1 74 ? 12.143  -9.055  12.710  1.00 39.66 ? 69  VAL C O   1 
ATOM   1726 C CB  . VAL C 1 74 ? 14.532  -8.164  10.508  1.00 38.59 ? 69  VAL C CB  1 
ATOM   1727 C CG1 . VAL C 1 74 ? 13.957  -9.442  9.908   1.00 38.75 ? 69  VAL C CG1 1 
ATOM   1728 C CG2 . VAL C 1 74 ? 14.962  -7.176  9.383   1.00 37.06 ? 69  VAL C CG2 1 
ATOM   1729 N N   . LYS C 1 75 ? 14.020  -8.299  13.692  1.00 39.93 ? 70  LYS C N   1 
ATOM   1730 C CA  . LYS C 1 75 ? 13.761  -9.025  14.935  1.00 40.95 ? 70  LYS C CA  1 
ATOM   1731 C C   . LYS C 1 75 ? 12.414  -8.612  15.562  1.00 41.08 ? 70  LYS C C   1 
ATOM   1732 O O   . LYS C 1 75 ? 11.533  -9.463  15.774  1.00 40.86 ? 70  LYS C O   1 
ATOM   1733 C CB  . LYS C 1 75 ? 14.938  -8.865  15.903  1.00 40.78 ? 70  LYS C CB  1 
ATOM   1734 C CG  . LYS C 1 75 ? 14.629  -9.052  17.379  1.00 40.99 ? 70  LYS C CG  1 
ATOM   1735 C CD  . LYS C 1 75 ? 15.885  -8.805  18.261  1.00 42.16 ? 70  LYS C CD  1 
ATOM   1736 C CE  . LYS C 1 75 ? 16.421  -7.336  18.242  1.00 43.32 ? 70  LYS C CE  1 
ATOM   1737 N NZ  . LYS C 1 75 ? 15.535  -6.307  18.881  1.00 41.30 ? 70  LYS C NZ  1 
ATOM   1738 N N   . TYR C 1 76 ? 12.239  -7.316  15.821  1.00 41.44 ? 71  TYR C N   1 
ATOM   1739 C CA  . TYR C 1 76 ? 10.984  -6.831  16.419  1.00 41.63 ? 71  TYR C CA  1 
ATOM   1740 C C   . TYR C 1 76 ? 9.750   -7.183  15.588  1.00 41.65 ? 71  TYR C C   1 
ATOM   1741 O O   . TYR C 1 76 ? 8.734   -7.588  16.159  1.00 42.06 ? 71  TYR C O   1 
ATOM   1742 C CB  . TYR C 1 76 ? 11.021  -5.332  16.753  1.00 41.71 ? 71  TYR C CB  1 
ATOM   1743 C CG  . TYR C 1 76 ? 9.852   -4.889  17.620  1.00 41.90 ? 71  TYR C CG  1 
ATOM   1744 C CD1 . TYR C 1 76 ? 8.611   -4.577  17.050  1.00 42.22 ? 71  TYR C CD1 1 
ATOM   1745 C CD2 . TYR C 1 76 ? 9.975   -4.790  19.010  1.00 42.43 ? 71  TYR C CD2 1 
ATOM   1746 C CE1 . TYR C 1 76 ? 7.513   -4.188  17.834  1.00 41.59 ? 71  TYR C CE1 1 
ATOM   1747 C CE2 . TYR C 1 76 ? 8.876   -4.394  19.812  1.00 42.34 ? 71  TYR C CE2 1 
ATOM   1748 C CZ  . TYR C 1 76 ? 7.651   -4.096  19.206  1.00 42.27 ? 71  TYR C CZ  1 
ATOM   1749 O OH  . TYR C 1 76 ? 6.559   -3.700  19.957  1.00 42.89 ? 71  TYR C OH  1 
ATOM   1750 N N   . ILE C 1 77 ? 9.833   -7.057  14.262  1.00 41.80 ? 72  ILE C N   1 
ATOM   1751 C CA  . ILE C 1 77 ? 8.668   -7.354  13.398  1.00 42.46 ? 72  ILE C CA  1 
ATOM   1752 C C   . ILE C 1 77 ? 8.267   -8.834  13.400  1.00 43.27 ? 72  ILE C C   1 
ATOM   1753 O O   . ILE C 1 77 ? 7.082   -9.145  13.268  1.00 43.82 ? 72  ILE C O   1 
ATOM   1754 C CB  . ILE C 1 77 ? 8.803   -6.829  11.930  1.00 42.24 ? 72  ILE C CB  1 
ATOM   1755 C CG1 . ILE C 1 77 ? 8.802   -5.298  11.895  1.00 41.81 ? 72  ILE C CG1 1 
ATOM   1756 C CG2 . ILE C 1 77 ? 7.665   -7.365  11.041  1.00 41.68 ? 72  ILE C CG2 1 
ATOM   1757 C CD1 . ILE C 1 77 ? 9.288   -4.695  10.586  1.00 41.91 ? 72  ILE C CD1 1 
ATOM   1758 N N   . GLU C 1 78 ? 9.224   -9.745  13.558  1.00 44.06 ? 73  GLU C N   1 
ATOM   1759 C CA  . GLU C 1 78 ? 8.866   -11.169 13.588  1.00 44.91 ? 73  GLU C CA  1 
ATOM   1760 C C   . GLU C 1 78 ? 8.620   -11.742 14.981  1.00 45.27 ? 73  GLU C C   1 
ATOM   1761 O O   . GLU C 1 78 ? 7.934   -12.755 15.116  1.00 45.39 ? 73  GLU C O   1 
ATOM   1762 C CB  . GLU C 1 78 ? 9.854   -12.016 12.800  1.00 44.85 ? 73  GLU C CB  1 
ATOM   1763 C CG  . GLU C 1 78 ? 11.184  -12.244 13.454  1.00 46.09 ? 73  GLU C CG  1 
ATOM   1764 C CD  . GLU C 1 78 ? 12.137  -13.005 12.545  1.00 48.04 ? 73  GLU C CD  1 
ATOM   1765 O OE1 . GLU C 1 78 ? 11.926  -13.029 11.305  1.00 47.88 ? 73  GLU C OE1 1 
ATOM   1766 O OE2 . GLU C 1 78 ? 13.106  -13.578 13.081  1.00 48.67 ? 73  GLU C OE2 1 
ATOM   1767 N N   . ASP C 1 79 ? 9.169   -11.092 16.008  1.00 45.85 ? 74  ASP C N   1 
ATOM   1768 C CA  . ASP C 1 79 ? 8.821   -11.396 17.400  1.00 46.45 ? 74  ASP C CA  1 
ATOM   1769 C C   . ASP C 1 79 ? 7.326   -11.150 17.680  1.00 46.78 ? 74  ASP C C   1 
ATOM   1770 O O   . ASP C 1 79 ? 6.908   -11.098 18.846  1.00 46.57 ? 74  ASP C O   1 
ATOM   1771 C CB  . ASP C 1 79 ? 9.664   -10.552 18.372  1.00 46.65 ? 74  ASP C CB  1 
ATOM   1772 C CG  . ASP C 1 79 ? 11.138  -10.967 18.416  1.00 46.70 ? 74  ASP C CG  1 
ATOM   1773 O OD1 . ASP C 1 79 ? 11.480  -12.085 17.946  1.00 45.58 ? 74  ASP C OD1 1 
ATOM   1774 O OD2 . ASP C 1 79 ? 11.951  -10.158 18.935  1.00 45.46 ? 74  ASP C OD2 1 
ATOM   1775 N N   . ASN C 1 80 ? 6.540   -11.010 16.607  1.00 47.25 ? 75  ASN C N   1 
ATOM   1776 C CA  . ASN C 1 80 ? 5.117   -10.695 16.692  1.00 47.64 ? 75  ASN C CA  1 
ATOM   1777 C C   . ASN C 1 80 ? 4.224   -11.317 15.591  1.00 47.50 ? 75  ASN C C   1 
ATOM   1778 O O   . ASN C 1 80 ? 4.309   -10.965 14.410  1.00 47.01 ? 75  ASN C O   1 
ATOM   1779 C CB  . ASN C 1 80 ? 4.936   -9.184  16.760  1.00 47.65 ? 75  ASN C CB  1 
ATOM   1780 C CG  . ASN C 1 80 ? 3.539   -8.786  17.178  1.00 49.28 ? 75  ASN C CG  1 
ATOM   1781 O OD1 . ASN C 1 80 ? 2.782   -8.241  16.371  1.00 51.25 ? 75  ASN C OD1 1 
ATOM   1782 N ND2 . ASN C 1 80 ? 3.174   -9.073  18.435  1.00 48.96 ? 75  ASN C ND2 1 
HETATM 1783 O O   . HOH D 2 .  ? -8.266  -3.805  -2.354  1.00 34.29 ? 101 HOH A O   1 
HETATM 1784 O O   . HOH D 2 .  ? 12.976  0.213   -13.812 1.00 23.57 ? 102 HOH A O   1 
HETATM 1785 O O   . HOH D 2 .  ? 2.962   11.226  -24.243 1.00 20.11 ? 103 HOH A O   1 
HETATM 1786 O O   . HOH D 2 .  ? 9.117   -0.864  -9.149  1.00 34.40 ? 104 HOH A O   1 
HETATM 1787 O O   . HOH D 2 .  ? -6.807  4.844   -25.321 1.00 35.72 ? 105 HOH A O   1 
HETATM 1788 O O   . HOH D 2 .  ? -1.834  9.619   -21.052 1.00 31.05 ? 106 HOH A O   1 
HETATM 1789 O O   . HOH D 2 .  ? 11.104  8.401   -14.832 1.00 40.89 ? 107 HOH A O   1 
HETATM 1790 O O   . HOH D 2 .  ? 10.094  -0.952  -30.959 1.00 29.13 ? 108 HOH A O   1 
HETATM 1791 O O   . HOH D 2 .  ? -9.084  6.451   -24.916 1.00 32.69 ? 109 HOH A O   1 
HETATM 1792 O O   . HOH E 2 .  ? -19.838 -11.690 0.559   1.00 32.73 ? 101 HOH B O   1 
HETATM 1793 O O   . HOH E 2 .  ? -6.261  -13.173 13.883  1.00 31.84 ? 102 HOH B O   1 
HETATM 1794 O O   . HOH E 2 .  ? -4.683  4.982   14.427  1.00 34.67 ? 103 HOH B O   1 
HETATM 1795 O O   . HOH E 2 .  ? -8.887  7.708   -1.795  1.00 13.42 ? 104 HOH B O   1 
HETATM 1796 O O   . HOH E 2 .  ? -8.865  -9.879  18.023  1.00 46.42 ? 105 HOH B O   1 
HETATM 1797 O O   . HOH E 2 .  ? -9.505  0.584   15.207  1.00 30.77 ? 106 HOH B O   1 
HETATM 1798 O O   . HOH F 2 .  ? 25.128  -1.864  4.660   1.00 37.38 ? 101 HOH C O   1 
HETATM 1799 O O   . HOH F 2 .  ? 11.193  -8.162  20.644  1.00 25.83 ? 102 HOH C O   1 
HETATM 1800 O O   . HOH F 2 .  ? 24.174  4.054   13.861  1.00 28.84 ? 103 HOH C O   1 
HETATM 1801 O O   . HOH F 2 .  ? 17.713  14.885  11.638  1.00 28.40 ? 104 HOH C O   1 
HETATM 1802 O O   . HOH F 2 .  ? 5.699   -15.163 16.682  1.00 19.88 ? 105 HOH C O   1 
# 
loop_
_pdbx_poly_seq_scheme.asym_id 
_pdbx_poly_seq_scheme.entity_id 
_pdbx_poly_seq_scheme.seq_id 
_pdbx_poly_seq_scheme.mon_id 
_pdbx_poly_seq_scheme.ndb_seq_num 
_pdbx_poly_seq_scheme.pdb_seq_num 
_pdbx_poly_seq_scheme.auth_seq_num 
_pdbx_poly_seq_scheme.pdb_mon_id 
_pdbx_poly_seq_scheme.auth_mon_id 
_pdbx_poly_seq_scheme.pdb_strand_id 
_pdbx_poly_seq_scheme.pdb_ins_code 
_pdbx_poly_seq_scheme.hetero 
A 1 1  ALA 1  -4 ?  ?   ?   A . n 
A 1 2  MET 2  -3 ?  ?   ?   A . n 
A 1 3  GLY 3  -2 ?  ?   ?   A . n 
A 1 4  TYR 4  -1 ?  ?   ?   A . n 
A 1 5  LEU 5  0  ?  ?   ?   A . n 
A 1 6  MET 6  1  ?  ?   ?   A . n 
A 1 7  ALA 7  2  2  ALA ALA A . n 
A 1 8  LEU 8  3  3  LEU LEU A . n 
A 1 9  PHE 9  4  4  PHE PHE A . n 
A 1 10 GLU 10 5  5  GLU GLU A . n 
A 1 11 ASP 11 6  6  ASP ASP A . n 
A 1 12 ILE 12 7  7  ILE ILE A . n 
A 1 13 GLN 13 8  8  GLN GLN A . n 
A 1 14 ALA 14 9  9  ALA ALA A . n 
A 1 15 VAL 15 10 10 VAL VAL A . n 
A 1 16 ILE 16 11 11 ILE ILE A . n 
A 1 17 ALA 17 12 12 ALA ALA A . n 
A 1 18 GLU 18 13 13 GLU GLU A . n 
A 1 19 GLN 19 14 14 GLN GLN A . n 
A 1 20 LEU 20 15 15 LEU LEU A . n 
A 1 21 ASN 21 16 16 ASN ASN A . n 
A 1 22 VAL 22 17 17 VAL VAL A . n 
A 1 23 ASP 23 18 18 ASP ASP A . n 
A 1 24 ALA 24 19 19 ALA ALA A . n 
A 1 25 ALA 25 20 20 ALA ALA A . n 
A 1 26 GLN 26 21 21 GLN GLN A . n 
A 1 27 VAL 27 22 22 VAL VAL A . n 
A 1 28 THR 28 23 23 THR THR A . n 
A 1 29 PRO 29 24 24 PRO PRO A . n 
A 1 30 GLU 30 25 25 GLU GLU A . n 
A 1 31 ALA 31 26 26 ALA ALA A . n 
A 1 32 GLU 32 27 27 GLU GLU A . n 
A 1 33 PHE 33 28 28 PHE PHE A . n 
A 1 34 VAL 34 29 29 VAL VAL A . n 
A 1 35 LYS 35 30 30 LYS LYS A . n 
A 1 36 ASP 36 31 31 ASP ASP A . n 
A 1 37 LEU 37 32 32 LEU LEU A . n 
A 1 38 GLY 38 33 33 GLY GLY A . n 
A 1 39 ALA 39 34 34 ALA ALA A . n 
A 1 40 ASP 40 35 35 ASP ASP A . n 
A 1 41 4HH 41 36 36 4HH 4HH A . n 
A 1 42 LEU 42 37 37 LEU LEU A . n 
A 1 43 ASP 43 38 38 ASP ASP A . n 
A 1 44 VAL 44 39 39 VAL VAL A . n 
A 1 45 VAL 45 40 40 VAL VAL A . n 
A 1 46 GLU 46 41 41 GLU GLU A . n 
A 1 47 LEU 47 42 42 LEU LEU A . n 
A 1 48 ILE 48 43 43 ILE ILE A . n 
A 1 49 MET 49 44 44 MET MET A . n 
A 1 50 ALA 50 45 45 ALA ALA A . n 
A 1 51 LEU 51 46 46 LEU LEU A . n 
A 1 52 GLU 52 47 47 GLU GLU A . n 
A 1 53 GLU 53 48 48 GLU GLU A . n 
A 1 54 LYS 54 49 49 LYS LYS A . n 
A 1 55 PHE 55 50 50 PHE PHE A . n 
A 1 56 GLY 56 51 51 GLY GLY A . n 
A 1 57 ILE 57 52 52 ILE ILE A . n 
A 1 58 GLU 58 53 53 GLU GLU A . n 
A 1 59 ILE 59 54 54 ILE ILE A . n 
A 1 60 PRO 60 55 55 PRO PRO A . n 
A 1 61 ASP 61 56 56 ASP ASP A . n 
A 1 62 GLU 62 57 57 GLU GLU A . n 
A 1 63 GLN 63 58 58 GLN GLN A . n 
A 1 64 ALA 64 59 59 ALA ALA A . n 
A 1 65 GLU 65 60 60 GLU GLU A . n 
A 1 66 LYS 66 61 61 LYS LYS A . n 
A 1 67 ILE 67 62 62 ILE ILE A . n 
A 1 68 VAL 68 63 63 VAL VAL A . n 
A 1 69 ASN 69 64 64 ASN ASN A . n 
A 1 70 VAL 70 65 65 VAL VAL A . n 
A 1 71 GLY 71 66 66 GLY GLY A . n 
A 1 72 ASP 72 67 67 ASP ASP A . n 
A 1 73 VAL 73 68 68 VAL VAL A . n 
A 1 74 VAL 74 69 69 VAL VAL A . n 
A 1 75 LYS 75 70 70 LYS LYS A . n 
A 1 76 TYR 76 71 71 TYR TYR A . n 
A 1 77 ILE 77 72 72 ILE ILE A . n 
A 1 78 GLU 78 73 73 GLU GLU A . n 
A 1 79 ASP 79 74 74 ASP ASP A . n 
A 1 80 ASN 80 75 75 ASN ASN A . n 
A 1 81 LYS 81 76 ?  ?   ?   A . n 
A 1 82 LEU 82 77 ?  ?   ?   A . n 
A 1 83 ALA 83 78 ?  ?   ?   A . n 
B 1 1  ALA 1  -4 ?  ?   ?   B . n 
B 1 2  MET 2  -3 ?  ?   ?   B . n 
B 1 3  GLY 3  -2 ?  ?   ?   B . n 
B 1 4  TYR 4  -1 ?  ?   ?   B . n 
B 1 5  LEU 5  0  ?  ?   ?   B . n 
B 1 6  MET 6  1  ?  ?   ?   B . n 
B 1 7  ALA 7  2  2  ALA ALA B . n 
B 1 8  LEU 8  3  3  LEU LEU B . n 
B 1 9  PHE 9  4  4  PHE PHE B . n 
B 1 10 GLU 10 5  5  GLU GLU B . n 
B 1 11 ASP 11 6  6  ASP ASP B . n 
B 1 12 ILE 12 7  7  ILE ILE B . n 
B 1 13 GLN 13 8  8  GLN GLN B . n 
B 1 14 ALA 14 9  9  ALA ALA B . n 
B 1 15 VAL 15 10 10 VAL VAL B . n 
B 1 16 ILE 16 11 11 ILE ILE B . n 
B 1 17 ALA 17 12 12 ALA ALA B . n 
B 1 18 GLU 18 13 13 GLU GLU B . n 
B 1 19 GLN 19 14 14 GLN GLN B . n 
B 1 20 LEU 20 15 15 LEU LEU B . n 
B 1 21 ASN 21 16 16 ASN ASN B . n 
B 1 22 VAL 22 17 17 VAL VAL B . n 
B 1 23 ASP 23 18 18 ASP ASP B . n 
B 1 24 ALA 24 19 19 ALA ALA B . n 
B 1 25 ALA 25 20 20 ALA ALA B . n 
B 1 26 GLN 26 21 21 GLN GLN B . n 
B 1 27 VAL 27 22 22 VAL VAL B . n 
B 1 28 THR 28 23 23 THR THR B . n 
B 1 29 PRO 29 24 24 PRO PRO B . n 
B 1 30 GLU 30 25 25 GLU GLU B . n 
B 1 31 ALA 31 26 26 ALA ALA B . n 
B 1 32 GLU 32 27 27 GLU GLU B . n 
B 1 33 PHE 33 28 28 PHE PHE B . n 
B 1 34 VAL 34 29 29 VAL VAL B . n 
B 1 35 LYS 35 30 30 LYS LYS B . n 
B 1 36 ASP 36 31 31 ASP ASP B . n 
B 1 37 LEU 37 32 32 LEU LEU B . n 
B 1 38 GLY 38 33 33 GLY GLY B . n 
B 1 39 ALA 39 34 34 ALA ALA B . n 
B 1 40 ASP 40 35 35 ASP ASP B . n 
B 1 41 4HH 41 36 36 4HH 4HH B . n 
B 1 42 LEU 42 37 37 LEU LEU B . n 
B 1 43 ASP 43 38 38 ASP ASP B . n 
B 1 44 VAL 44 39 39 VAL VAL B . n 
B 1 45 VAL 45 40 40 VAL VAL B . n 
B 1 46 GLU 46 41 41 GLU GLU B . n 
B 1 47 LEU 47 42 42 LEU LEU B . n 
B 1 48 ILE 48 43 43 ILE ILE B . n 
B 1 49 MET 49 44 44 MET MET B . n 
B 1 50 ALA 50 45 45 ALA ALA B . n 
B 1 51 LEU 51 46 46 LEU LEU B . n 
B 1 52 GLU 52 47 47 GLU GLU B . n 
B 1 53 GLU 53 48 48 GLU GLU B . n 
B 1 54 LYS 54 49 49 LYS LYS B . n 
B 1 55 PHE 55 50 50 PHE PHE B . n 
B 1 56 GLY 56 51 51 GLY GLY B . n 
B 1 57 ILE 57 52 52 ILE ILE B . n 
B 1 58 GLU 58 53 53 GLU GLU B . n 
B 1 59 ILE 59 54 54 ILE ILE B . n 
B 1 60 PRO 60 55 55 PRO PRO B . n 
B 1 61 ASP 61 56 56 ASP ASP B . n 
B 1 62 GLU 62 57 57 GLU GLU B . n 
B 1 63 GLN 63 58 58 GLN GLN B . n 
B 1 64 ALA 64 59 59 ALA ALA B . n 
B 1 65 GLU 65 60 60 GLU GLU B . n 
B 1 66 LYS 66 61 61 LYS LYS B . n 
B 1 67 ILE 67 62 62 ILE ILE B . n 
B 1 68 VAL 68 63 63 VAL VAL B . n 
B 1 69 ASN 69 64 64 ASN ASN B . n 
B 1 70 VAL 70 65 65 VAL VAL B . n 
B 1 71 GLY 71 66 66 GLY GLY B . n 
B 1 72 ASP 72 67 67 ASP ASP B . n 
B 1 73 VAL 73 68 68 VAL VAL B . n 
B 1 74 VAL 74 69 69 VAL VAL B . n 
B 1 75 LYS 75 70 70 LYS LYS B . n 
B 1 76 TYR 76 71 71 TYR TYR B . n 
B 1 77 ILE 77 72 72 ILE ILE B . n 
B 1 78 GLU 78 73 73 GLU GLU B . n 
B 1 79 ASP 79 74 74 ASP ASP B . n 
B 1 80 ASN 80 75 75 ASN ASN B . n 
B 1 81 LYS 81 76 76 LYS LYS B . n 
B 1 82 LEU 82 77 ?  ?   ?   B . n 
B 1 83 ALA 83 78 ?  ?   ?   B . n 
C 1 1  ALA 1  -4 ?  ?   ?   C . n 
C 1 2  MET 2  -3 ?  ?   ?   C . n 
C 1 3  GLY 3  -2 ?  ?   ?   C . n 
C 1 4  TYR 4  -1 ?  ?   ?   C . n 
C 1 5  LEU 5  0  ?  ?   ?   C . n 
C 1 6  MET 6  1  ?  ?   ?   C . n 
C 1 7  ALA 7  2  2  ALA ALA C . n 
C 1 8  LEU 8  3  3  LEU LEU C . n 
C 1 9  PHE 9  4  4  PHE PHE C . n 
C 1 10 GLU 10 5  5  GLU GLU C . n 
C 1 11 ASP 11 6  6  ASP ASP C . n 
C 1 12 ILE 12 7  7  ILE ILE C . n 
C 1 13 GLN 13 8  8  GLN GLN C . n 
C 1 14 ALA 14 9  9  ALA ALA C . n 
C 1 15 VAL 15 10 10 VAL VAL C . n 
C 1 16 ILE 16 11 11 ILE ILE C . n 
C 1 17 ALA 17 12 12 ALA ALA C . n 
C 1 18 GLU 18 13 13 GLU GLU C . n 
C 1 19 GLN 19 14 14 GLN GLN C . n 
C 1 20 LEU 20 15 15 LEU LEU C . n 
C 1 21 ASN 21 16 16 ASN ASN C . n 
C 1 22 VAL 22 17 17 VAL VAL C . n 
C 1 23 ASP 23 18 18 ASP ASP C . n 
C 1 24 ALA 24 19 19 ALA ALA C . n 
C 1 25 ALA 25 20 20 ALA ALA C . n 
C 1 26 GLN 26 21 21 GLN GLN C . n 
C 1 27 VAL 27 22 22 VAL VAL C . n 
C 1 28 THR 28 23 23 THR THR C . n 
C 1 29 PRO 29 24 24 PRO PRO C . n 
C 1 30 GLU 30 25 25 GLU GLU C . n 
C 1 31 ALA 31 26 26 ALA ALA C . n 
C 1 32 GLU 32 27 27 GLU GLU C . n 
C 1 33 PHE 33 28 28 PHE PHE C . n 
C 1 34 VAL 34 29 29 VAL VAL C . n 
C 1 35 LYS 35 30 30 LYS LYS C . n 
C 1 36 ASP 36 31 31 ASP ASP C . n 
C 1 37 LEU 37 32 32 LEU LEU C . n 
C 1 38 GLY 38 33 33 GLY GLY C . n 
C 1 39 ALA 39 34 34 ALA ALA C . n 
C 1 40 ASP 40 35 35 ASP ASP C . n 
C 1 41 4HH 41 36 36 4HH 4HH C . n 
C 1 42 LEU 42 37 37 LEU LEU C . n 
C 1 43 ASP 43 38 38 ASP ASP C . n 
C 1 44 VAL 44 39 39 VAL VAL C . n 
C 1 45 VAL 45 40 40 VAL VAL C . n 
C 1 46 GLU 46 41 41 GLU GLU C . n 
C 1 47 LEU 47 42 42 LEU LEU C . n 
C 1 48 ILE 48 43 43 ILE ILE C . n 
C 1 49 MET 49 44 44 MET MET C . n 
C 1 50 ALA 50 45 45 ALA ALA C . n 
C 1 51 LEU 51 46 46 LEU LEU C . n 
C 1 52 GLU 52 47 47 GLU GLU C . n 
C 1 53 GLU 53 48 48 GLU GLU C . n 
C 1 54 LYS 54 49 49 LYS LYS C . n 
C 1 55 PHE 55 50 50 PHE PHE C . n 
C 1 56 GLY 56 51 51 GLY GLY C . n 
C 1 57 ILE 57 52 52 ILE ILE C . n 
C 1 58 GLU 58 53 53 GLU GLU C . n 
C 1 59 ILE 59 54 54 ILE ILE C . n 
C 1 60 PRO 60 55 55 PRO PRO C . n 
C 1 61 ASP 61 56 56 ASP ASP C . n 
C 1 62 GLU 62 57 57 GLU GLU C . n 
C 1 63 GLN 63 58 58 GLN GLN C . n 
C 1 64 ALA 64 59 59 ALA ALA C . n 
C 1 65 GLU 65 60 60 GLU GLU C . n 
C 1 66 LYS 66 61 61 LYS LYS C . n 
C 1 67 ILE 67 62 62 ILE ILE C . n 
C 1 68 VAL 68 63 63 VAL VAL C . n 
C 1 69 ASN 69 64 64 ASN ASN C . n 
C 1 70 VAL 70 65 65 VAL VAL C . n 
C 1 71 GLY 71 66 66 GLY GLY C . n 
C 1 72 ASP 72 67 67 ASP ASP C . n 
C 1 73 VAL 73 68 68 VAL VAL C . n 
C 1 74 VAL 74 69 69 VAL VAL C . n 
C 1 75 LYS 75 70 70 LYS LYS C . n 
C 1 76 TYR 76 71 71 TYR TYR C . n 
C 1 77 ILE 77 72 72 ILE ILE C . n 
C 1 78 GLU 78 73 73 GLU GLU C . n 
C 1 79 ASP 79 74 74 ASP ASP C . n 
C 1 80 ASN 80 75 75 ASN ASN C . n 
C 1 81 LYS 81 76 ?  ?   ?   C . n 
C 1 82 LEU 82 77 ?  ?   ?   C . n 
C 1 83 ALA 83 78 ?  ?   ?   C . n 
# 
loop_
_pdbx_nonpoly_scheme.asym_id 
_pdbx_nonpoly_scheme.entity_id 
_pdbx_nonpoly_scheme.mon_id 
_pdbx_nonpoly_scheme.ndb_seq_num 
_pdbx_nonpoly_scheme.pdb_seq_num 
_pdbx_nonpoly_scheme.auth_seq_num 
_pdbx_nonpoly_scheme.pdb_mon_id 
_pdbx_nonpoly_scheme.auth_mon_id 
_pdbx_nonpoly_scheme.pdb_strand_id 
_pdbx_nonpoly_scheme.pdb_ins_code 
D 2 HOH 1 101 101 HOH HOH A . 
D 2 HOH 2 102 102 HOH HOH A . 
D 2 HOH 3 103 103 HOH HOH A . 
D 2 HOH 4 104 104 HOH HOH A . 
D 2 HOH 5 105 105 HOH HOH A . 
D 2 HOH 6 106 106 HOH HOH A . 
D 2 HOH 7 107 107 HOH HOH A . 
D 2 HOH 8 108 108 HOH HOH A . 
D 2 HOH 9 109 109 HOH HOH A . 
E 2 HOH 1 101 101 HOH HOH B . 
E 2 HOH 2 102 102 HOH HOH B . 
E 2 HOH 3 103 103 HOH HOH B . 
E 2 HOH 4 104 104 HOH HOH B . 
E 2 HOH 5 105 105 HOH HOH B . 
E 2 HOH 6 106 106 HOH HOH B . 
F 2 HOH 1 101 101 HOH HOH C . 
F 2 HOH 2 102 102 HOH HOH C . 
F 2 HOH 3 103 103 HOH HOH C . 
F 2 HOH 4 104 104 HOH HOH C . 
F 2 HOH 5 105 105 HOH HOH C . 
# 
loop_
_pdbx_struct_mod_residue.id 
_pdbx_struct_mod_residue.label_asym_id 
_pdbx_struct_mod_residue.label_comp_id 
_pdbx_struct_mod_residue.label_seq_id 
_pdbx_struct_mod_residue.auth_asym_id 
_pdbx_struct_mod_residue.auth_comp_id 
_pdbx_struct_mod_residue.auth_seq_id 
_pdbx_struct_mod_residue.PDB_ins_code 
_pdbx_struct_mod_residue.parent_comp_id 
_pdbx_struct_mod_residue.details 
1 A 4HH 41 A 4HH 36 ? SER 'modified residue' 
2 B 4HH 41 B 4HH 36 ? SER 'modified residue' 
3 C 4HH 41 C 4HH 36 ? SER 'modified residue' 
# 
loop_
_pdbx_struct_assembly.id 
_pdbx_struct_assembly.details 
_pdbx_struct_assembly.method_details 
_pdbx_struct_assembly.oligomeric_details 
_pdbx_struct_assembly.oligomeric_count 
1 author_defined_assembly ? monomeric 1 
2 author_defined_assembly ? monomeric 1 
3 author_defined_assembly ? monomeric 1 
# 
loop_
_pdbx_struct_assembly_gen.assembly_id 
_pdbx_struct_assembly_gen.oper_expression 
_pdbx_struct_assembly_gen.asym_id_list 
1 1 A,D 
2 1 B,E 
3 1 C,F 
# 
_pdbx_struct_oper_list.id                   1 
_pdbx_struct_oper_list.type                 'identity operation' 
_pdbx_struct_oper_list.name                 1_555 
_pdbx_struct_oper_list.symmetry_operation   x,y,z 
_pdbx_struct_oper_list.matrix[1][1]         1.0000000000 
_pdbx_struct_oper_list.matrix[1][2]         0.0000000000 
_pdbx_struct_oper_list.matrix[1][3]         0.0000000000 
_pdbx_struct_oper_list.vector[1]            0.0000000000 
_pdbx_struct_oper_list.matrix[2][1]         0.0000000000 
_pdbx_struct_oper_list.matrix[2][2]         1.0000000000 
_pdbx_struct_oper_list.matrix[2][3]         0.0000000000 
_pdbx_struct_oper_list.vector[2]            0.0000000000 
_pdbx_struct_oper_list.matrix[3][1]         0.0000000000 
_pdbx_struct_oper_list.matrix[3][2]         0.0000000000 
_pdbx_struct_oper_list.matrix[3][3]         1.0000000000 
_pdbx_struct_oper_list.vector[3]            0.0000000000 
# 
loop_
_pdbx_audit_revision_history.ordinal 
_pdbx_audit_revision_history.data_content_type 
_pdbx_audit_revision_history.major_revision 
_pdbx_audit_revision_history.minor_revision 
_pdbx_audit_revision_history.revision_date 
1 'Structure model' 1 0 2016-12-28 
2 'Structure model' 1 1 2023-11-08 
# 
_pdbx_audit_revision_details.ordinal             1 
_pdbx_audit_revision_details.revision_ordinal    1 
_pdbx_audit_revision_details.data_content_type   'Structure model' 
_pdbx_audit_revision_details.provider            repository 
_pdbx_audit_revision_details.type                'Initial release' 
_pdbx_audit_revision_details.description         ? 
_pdbx_audit_revision_details.details             ? 
# 
loop_
_pdbx_audit_revision_group.ordinal 
_pdbx_audit_revision_group.revision_ordinal 
_pdbx_audit_revision_group.data_content_type 
_pdbx_audit_revision_group.group 
1 2 'Structure model' 'Data collection'        
2 2 'Structure model' 'Database references'    
3 2 'Structure model' 'Refinement description' 
4 2 'Structure model' 'Structure summary'      
# 
loop_
_pdbx_audit_revision_category.ordinal 
_pdbx_audit_revision_category.revision_ordinal 
_pdbx_audit_revision_category.data_content_type 
_pdbx_audit_revision_category.category 
1 2 'Structure model' chem_comp                     
2 2 'Structure model' chem_comp_atom                
3 2 'Structure model' chem_comp_bond                
4 2 'Structure model' database_2                    
5 2 'Structure model' pdbx_initial_refinement_model 
# 
loop_
_pdbx_audit_revision_item.ordinal 
_pdbx_audit_revision_item.revision_ordinal 
_pdbx_audit_revision_item.data_content_type 
_pdbx_audit_revision_item.item 
1 2 'Structure model' '_chem_comp.name'                     
2 2 'Structure model' '_chem_comp.pdbx_synonyms'            
3 2 'Structure model' '_database_2.pdbx_DOI'                
4 2 'Structure model' '_database_2.pdbx_database_accession' 
# 
loop_
_software.citation_id 
_software.classification 
_software.compiler_name 
_software.compiler_version 
_software.contact_author 
_software.contact_author_email 
_software.date 
_software.description 
_software.dependencies 
_software.hardware 
_software.language 
_software.location 
_software.mods 
_software.name 
_software.os 
_software.os_version 
_software.type 
_software.version 
_software.pdbx_ordinal 
? refinement       ? ? ? ? ? ? ? ? ? ? ? REFMAC   ? ? ? 5.2.0005 1 
? 'data reduction' ? ? ? ? ? ? ? ? ? ? ? HKL-2000 ? ? ? .        2 
? 'data scaling'   ? ? ? ? ? ? ? ? ? ? ? HKL-2000 ? ? ? .        3 
? phasing          ? ? ? ? ? ? ? ? ? ? ? CNS      ? ? ? .        4 
# 
loop_
_pdbx_validate_torsion.id 
_pdbx_validate_torsion.PDB_model_num 
_pdbx_validate_torsion.auth_comp_id 
_pdbx_validate_torsion.auth_asym_id 
_pdbx_validate_torsion.auth_seq_id 
_pdbx_validate_torsion.PDB_ins_code 
_pdbx_validate_torsion.label_alt_id 
_pdbx_validate_torsion.phi 
_pdbx_validate_torsion.psi 
1 1 ASN B 16 ? ? 55.10   73.06 
2 1 ASN B 75 ? ? -141.14 29.65 
3 1 ASP C 74 ? ? -61.32  14.71 
# 
loop_
_pdbx_unobs_or_zero_occ_residues.id 
_pdbx_unobs_or_zero_occ_residues.PDB_model_num 
_pdbx_unobs_or_zero_occ_residues.polymer_flag 
_pdbx_unobs_or_zero_occ_residues.occupancy_flag 
_pdbx_unobs_or_zero_occ_residues.auth_asym_id 
_pdbx_unobs_or_zero_occ_residues.auth_comp_id 
_pdbx_unobs_or_zero_occ_residues.auth_seq_id 
_pdbx_unobs_or_zero_occ_residues.PDB_ins_code 
_pdbx_unobs_or_zero_occ_residues.label_asym_id 
_pdbx_unobs_or_zero_occ_residues.label_comp_id 
_pdbx_unobs_or_zero_occ_residues.label_seq_id 
1  1 Y 1 A ALA -4 ? A ALA 1  
2  1 Y 1 A MET -3 ? A MET 2  
3  1 Y 1 A GLY -2 ? A GLY 3  
4  1 Y 1 A TYR -1 ? A TYR 4  
5  1 Y 1 A LEU 0  ? A LEU 5  
6  1 Y 1 A MET 1  ? A MET 6  
7  1 Y 1 A LYS 76 ? A LYS 81 
8  1 Y 1 A LEU 77 ? A LEU 82 
9  1 Y 1 A ALA 78 ? A ALA 83 
10 1 Y 1 B ALA -4 ? B ALA 1  
11 1 Y 1 B MET -3 ? B MET 2  
12 1 Y 1 B GLY -2 ? B GLY 3  
13 1 Y 1 B TYR -1 ? B TYR 4  
14 1 Y 1 B LEU 0  ? B LEU 5  
15 1 Y 1 B MET 1  ? B MET 6  
16 1 Y 1 B LEU 77 ? B LEU 82 
17 1 Y 1 B ALA 78 ? B ALA 83 
18 1 Y 1 C ALA -4 ? C ALA 1  
19 1 Y 1 C MET -3 ? C MET 2  
20 1 Y 1 C GLY -2 ? C GLY 3  
21 1 Y 1 C TYR -1 ? C TYR 4  
22 1 Y 1 C LEU 0  ? C LEU 5  
23 1 Y 1 C MET 1  ? C MET 6  
24 1 Y 1 C LYS 76 ? C LYS 81 
25 1 Y 1 C LEU 77 ? C LEU 82 
26 1 Y 1 C ALA 78 ? C ALA 83 
# 
loop_
_chem_comp_atom.comp_id 
_chem_comp_atom.atom_id 
_chem_comp_atom.type_symbol 
_chem_comp_atom.pdbx_aromatic_flag 
_chem_comp_atom.pdbx_stereo_config 
_chem_comp_atom.pdbx_ordinal 
4HH O    O N N 1   
4HH C    C N N 2   
4HH CA   C N S 3   
4HH N    N N N 4   
4HH CB   C N N 5   
4HH OG   O N N 6   
4HH CJ   C N N 7   
4HH CK   C N N 8   
4HH CL1  C N N 9   
4HH CL2  C N N 10  
4HH CL3  C N N 11  
4HH CM   C N R 12  
4HH OM   O N N 13  
4HH NN   N N N 14  
4HH ON   O N N 15  
4HH P    P N N 16  
4HH O1P  O N N 17  
4HH O2P  O N N 18  
4HH O3P  O N N 19  
4HH CO   C N N 20  
4HH CP   C N N 21  
4HH CQ   C N N 22  
4HH CS   C N N 23  
4HH CT   C N N 24  
4HH NR   N N N 25  
4HH OR   O N N 26  
4HH SU   S N N 27  
4HH HA   H N N 28  
4HH H    H N N 29  
4HH H2   H N N 30  
4HH HB3  H N N 31  
4HH HB2  H N N 32  
4HH HJ3  H N N 33  
4HH HJ2  H N N 34  
4HH HL13 H N N 35  
4HH HL12 H N N 36  
4HH HL11 H N N 37  
4HH HL21 H N N 38  
4HH HL23 H N N 39  
4HH HL22 H N N 40  
4HH HL3  H N N 41  
4HH HM   H N N 42  
4HH HN   H N N 43  
4HH H4   H N N 44  
4HH HO2  H N N 45  
4HH HO3  H N N 46  
4HH HP3  H N N 47  
4HH HP2  H N N 48  
4HH HS2  H N N 49  
4HH HS3  H N N 50  
4HH HT3  H N N 51  
4HH HT2  H N N 52  
4HH HR   H N N 53  
4HH HU   H N N 54  
4HH OXT  O N N 55  
4HH HXT  H N N 56  
ALA N    N N N 57  
ALA CA   C N S 58  
ALA C    C N N 59  
ALA O    O N N 60  
ALA CB   C N N 61  
ALA OXT  O N N 62  
ALA H    H N N 63  
ALA H2   H N N 64  
ALA HA   H N N 65  
ALA HB1  H N N 66  
ALA HB2  H N N 67  
ALA HB3  H N N 68  
ALA HXT  H N N 69  
ASN N    N N N 70  
ASN CA   C N S 71  
ASN C    C N N 72  
ASN O    O N N 73  
ASN CB   C N N 74  
ASN CG   C N N 75  
ASN OD1  O N N 76  
ASN ND2  N N N 77  
ASN OXT  O N N 78  
ASN H    H N N 79  
ASN H2   H N N 80  
ASN HA   H N N 81  
ASN HB2  H N N 82  
ASN HB3  H N N 83  
ASN HD21 H N N 84  
ASN HD22 H N N 85  
ASN HXT  H N N 86  
ASP N    N N N 87  
ASP CA   C N S 88  
ASP C    C N N 89  
ASP O    O N N 90  
ASP CB   C N N 91  
ASP CG   C N N 92  
ASP OD1  O N N 93  
ASP OD2  O N N 94  
ASP OXT  O N N 95  
ASP H    H N N 96  
ASP H2   H N N 97  
ASP HA   H N N 98  
ASP HB2  H N N 99  
ASP HB3  H N N 100 
ASP HD2  H N N 101 
ASP HXT  H N N 102 
GLN N    N N N 103 
GLN CA   C N S 104 
GLN C    C N N 105 
GLN O    O N N 106 
GLN CB   C N N 107 
GLN CG   C N N 108 
GLN CD   C N N 109 
GLN OE1  O N N 110 
GLN NE2  N N N 111 
GLN OXT  O N N 112 
GLN H    H N N 113 
GLN H2   H N N 114 
GLN HA   H N N 115 
GLN HB2  H N N 116 
GLN HB3  H N N 117 
GLN HG2  H N N 118 
GLN HG3  H N N 119 
GLN HE21 H N N 120 
GLN HE22 H N N 121 
GLN HXT  H N N 122 
GLU N    N N N 123 
GLU CA   C N S 124 
GLU C    C N N 125 
GLU O    O N N 126 
GLU CB   C N N 127 
GLU CG   C N N 128 
GLU CD   C N N 129 
GLU OE1  O N N 130 
GLU OE2  O N N 131 
GLU OXT  O N N 132 
GLU H    H N N 133 
GLU H2   H N N 134 
GLU HA   H N N 135 
GLU HB2  H N N 136 
GLU HB3  H N N 137 
GLU HG2  H N N 138 
GLU HG3  H N N 139 
GLU HE2  H N N 140 
GLU HXT  H N N 141 
GLY N    N N N 142 
GLY CA   C N N 143 
GLY C    C N N 144 
GLY O    O N N 145 
GLY OXT  O N N 146 
GLY H    H N N 147 
GLY H2   H N N 148 
GLY HA2  H N N 149 
GLY HA3  H N N 150 
GLY HXT  H N N 151 
HOH O    O N N 152 
HOH H1   H N N 153 
HOH H2   H N N 154 
ILE N    N N N 155 
ILE CA   C N S 156 
ILE C    C N N 157 
ILE O    O N N 158 
ILE CB   C N S 159 
ILE CG1  C N N 160 
ILE CG2  C N N 161 
ILE CD1  C N N 162 
ILE OXT  O N N 163 
ILE H    H N N 164 
ILE H2   H N N 165 
ILE HA   H N N 166 
ILE HB   H N N 167 
ILE HG12 H N N 168 
ILE HG13 H N N 169 
ILE HG21 H N N 170 
ILE HG22 H N N 171 
ILE HG23 H N N 172 
ILE HD11 H N N 173 
ILE HD12 H N N 174 
ILE HD13 H N N 175 
ILE HXT  H N N 176 
LEU N    N N N 177 
LEU CA   C N S 178 
LEU C    C N N 179 
LEU O    O N N 180 
LEU CB   C N N 181 
LEU CG   C N N 182 
LEU CD1  C N N 183 
LEU CD2  C N N 184 
LEU OXT  O N N 185 
LEU H    H N N 186 
LEU H2   H N N 187 
LEU HA   H N N 188 
LEU HB2  H N N 189 
LEU HB3  H N N 190 
LEU HG   H N N 191 
LEU HD11 H N N 192 
LEU HD12 H N N 193 
LEU HD13 H N N 194 
LEU HD21 H N N 195 
LEU HD22 H N N 196 
LEU HD23 H N N 197 
LEU HXT  H N N 198 
LYS N    N N N 199 
LYS CA   C N S 200 
LYS C    C N N 201 
LYS O    O N N 202 
LYS CB   C N N 203 
LYS CG   C N N 204 
LYS CD   C N N 205 
LYS CE   C N N 206 
LYS NZ   N N N 207 
LYS OXT  O N N 208 
LYS H    H N N 209 
LYS H2   H N N 210 
LYS HA   H N N 211 
LYS HB2  H N N 212 
LYS HB3  H N N 213 
LYS HG2  H N N 214 
LYS HG3  H N N 215 
LYS HD2  H N N 216 
LYS HD3  H N N 217 
LYS HE2  H N N 218 
LYS HE3  H N N 219 
LYS HZ1  H N N 220 
LYS HZ2  H N N 221 
LYS HZ3  H N N 222 
LYS HXT  H N N 223 
MET N    N N N 224 
MET CA   C N S 225 
MET C    C N N 226 
MET O    O N N 227 
MET CB   C N N 228 
MET CG   C N N 229 
MET SD   S N N 230 
MET CE   C N N 231 
MET OXT  O N N 232 
MET H    H N N 233 
MET H2   H N N 234 
MET HA   H N N 235 
MET HB2  H N N 236 
MET HB3  H N N 237 
MET HG2  H N N 238 
MET HG3  H N N 239 
MET HE1  H N N 240 
MET HE2  H N N 241 
MET HE3  H N N 242 
MET HXT  H N N 243 
PHE N    N N N 244 
PHE CA   C N S 245 
PHE C    C N N 246 
PHE O    O N N 247 
PHE CB   C N N 248 
PHE CG   C Y N 249 
PHE CD1  C Y N 250 
PHE CD2  C Y N 251 
PHE CE1  C Y N 252 
PHE CE2  C Y N 253 
PHE CZ   C Y N 254 
PHE OXT  O N N 255 
PHE H    H N N 256 
PHE H2   H N N 257 
PHE HA   H N N 258 
PHE HB2  H N N 259 
PHE HB3  H N N 260 
PHE HD1  H N N 261 
PHE HD2  H N N 262 
PHE HE1  H N N 263 
PHE HE2  H N N 264 
PHE HZ   H N N 265 
PHE HXT  H N N 266 
PRO N    N N N 267 
PRO CA   C N S 268 
PRO C    C N N 269 
PRO O    O N N 270 
PRO CB   C N N 271 
PRO CG   C N N 272 
PRO CD   C N N 273 
PRO OXT  O N N 274 
PRO H    H N N 275 
PRO HA   H N N 276 
PRO HB2  H N N 277 
PRO HB3  H N N 278 
PRO HG2  H N N 279 
PRO HG3  H N N 280 
PRO HD2  H N N 281 
PRO HD3  H N N 282 
PRO HXT  H N N 283 
THR N    N N N 284 
THR CA   C N S 285 
THR C    C N N 286 
THR O    O N N 287 
THR CB   C N R 288 
THR OG1  O N N 289 
THR CG2  C N N 290 
THR OXT  O N N 291 
THR H    H N N 292 
THR H2   H N N 293 
THR HA   H N N 294 
THR HB   H N N 295 
THR HG1  H N N 296 
THR HG21 H N N 297 
THR HG22 H N N 298 
THR HG23 H N N 299 
THR HXT  H N N 300 
TYR N    N N N 301 
TYR CA   C N S 302 
TYR C    C N N 303 
TYR O    O N N 304 
TYR CB   C N N 305 
TYR CG   C Y N 306 
TYR CD1  C Y N 307 
TYR CD2  C Y N 308 
TYR CE1  C Y N 309 
TYR CE2  C Y N 310 
TYR CZ   C Y N 311 
TYR OH   O N N 312 
TYR OXT  O N N 313 
TYR H    H N N 314 
TYR H2   H N N 315 
TYR HA   H N N 316 
TYR HB2  H N N 317 
TYR HB3  H N N 318 
TYR HD1  H N N 319 
TYR HD2  H N N 320 
TYR HE1  H N N 321 
TYR HE2  H N N 322 
TYR HH   H N N 323 
TYR HXT  H N N 324 
VAL N    N N N 325 
VAL CA   C N S 326 
VAL C    C N N 327 
VAL O    O N N 328 
VAL CB   C N N 329 
VAL CG1  C N N 330 
VAL CG2  C N N 331 
VAL OXT  O N N 332 
VAL H    H N N 333 
VAL H2   H N N 334 
VAL HA   H N N 335 
VAL HB   H N N 336 
VAL HG11 H N N 337 
VAL HG12 H N N 338 
VAL HG13 H N N 339 
VAL HG21 H N N 340 
VAL HG22 H N N 341 
VAL HG23 H N N 342 
VAL HXT  H N N 343 
# 
loop_
_chem_comp_bond.comp_id 
_chem_comp_bond.atom_id_1 
_chem_comp_bond.atom_id_2 
_chem_comp_bond.value_order 
_chem_comp_bond.pdbx_aromatic_flag 
_chem_comp_bond.pdbx_stereo_config 
_chem_comp_bond.pdbx_ordinal 
4HH SU  CT   sing N N 1   
4HH CB  CA   sing N N 2   
4HH CB  OG   sing N N 3   
4HH CL1 CK   sing N N 4   
4HH CT  CS   sing N N 5   
4HH CA  N    sing N N 6   
4HH CA  C    sing N N 7   
4HH O2P P    doub N N 8   
4HH O   C    doub N N 9   
4HH CS  NR   sing N N 10  
4HH O3P P    sing N N 11  
4HH O3P CJ   sing N N 12  
4HH OG  P    sing N N 13  
4HH P   O1P  sing N N 14  
4HH CK  CL2  sing N N 15  
4HH CK  CJ   sing N N 16  
4HH CK  CM   sing N N 17  
4HH CP  CQ   sing N N 18  
4HH CP  CO   sing N N 19  
4HH NN  CL3  sing N N 20  
4HH NN  CO   sing N N 21  
4HH NR  CQ   sing N N 22  
4HH CL3 CM   sing N N 23  
4HH CL3 ON   doub N N 24  
4HH CQ  OR   doub N N 25  
4HH CM  OM   sing N N 26  
4HH CA  HA   sing N N 27  
4HH N   H    sing N N 28  
4HH N   H2   sing N N 29  
4HH CB  HB3  sing N N 30  
4HH CB  HB2  sing N N 31  
4HH CJ  HJ3  sing N N 32  
4HH CJ  HJ2  sing N N 33  
4HH CL1 HL13 sing N N 34  
4HH CL1 HL12 sing N N 35  
4HH CL1 HL11 sing N N 36  
4HH CL2 HL21 sing N N 37  
4HH CL2 HL23 sing N N 38  
4HH CL2 HL22 sing N N 39  
4HH CM  HL3  sing N N 40  
4HH OM  HM   sing N N 41  
4HH NN  HN   sing N N 42  
4HH O1P H4   sing N N 43  
4HH CO  HO2  sing N N 44  
4HH CO  HO3  sing N N 45  
4HH CP  HP3  sing N N 46  
4HH CP  HP2  sing N N 47  
4HH CS  HS2  sing N N 48  
4HH CS  HS3  sing N N 49  
4HH CT  HT3  sing N N 50  
4HH CT  HT2  sing N N 51  
4HH NR  HR   sing N N 52  
4HH SU  HU   sing N N 53  
4HH C   OXT  sing N N 54  
4HH OXT HXT  sing N N 55  
ALA N   CA   sing N N 56  
ALA N   H    sing N N 57  
ALA N   H2   sing N N 58  
ALA CA  C    sing N N 59  
ALA CA  CB   sing N N 60  
ALA CA  HA   sing N N 61  
ALA C   O    doub N N 62  
ALA C   OXT  sing N N 63  
ALA CB  HB1  sing N N 64  
ALA CB  HB2  sing N N 65  
ALA CB  HB3  sing N N 66  
ALA OXT HXT  sing N N 67  
ASN N   CA   sing N N 68  
ASN N   H    sing N N 69  
ASN N   H2   sing N N 70  
ASN CA  C    sing N N 71  
ASN CA  CB   sing N N 72  
ASN CA  HA   sing N N 73  
ASN C   O    doub N N 74  
ASN C   OXT  sing N N 75  
ASN CB  CG   sing N N 76  
ASN CB  HB2  sing N N 77  
ASN CB  HB3  sing N N 78  
ASN CG  OD1  doub N N 79  
ASN CG  ND2  sing N N 80  
ASN ND2 HD21 sing N N 81  
ASN ND2 HD22 sing N N 82  
ASN OXT HXT  sing N N 83  
ASP N   CA   sing N N 84  
ASP N   H    sing N N 85  
ASP N   H2   sing N N 86  
ASP CA  C    sing N N 87  
ASP CA  CB   sing N N 88  
ASP CA  HA   sing N N 89  
ASP C   O    doub N N 90  
ASP C   OXT  sing N N 91  
ASP CB  CG   sing N N 92  
ASP CB  HB2  sing N N 93  
ASP CB  HB3  sing N N 94  
ASP CG  OD1  doub N N 95  
ASP CG  OD2  sing N N 96  
ASP OD2 HD2  sing N N 97  
ASP OXT HXT  sing N N 98  
GLN N   CA   sing N N 99  
GLN N   H    sing N N 100 
GLN N   H2   sing N N 101 
GLN CA  C    sing N N 102 
GLN CA  CB   sing N N 103 
GLN CA  HA   sing N N 104 
GLN C   O    doub N N 105 
GLN C   OXT  sing N N 106 
GLN CB  CG   sing N N 107 
GLN CB  HB2  sing N N 108 
GLN CB  HB3  sing N N 109 
GLN CG  CD   sing N N 110 
GLN CG  HG2  sing N N 111 
GLN CG  HG3  sing N N 112 
GLN CD  OE1  doub N N 113 
GLN CD  NE2  sing N N 114 
GLN NE2 HE21 sing N N 115 
GLN NE2 HE22 sing N N 116 
GLN OXT HXT  sing N N 117 
GLU N   CA   sing N N 118 
GLU N   H    sing N N 119 
GLU N   H2   sing N N 120 
GLU CA  C    sing N N 121 
GLU CA  CB   sing N N 122 
GLU CA  HA   sing N N 123 
GLU C   O    doub N N 124 
GLU C   OXT  sing N N 125 
GLU CB  CG   sing N N 126 
GLU CB  HB2  sing N N 127 
GLU CB  HB3  sing N N 128 
GLU CG  CD   sing N N 129 
GLU CG  HG2  sing N N 130 
GLU CG  HG3  sing N N 131 
GLU CD  OE1  doub N N 132 
GLU CD  OE2  sing N N 133 
GLU OE2 HE2  sing N N 134 
GLU OXT HXT  sing N N 135 
GLY N   CA   sing N N 136 
GLY N   H    sing N N 137 
GLY N   H2   sing N N 138 
GLY CA  C    sing N N 139 
GLY CA  HA2  sing N N 140 
GLY CA  HA3  sing N N 141 
GLY C   O    doub N N 142 
GLY C   OXT  sing N N 143 
GLY OXT HXT  sing N N 144 
HOH O   H1   sing N N 145 
HOH O   H2   sing N N 146 
ILE N   CA   sing N N 147 
ILE N   H    sing N N 148 
ILE N   H2   sing N N 149 
ILE CA  C    sing N N 150 
ILE CA  CB   sing N N 151 
ILE CA  HA   sing N N 152 
ILE C   O    doub N N 153 
ILE C   OXT  sing N N 154 
ILE CB  CG1  sing N N 155 
ILE CB  CG2  sing N N 156 
ILE CB  HB   sing N N 157 
ILE CG1 CD1  sing N N 158 
ILE CG1 HG12 sing N N 159 
ILE CG1 HG13 sing N N 160 
ILE CG2 HG21 sing N N 161 
ILE CG2 HG22 sing N N 162 
ILE CG2 HG23 sing N N 163 
ILE CD1 HD11 sing N N 164 
ILE CD1 HD12 sing N N 165 
ILE CD1 HD13 sing N N 166 
ILE OXT HXT  sing N N 167 
LEU N   CA   sing N N 168 
LEU N   H    sing N N 169 
LEU N   H2   sing N N 170 
LEU CA  C    sing N N 171 
LEU CA  CB   sing N N 172 
LEU CA  HA   sing N N 173 
LEU C   O    doub N N 174 
LEU C   OXT  sing N N 175 
LEU CB  CG   sing N N 176 
LEU CB  HB2  sing N N 177 
LEU CB  HB3  sing N N 178 
LEU CG  CD1  sing N N 179 
LEU CG  CD2  sing N N 180 
LEU CG  HG   sing N N 181 
LEU CD1 HD11 sing N N 182 
LEU CD1 HD12 sing N N 183 
LEU CD1 HD13 sing N N 184 
LEU CD2 HD21 sing N N 185 
LEU CD2 HD22 sing N N 186 
LEU CD2 HD23 sing N N 187 
LEU OXT HXT  sing N N 188 
LYS N   CA   sing N N 189 
LYS N   H    sing N N 190 
LYS N   H2   sing N N 191 
LYS CA  C    sing N N 192 
LYS CA  CB   sing N N 193 
LYS CA  HA   sing N N 194 
LYS C   O    doub N N 195 
LYS C   OXT  sing N N 196 
LYS CB  CG   sing N N 197 
LYS CB  HB2  sing N N 198 
LYS CB  HB3  sing N N 199 
LYS CG  CD   sing N N 200 
LYS CG  HG2  sing N N 201 
LYS CG  HG3  sing N N 202 
LYS CD  CE   sing N N 203 
LYS CD  HD2  sing N N 204 
LYS CD  HD3  sing N N 205 
LYS CE  NZ   sing N N 206 
LYS CE  HE2  sing N N 207 
LYS CE  HE3  sing N N 208 
LYS NZ  HZ1  sing N N 209 
LYS NZ  HZ2  sing N N 210 
LYS NZ  HZ3  sing N N 211 
LYS OXT HXT  sing N N 212 
MET N   CA   sing N N 213 
MET N   H    sing N N 214 
MET N   H2   sing N N 215 
MET CA  C    sing N N 216 
MET CA  CB   sing N N 217 
MET CA  HA   sing N N 218 
MET C   O    doub N N 219 
MET C   OXT  sing N N 220 
MET CB  CG   sing N N 221 
MET CB  HB2  sing N N 222 
MET CB  HB3  sing N N 223 
MET CG  SD   sing N N 224 
MET CG  HG2  sing N N 225 
MET CG  HG3  sing N N 226 
MET SD  CE   sing N N 227 
MET CE  HE1  sing N N 228 
MET CE  HE2  sing N N 229 
MET CE  HE3  sing N N 230 
MET OXT HXT  sing N N 231 
PHE N   CA   sing N N 232 
PHE N   H    sing N N 233 
PHE N   H2   sing N N 234 
PHE CA  C    sing N N 235 
PHE CA  CB   sing N N 236 
PHE CA  HA   sing N N 237 
PHE C   O    doub N N 238 
PHE C   OXT  sing N N 239 
PHE CB  CG   sing N N 240 
PHE CB  HB2  sing N N 241 
PHE CB  HB3  sing N N 242 
PHE CG  CD1  doub Y N 243 
PHE CG  CD2  sing Y N 244 
PHE CD1 CE1  sing Y N 245 
PHE CD1 HD1  sing N N 246 
PHE CD2 CE2  doub Y N 247 
PHE CD2 HD2  sing N N 248 
PHE CE1 CZ   doub Y N 249 
PHE CE1 HE1  sing N N 250 
PHE CE2 CZ   sing Y N 251 
PHE CE2 HE2  sing N N 252 
PHE CZ  HZ   sing N N 253 
PHE OXT HXT  sing N N 254 
PRO N   CA   sing N N 255 
PRO N   CD   sing N N 256 
PRO N   H    sing N N 257 
PRO CA  C    sing N N 258 
PRO CA  CB   sing N N 259 
PRO CA  HA   sing N N 260 
PRO C   O    doub N N 261 
PRO C   OXT  sing N N 262 
PRO CB  CG   sing N N 263 
PRO CB  HB2  sing N N 264 
PRO CB  HB3  sing N N 265 
PRO CG  CD   sing N N 266 
PRO CG  HG2  sing N N 267 
PRO CG  HG3  sing N N 268 
PRO CD  HD2  sing N N 269 
PRO CD  HD3  sing N N 270 
PRO OXT HXT  sing N N 271 
THR N   CA   sing N N 272 
THR N   H    sing N N 273 
THR N   H2   sing N N 274 
THR CA  C    sing N N 275 
THR CA  CB   sing N N 276 
THR CA  HA   sing N N 277 
THR C   O    doub N N 278 
THR C   OXT  sing N N 279 
THR CB  OG1  sing N N 280 
THR CB  CG2  sing N N 281 
THR CB  HB   sing N N 282 
THR OG1 HG1  sing N N 283 
THR CG2 HG21 sing N N 284 
THR CG2 HG22 sing N N 285 
THR CG2 HG23 sing N N 286 
THR OXT HXT  sing N N 287 
TYR N   CA   sing N N 288 
TYR N   H    sing N N 289 
TYR N   H2   sing N N 290 
TYR CA  C    sing N N 291 
TYR CA  CB   sing N N 292 
TYR CA  HA   sing N N 293 
TYR C   O    doub N N 294 
TYR C   OXT  sing N N 295 
TYR CB  CG   sing N N 296 
TYR CB  HB2  sing N N 297 
TYR CB  HB3  sing N N 298 
TYR CG  CD1  doub Y N 299 
TYR CG  CD2  sing Y N 300 
TYR CD1 CE1  sing Y N 301 
TYR CD1 HD1  sing N N 302 
TYR CD2 CE2  doub Y N 303 
TYR CD2 HD2  sing N N 304 
TYR CE1 CZ   doub Y N 305 
TYR CE1 HE1  sing N N 306 
TYR CE2 CZ   sing Y N 307 
TYR CE2 HE2  sing N N 308 
TYR CZ  OH   sing N N 309 
TYR OH  HH   sing N N 310 
TYR OXT HXT  sing N N 311 
VAL N   CA   sing N N 312 
VAL N   H    sing N N 313 
VAL N   H2   sing N N 314 
VAL CA  C    sing N N 315 
VAL CA  CB   sing N N 316 
VAL CA  HA   sing N N 317 
VAL C   O    doub N N 318 
VAL C   OXT  sing N N 319 
VAL CB  CG1  sing N N 320 
VAL CB  CG2  sing N N 321 
VAL CB  HB   sing N N 322 
VAL CG1 HG11 sing N N 323 
VAL CG1 HG12 sing N N 324 
VAL CG1 HG13 sing N N 325 
VAL CG2 HG21 sing N N 326 
VAL CG2 HG22 sing N N 327 
VAL CG2 HG23 sing N N 328 
VAL OXT HXT  sing N N 329 
# 
loop_
_pdbx_audit_support.funding_organization 
_pdbx_audit_support.country 
_pdbx_audit_support.grant_number 
_pdbx_audit_support.ordinal 
'National Natural Science Foundation of China' China 21210003 1 
'National Natural Science Foundation of China' China 21572133 2 
'National Natural Science Foundation of China' China 91413102 3 
# 
_pdbx_entity_nonpoly.entity_id   2 
_pdbx_entity_nonpoly.name        water 
_pdbx_entity_nonpoly.comp_id     HOH 
# 
_pdbx_initial_refinement_model.id               1 
_pdbx_initial_refinement_model.entity_id_list   ? 
_pdbx_initial_refinement_model.type             'experimental model' 
_pdbx_initial_refinement_model.source_name      PDB 
_pdbx_initial_refinement_model.accession_code   1T8K 
_pdbx_initial_refinement_model.details          ? 
# 
